data_5FRR
#
_entry.id   5FRR
#
_cell.length_a   283.690
_cell.length_b   283.690
_cell.length_c   172.790
_cell.angle_alpha   90.00
_cell.angle_beta   90.00
_cell.angle_gamma   90.00
#
_symmetry.space_group_name_H-M   'I 4 2 2'
#
_entity_poly.entity_id   1
_entity_poly.type   'polypeptide(L)'
_entity_poly.pdbx_seq_one_letter_code
;GAMAKGAVTKLKFNSPIISTSDQLISTNELLDRLKALHEELASLDQDNTDLTGLDKYRDALVSRKLLKHKDVGIRAFTAC
CLSDILRLYAPDAPYTDAQLTDIFKLVLSQFEQLGDQENGYHIQQTYLITKLLEYRSIVLLADLPSSNNLLIELFHIFYD
PNKSFPARLFNVIGGILGEVISEFDSVPLEVLRLIFNKFLTYNPNEIPEGLNVTSDCGYEVSLILCDTYSNRMSRHLTKY
YSEIIHEATNDDNNSRLLTVVVKLHKLVLRLWETVPELINAVIGFIYHELSSENELFRKEATKLIGQILTSYSDLNFVST
HSDTFKAWISKIADISPDVRVEWTESIPQIIATREDISKELNQALAKTFIDSDPRVRRTSVMIFNKVPVTEIWKNITNKA
IYTSLLHLAREKHKEVRELCINTMAKFYSNSLNEIERTYQNKEIWEIIDTIPSTLYNLYYINDLNINEQVDSVIFEYLLP
FEPDNDKRVHRLLTVLSHFDKKAFTSFFAFNARQIKISFAISKYIDFSKFLNNQESMSSSQGPIVMNKYNQTLQWLASGL
SDSTKAIDALETIKQFNDERIFYLLNACVTNDIPFLTFKNCYNELVSKLQTPGLFKKYNISTGASIMPRDIAKVIQILLF
RASPIIYNVSNISVLLNLSNNSDAKQLDLKRRILDDISKVNPTLFKDQIRTLKTIIKDLDDPD
;
_entity_poly.pdbx_strand_id   A,B
#
# COMPACT_ATOMS: atom_id res chain seq x y z
N LYS A 5 55.91 -42.85 34.86
CA LYS A 5 56.75 -42.20 33.82
C LYS A 5 56.79 -43.04 32.55
N GLY A 6 56.47 -44.33 32.69
CA GLY A 6 56.47 -45.22 31.54
C GLY A 6 55.09 -45.40 30.96
N ALA A 7 54.95 -45.10 29.67
CA ALA A 7 53.66 -45.23 28.98
C ALA A 7 53.84 -45.88 27.61
N VAL A 8 52.75 -45.96 26.86
CA VAL A 8 52.77 -46.56 25.54
C VAL A 8 53.17 -45.55 24.47
N THR A 9 52.73 -44.31 24.62
CA THR A 9 53.06 -43.26 23.66
C THR A 9 54.33 -42.53 24.10
N LYS A 10 55.08 -42.04 23.12
CA LYS A 10 56.32 -41.32 23.39
C LYS A 10 56.56 -40.21 22.39
N LEU A 11 57.19 -39.13 22.84
CA LEU A 11 57.48 -37.99 21.97
C LEU A 11 58.47 -38.40 20.88
N LYS A 12 58.07 -38.21 19.63
CA LYS A 12 58.92 -38.56 18.49
C LYS A 12 59.78 -37.39 18.05
N PHE A 13 59.32 -36.18 18.34
CA PHE A 13 60.04 -34.97 17.96
C PHE A 13 61.24 -34.74 18.86
N ASN A 14 62.43 -34.64 18.25
CA ASN A 14 63.66 -34.41 18.99
C ASN A 14 64.58 -33.52 18.16
N SER A 15 64.13 -32.28 17.92
CA SER A 15 64.91 -31.31 17.14
C SER A 15 65.07 -30.01 17.92
N PRO A 16 66.19 -29.32 17.71
CA PRO A 16 66.46 -28.05 18.40
C PRO A 16 65.45 -26.96 18.05
N ILE A 17 65.13 -26.13 19.03
CA ILE A 17 64.18 -25.04 18.82
C ILE A 17 64.83 -23.69 19.12
N ILE A 18 65.88 -23.71 19.94
CA ILE A 18 66.59 -22.49 20.29
C ILE A 18 67.79 -22.27 19.38
N SER A 19 67.89 -21.08 18.81
CA SER A 19 68.98 -20.74 17.91
C SER A 19 70.08 -19.99 18.65
N THR A 20 71.27 -20.59 18.70
CA THR A 20 72.42 -19.98 19.37
C THR A 20 73.49 -19.58 18.38
N SER A 21 74.52 -18.90 18.86
CA SER A 21 75.62 -18.45 18.02
C SER A 21 76.35 -19.63 17.40
N ASP A 22 76.57 -20.67 18.20
CA ASP A 22 77.27 -21.86 17.74
C ASP A 22 76.43 -22.58 16.68
N GLN A 23 75.16 -22.82 17.01
CA GLN A 23 74.25 -23.50 16.08
C GLN A 23 72.98 -22.65 15.90
N LEU A 24 72.80 -22.12 14.71
CA LEU A 24 71.64 -21.29 14.41
C LEU A 24 70.57 -22.02 13.61
N ILE A 25 69.32 -21.57 13.77
CA ILE A 25 68.19 -22.18 13.07
C ILE A 25 67.41 -21.08 12.34
N SER A 26 67.32 -21.19 11.02
CA SER A 26 66.61 -20.21 10.22
C SER A 26 65.15 -20.08 10.66
N THR A 27 64.50 -19.01 10.23
CA THR A 27 63.11 -18.77 10.57
C THR A 27 62.19 -19.87 10.05
N ASN A 28 62.29 -20.15 8.76
CA ASN A 28 61.48 -21.18 8.13
C ASN A 28 61.64 -22.53 8.81
N GLU A 29 62.89 -22.99 8.92
CA GLU A 29 63.17 -24.27 9.56
C GLU A 29 62.56 -24.33 10.95
N LEU A 30 62.81 -23.29 11.75
CA LEU A 30 62.27 -23.22 13.09
C LEU A 30 60.75 -23.22 13.07
N LEU A 31 60.18 -22.56 12.06
CA LEU A 31 58.74 -22.48 11.91
C LEU A 31 58.17 -23.87 11.62
N ASP A 32 58.81 -24.60 10.72
CA ASP A 32 58.37 -25.95 10.36
C ASP A 32 58.52 -26.89 11.55
N ARG A 33 59.63 -26.75 12.27
CA ARG A 33 59.89 -27.59 13.43
C ARG A 33 58.82 -27.38 14.50
N LEU A 34 58.51 -26.12 14.78
CA LEU A 34 57.50 -25.78 15.77
C LEU A 34 56.15 -26.33 15.32
N LYS A 35 55.96 -26.40 14.01
CA LYS A 35 54.73 -26.91 13.43
C LYS A 35 54.58 -28.40 13.76
N ALA A 36 55.66 -29.14 13.55
CA ALA A 36 55.68 -30.57 13.83
C ALA A 36 55.46 -30.82 15.32
N LEU A 37 56.18 -30.08 16.15
CA LEU A 37 56.07 -30.21 17.59
C LEU A 37 54.63 -29.95 18.02
N HIS A 38 54.03 -28.91 17.44
CA HIS A 38 52.65 -28.54 17.74
C HIS A 38 51.68 -29.66 17.37
N GLU A 39 51.75 -30.10 16.12
CA GLU A 39 50.87 -31.16 15.63
C GLU A 39 50.98 -32.44 16.44
N GLU A 40 52.16 -32.72 16.96
CA GLU A 40 52.38 -33.93 17.75
C GLU A 40 51.91 -33.77 19.19
N LEU A 41 52.31 -32.67 19.83
CA LEU A 41 51.92 -32.42 21.22
C LEU A 41 50.40 -32.37 21.35
N ALA A 42 49.72 -32.16 20.22
CA ALA A 42 48.27 -32.09 20.20
C ALA A 42 47.64 -33.48 20.18
N SER A 43 48.33 -34.43 19.57
CA SER A 43 47.86 -35.81 19.48
C SER A 43 48.16 -36.60 20.75
N LEU A 44 49.19 -36.17 21.48
CA LEU A 44 49.58 -36.84 22.71
C LEU A 44 48.42 -36.93 23.69
N ASP A 45 48.32 -38.05 24.40
CA ASP A 45 47.27 -38.26 25.37
C ASP A 45 47.74 -37.87 26.76
N GLN A 46 46.88 -37.16 27.49
CA GLN A 46 47.20 -36.71 28.85
C GLN A 46 47.70 -37.84 29.74
N ASP A 47 46.88 -38.88 29.90
CA ASP A 47 47.22 -40.00 30.74
C ASP A 47 48.37 -40.86 30.19
N ASN A 48 48.06 -41.69 29.20
CA ASN A 48 49.07 -42.56 28.60
C ASN A 48 50.10 -41.82 27.75
N THR A 49 51.17 -41.37 28.40
CA THR A 49 52.26 -40.67 27.73
C THR A 49 53.48 -40.55 28.63
N ASP A 50 54.65 -40.76 28.05
CA ASP A 50 55.91 -40.68 28.78
C ASP A 50 56.01 -39.38 29.57
N LEU A 51 55.98 -38.26 28.85
CA LEU A 51 56.05 -36.94 29.48
C LEU A 51 57.43 -36.65 30.07
N THR A 52 58.19 -37.70 30.33
CA THR A 52 59.52 -37.56 30.91
C THR A 52 60.49 -36.91 29.92
N GLY A 53 60.57 -37.48 28.71
CA GLY A 53 61.45 -36.94 27.70
C GLY A 53 60.80 -35.79 26.95
N LEU A 54 60.19 -34.88 27.68
CA LEU A 54 59.53 -33.72 27.10
C LEU A 54 60.00 -32.45 27.79
N ASP A 55 60.51 -32.61 29.01
CA ASP A 55 61.00 -31.47 29.80
C ASP A 55 61.96 -30.60 28.99
N LYS A 56 62.69 -31.22 28.07
CA LYS A 56 63.64 -30.52 27.22
C LYS A 56 62.98 -29.33 26.52
N TYR A 57 61.75 -29.52 26.06
CA TYR A 57 61.01 -28.47 25.37
C TYR A 57 60.21 -27.61 26.34
N ARG A 58 60.07 -28.10 27.57
CA ARG A 58 59.35 -27.36 28.60
C ARG A 58 60.14 -26.13 29.00
N ASP A 59 61.46 -26.26 29.03
CA ASP A 59 62.34 -25.17 29.40
C ASP A 59 62.78 -24.36 28.18
N ALA A 60 62.40 -24.85 27.00
CA ALA A 60 62.77 -24.17 25.76
C ALA A 60 61.63 -23.31 25.22
N LEU A 61 60.40 -23.79 25.40
CA LEU A 61 59.22 -23.06 24.93
C LEU A 61 58.90 -21.86 25.81
N VAL A 62 59.86 -21.43 26.62
CA VAL A 62 59.68 -20.30 27.51
C VAL A 62 60.73 -19.22 27.27
N SER A 63 61.69 -19.51 26.39
CA SER A 63 62.75 -18.56 26.09
C SER A 63 62.15 -17.26 25.53
N ARG A 64 62.47 -16.16 26.17
CA ARG A 64 61.98 -14.85 25.75
C ARG A 64 62.25 -14.61 24.27
N LYS A 65 63.21 -15.34 23.73
CA LYS A 65 63.59 -15.20 22.32
C LYS A 65 62.48 -15.74 21.40
N LEU A 66 61.63 -16.60 21.96
CA LEU A 66 60.53 -17.17 21.19
C LEU A 66 59.21 -16.48 21.48
N LEU A 67 58.96 -16.18 22.76
CA LEU A 67 57.74 -15.51 23.16
C LEU A 67 57.54 -14.19 22.41
N LYS A 68 58.60 -13.40 22.33
CA LYS A 68 58.55 -12.13 21.63
C LYS A 68 59.31 -12.17 20.32
N HIS A 69 59.11 -13.26 19.56
CA HIS A 69 59.78 -13.43 18.28
C HIS A 69 59.04 -12.61 17.22
N LYS A 70 59.80 -11.97 16.34
CA LYS A 70 59.22 -11.15 15.27
C LYS A 70 58.14 -11.90 14.49
N ASP A 71 58.54 -12.95 13.79
CA ASP A 71 57.62 -13.75 12.99
C ASP A 71 56.45 -14.23 13.84
N VAL A 72 55.24 -13.81 13.48
CA VAL A 72 54.03 -14.18 14.20
C VAL A 72 53.84 -15.70 14.25
N GLY A 73 54.26 -16.39 13.20
CA GLY A 73 54.12 -17.83 13.14
C GLY A 73 54.73 -18.52 14.35
N ILE A 74 56.00 -18.24 14.61
CA ILE A 74 56.70 -18.84 15.74
C ILE A 74 55.91 -18.65 17.03
N ARG A 75 55.52 -17.41 17.30
CA ARG A 75 54.76 -17.09 18.51
C ARG A 75 53.44 -17.84 18.52
N ALA A 76 52.83 -18.00 17.35
CA ALA A 76 51.57 -18.70 17.22
C ALA A 76 51.73 -20.17 17.61
N PHE A 77 52.67 -20.85 16.96
CA PHE A 77 52.93 -22.26 17.24
C PHE A 77 53.42 -22.45 18.68
N THR A 78 54.29 -21.55 19.13
CA THR A 78 54.82 -21.62 20.49
C THR A 78 53.68 -21.57 21.50
N ALA A 79 52.71 -20.71 21.23
CA ALA A 79 51.56 -20.57 22.11
C ALA A 79 50.74 -21.85 22.10
N CYS A 80 50.62 -22.46 20.92
CA CYS A 80 49.88 -23.71 20.77
C CYS A 80 50.61 -24.84 21.47
N CYS A 81 51.93 -24.80 21.45
CA CYS A 81 52.74 -25.83 22.09
C CYS A 81 52.63 -25.69 23.60
N LEU A 82 52.67 -24.46 24.08
CA LEU A 82 52.57 -24.18 25.51
C LEU A 82 51.20 -24.55 26.05
N SER A 83 50.16 -24.34 25.25
CA SER A 83 48.81 -24.66 25.66
C SER A 83 48.69 -26.15 25.95
N ASP A 84 49.42 -26.95 25.20
CA ASP A 84 49.40 -28.40 25.38
C ASP A 84 50.30 -28.81 26.54
N ILE A 85 51.39 -28.06 26.74
CA ILE A 85 52.32 -28.35 27.82
C ILE A 85 51.58 -28.22 29.16
N LEU A 86 50.85 -27.12 29.32
CA LEU A 86 50.09 -26.89 30.54
C LEU A 86 49.05 -27.99 30.68
N ARG A 87 48.54 -28.46 29.55
CA ARG A 87 47.54 -29.52 29.51
C ARG A 87 48.11 -30.82 30.08
N LEU A 88 49.15 -31.33 29.43
CA LEU A 88 49.79 -32.57 29.84
C LEU A 88 50.28 -32.56 31.28
N TYR A 89 51.27 -31.71 31.56
CA TYR A 89 51.84 -31.62 32.89
C TYR A 89 50.81 -31.38 34.00
N ALA A 90 49.73 -30.70 33.67
CA ALA A 90 48.68 -30.41 34.64
C ALA A 90 48.30 -31.69 35.39
N PRO A 91 47.92 -31.56 36.66
CA PRO A 91 47.81 -30.31 37.43
C PRO A 91 49.14 -29.90 38.06
N ASP A 92 50.18 -30.68 37.80
CA ASP A 92 51.50 -30.40 38.35
C ASP A 92 51.92 -28.94 38.20
N ALA A 93 51.45 -28.29 37.15
CA ALA A 93 51.79 -26.89 36.89
C ALA A 93 53.31 -26.74 36.91
N PRO A 94 53.97 -27.11 35.80
CA PRO A 94 55.42 -27.03 35.67
C PRO A 94 55.99 -25.61 35.76
N TYR A 95 55.48 -24.72 34.91
CA TYR A 95 55.93 -23.34 34.89
C TYR A 95 55.58 -22.59 36.16
N THR A 96 56.44 -21.67 36.56
CA THR A 96 56.22 -20.86 37.76
C THR A 96 55.33 -19.67 37.43
N ASP A 97 54.86 -18.98 38.46
CA ASP A 97 54.01 -17.82 38.29
C ASP A 97 54.63 -16.82 37.31
N ALA A 98 55.92 -16.57 37.47
CA ALA A 98 56.63 -15.64 36.60
C ALA A 98 56.53 -16.07 35.14
N GLN A 99 57.07 -17.26 34.85
CA GLN A 99 57.05 -17.79 33.49
C GLN A 99 55.62 -17.95 32.98
N LEU A 100 54.70 -18.25 33.89
CA LEU A 100 53.30 -18.44 33.55
C LEU A 100 52.67 -17.15 33.03
N THR A 101 52.98 -16.04 33.67
CA THR A 101 52.43 -14.75 33.27
C THR A 101 52.95 -14.36 31.88
N ASP A 102 54.22 -14.63 31.63
CA ASP A 102 54.82 -14.31 30.34
C ASP A 102 54.14 -15.11 29.23
N ILE A 103 53.63 -16.28 29.59
CA ILE A 103 52.94 -17.14 28.64
C ILE A 103 51.52 -16.65 28.43
N PHE A 104 50.84 -16.35 29.54
CA PHE A 104 49.47 -15.86 29.48
C PHE A 104 49.40 -14.46 28.89
N LYS A 105 50.54 -13.77 28.85
CA LYS A 105 50.60 -12.43 28.30
C LYS A 105 50.85 -12.54 26.80
N LEU A 106 51.29 -13.72 26.38
CA LEU A 106 51.58 -14.00 24.98
C LEU A 106 50.30 -14.53 24.34
N VAL A 107 49.57 -15.37 25.08
CA VAL A 107 48.33 -15.94 24.58
C VAL A 107 47.31 -14.83 24.36
N LEU A 108 47.34 -13.81 25.21
CA LEU A 108 46.41 -12.68 25.09
C LEU A 108 46.72 -11.96 23.79
N SER A 109 48.00 -11.90 23.44
CA SER A 109 48.44 -11.24 22.21
C SER A 109 47.86 -12.00 21.03
N GLN A 110 47.73 -13.32 21.18
CA GLN A 110 47.18 -14.18 20.14
C GLN A 110 45.70 -13.87 19.96
N PHE A 111 44.99 -13.76 21.08
CA PHE A 111 43.56 -13.45 21.04
C PHE A 111 43.37 -12.08 20.41
N GLU A 112 44.30 -11.17 20.70
CA GLU A 112 44.24 -9.81 20.17
C GLU A 112 44.43 -9.84 18.66
N GLN A 113 45.33 -10.70 18.19
CA GLN A 113 45.59 -10.83 16.76
C GLN A 113 44.46 -11.58 16.09
N LEU A 114 43.78 -12.42 16.87
CA LEU A 114 42.67 -13.21 16.36
C LEU A 114 41.53 -12.30 15.90
N GLY A 115 41.49 -11.10 16.45
CA GLY A 115 40.45 -10.15 16.08
C GLY A 115 40.84 -9.34 14.86
N ASP A 116 42.14 -9.14 14.67
CA ASP A 116 42.64 -8.37 13.54
C ASP A 116 42.57 -9.23 12.27
N GLN A 117 42.96 -8.64 11.14
CA GLN A 117 42.95 -9.35 9.87
C GLN A 117 43.80 -10.62 9.97
N GLU A 118 43.46 -11.61 9.14
CA GLU A 118 44.18 -12.88 9.15
C GLU A 118 45.66 -12.72 8.82
N ASN A 119 46.51 -13.19 9.74
CA ASN A 119 47.95 -13.13 9.56
C ASN A 119 48.40 -14.46 8.96
N GLY A 120 47.43 -15.28 8.57
CA GLY A 120 47.74 -16.57 7.99
C GLY A 120 47.98 -17.62 9.06
N TYR A 121 47.52 -17.35 10.28
CA TYR A 121 47.71 -18.29 11.38
C TYR A 121 46.52 -18.35 12.33
N HIS A 122 45.34 -17.94 11.86
CA HIS A 122 44.16 -17.98 12.71
C HIS A 122 43.84 -19.40 13.14
N ILE A 123 44.16 -20.36 12.28
CA ILE A 123 43.91 -21.77 12.57
C ILE A 123 44.56 -22.13 13.90
N GLN A 124 45.84 -21.79 14.04
CA GLN A 124 46.59 -22.08 15.26
C GLN A 124 46.01 -21.29 16.44
N GLN A 125 45.66 -20.04 16.19
CA GLN A 125 45.08 -19.19 17.24
C GLN A 125 43.72 -19.74 17.66
N THR A 126 42.95 -20.23 16.69
CA THR A 126 41.64 -20.80 16.97
C THR A 126 41.84 -22.04 17.85
N TYR A 127 42.81 -22.85 17.47
CA TYR A 127 43.12 -24.07 18.21
C TYR A 127 43.51 -23.70 19.64
N LEU A 128 44.22 -22.58 19.77
CA LEU A 128 44.67 -22.10 21.06
C LEU A 128 43.49 -21.82 22.00
N ILE A 129 42.68 -20.83 21.63
CA ILE A 129 41.52 -20.46 22.44
C ILE A 129 40.58 -21.63 22.72
N THR A 130 40.37 -22.48 21.73
CA THR A 130 39.49 -23.63 21.88
C THR A 130 40.03 -24.65 22.87
N LYS A 131 41.27 -25.09 22.65
CA LYS A 131 41.89 -26.07 23.53
C LYS A 131 42.11 -25.55 24.95
N LEU A 132 42.44 -24.26 25.05
CA LEU A 132 42.65 -23.65 26.36
C LEU A 132 41.38 -23.68 27.20
N LEU A 133 40.24 -23.79 26.52
CA LEU A 133 38.94 -23.82 27.19
C LEU A 133 38.51 -25.26 27.44
N GLU A 134 38.72 -26.12 26.45
CA GLU A 134 38.35 -27.53 26.56
C GLU A 134 39.09 -28.23 27.69
N TYR A 135 40.37 -27.90 27.84
CA TYR A 135 41.19 -28.49 28.88
C TYR A 135 41.24 -27.64 30.14
N ARG A 136 40.51 -26.53 30.13
CA ARG A 136 40.46 -25.62 31.26
C ARG A 136 41.85 -25.21 31.74
N SER A 137 42.75 -24.97 30.79
CA SER A 137 44.11 -24.56 31.12
C SER A 137 44.23 -23.05 31.15
N ILE A 138 43.12 -22.37 30.85
CA ILE A 138 43.08 -20.92 30.83
C ILE A 138 42.86 -20.36 32.24
N VAL A 139 42.25 -21.16 33.10
CA VAL A 139 41.97 -20.75 34.47
C VAL A 139 43.24 -20.51 35.27
N LEU A 140 44.35 -21.06 34.79
CA LEU A 140 45.63 -20.91 35.47
C LEU A 140 46.02 -19.44 35.55
N LEU A 141 45.43 -18.63 34.69
CA LEU A 141 45.70 -17.19 34.66
C LEU A 141 45.02 -16.49 35.82
N ALA A 142 43.99 -17.13 36.36
CA ALA A 142 43.23 -16.56 37.48
C ALA A 142 44.02 -16.53 38.78
N ASP A 143 44.92 -17.50 38.97
CA ASP A 143 45.72 -17.56 40.18
C ASP A 143 47.13 -17.04 39.96
N LEU A 144 47.26 -15.73 39.75
CA LEU A 144 48.54 -15.10 39.53
C LEU A 144 48.59 -13.74 40.22
N PRO A 145 49.80 -13.25 40.54
CA PRO A 145 49.97 -11.96 41.22
C PRO A 145 49.51 -10.78 40.37
N SER A 146 49.19 -11.05 39.10
CA SER A 146 48.74 -10.02 38.19
C SER A 146 47.48 -10.47 37.45
N SER A 147 46.72 -11.36 38.07
CA SER A 147 45.48 -11.87 37.49
C SER A 147 44.48 -10.75 37.23
N ASN A 148 44.41 -9.79 38.14
CA ASN A 148 43.49 -8.67 38.01
C ASN A 148 43.72 -7.93 36.70
N ASN A 149 44.98 -7.58 36.44
CA ASN A 149 45.34 -6.86 35.23
C ASN A 149 45.11 -7.74 34.00
N LEU A 150 45.54 -8.99 34.08
CA LEU A 150 45.37 -9.93 32.98
C LEU A 150 43.89 -10.13 32.66
N LEU A 151 43.06 -10.02 33.70
CA LEU A 151 41.61 -10.18 33.55
C LEU A 151 41.04 -9.02 32.75
N ILE A 152 41.38 -7.80 33.18
CA ILE A 152 40.90 -6.59 32.52
C ILE A 152 41.35 -6.57 31.06
N GLU A 153 42.60 -6.95 30.82
CA GLU A 153 43.14 -6.98 29.47
C GLU A 153 42.42 -8.03 28.63
N LEU A 154 42.18 -9.19 29.21
CA LEU A 154 41.50 -10.28 28.52
C LEU A 154 40.15 -9.84 27.98
N PHE A 155 39.38 -9.13 28.81
CA PHE A 155 38.06 -8.64 28.41
C PHE A 155 38.15 -7.53 27.38
N HIS A 156 39.09 -6.60 27.57
CA HIS A 156 39.27 -5.49 26.64
C HIS A 156 39.59 -5.98 25.23
N ILE A 157 40.22 -7.15 25.14
CA ILE A 157 40.59 -7.71 23.86
C ILE A 157 39.35 -8.11 23.05
N PHE A 158 38.44 -8.82 23.68
CA PHE A 158 37.22 -9.27 23.02
C PHE A 158 36.19 -8.15 22.86
N TYR A 159 36.02 -7.36 23.93
CA TYR A 159 35.06 -6.26 23.90
C TYR A 159 35.60 -5.05 23.12
N ASP A 160 36.75 -5.22 22.49
CA ASP A 160 37.36 -4.15 21.71
C ASP A 160 36.61 -3.95 20.39
N PRO A 161 35.95 -2.79 20.24
CA PRO A 161 35.20 -2.46 19.03
C PRO A 161 36.00 -2.58 17.74
N ASN A 162 37.26 -2.14 17.79
CA ASN A 162 38.15 -2.20 16.64
C ASN A 162 38.46 -3.63 16.22
N LYS A 163 37.97 -4.59 17.00
CA LYS A 163 38.21 -6.00 16.70
C LYS A 163 36.99 -6.64 16.05
N SER A 164 37.22 -7.69 15.28
CA SER A 164 36.13 -8.39 14.60
C SER A 164 36.32 -9.91 14.67
N PHE A 165 35.73 -10.52 15.68
CA PHE A 165 35.82 -11.97 15.86
C PHE A 165 34.65 -12.67 15.17
N PRO A 166 34.89 -13.89 14.66
CA PRO A 166 33.85 -14.66 13.98
C PRO A 166 32.76 -15.16 14.94
N ALA A 167 31.52 -15.22 14.46
CA ALA A 167 30.41 -15.67 15.27
C ALA A 167 30.59 -17.11 15.72
N ARG A 168 31.63 -17.77 15.21
CA ARG A 168 31.92 -19.15 15.56
C ARG A 168 32.56 -19.27 16.94
N LEU A 169 33.41 -18.31 17.29
CA LEU A 169 34.10 -18.32 18.57
C LEU A 169 33.30 -17.65 19.69
N PHE A 170 32.15 -17.08 19.35
CA PHE A 170 31.31 -16.41 20.35
C PHE A 170 31.04 -17.30 21.55
N ASN A 171 30.68 -18.54 21.30
CA ASN A 171 30.40 -19.49 22.38
C ASN A 171 31.68 -19.84 23.13
N VAL A 172 32.80 -19.81 22.41
CA VAL A 172 34.10 -20.12 23.01
C VAL A 172 34.57 -18.97 23.88
N ILE A 173 34.44 -17.75 23.36
CA ILE A 173 34.85 -16.55 24.08
C ILE A 173 34.06 -16.45 25.38
N GLY A 174 32.78 -16.80 25.32
CA GLY A 174 31.95 -16.75 26.51
C GLY A 174 32.43 -17.75 27.54
N GLY A 175 33.03 -18.83 27.06
CA GLY A 175 33.53 -19.86 27.96
C GLY A 175 34.83 -19.42 28.62
N ILE A 176 35.72 -18.84 27.83
CA ILE A 176 37.00 -18.36 28.33
C ILE A 176 36.76 -17.32 29.42
N LEU A 177 36.13 -16.22 29.05
CA LEU A 177 35.83 -15.15 29.99
C LEU A 177 34.95 -15.65 31.12
N GLY A 178 34.22 -16.73 30.86
CA GLY A 178 33.34 -17.29 31.87
C GLY A 178 34.08 -18.05 32.95
N GLU A 179 34.95 -18.97 32.55
CA GLU A 179 35.71 -19.76 33.51
C GLU A 179 36.75 -18.92 34.25
N VAL A 180 37.40 -18.02 33.53
CA VAL A 180 38.42 -17.15 34.12
C VAL A 180 37.85 -16.26 35.22
N ILE A 181 36.62 -15.78 35.02
CA ILE A 181 35.97 -14.91 36.00
C ILE A 181 35.37 -15.72 37.15
N SER A 182 35.01 -16.97 36.86
CA SER A 182 34.41 -17.84 37.87
C SER A 182 35.42 -18.20 38.95
N GLU A 183 36.68 -17.82 38.72
CA GLU A 183 37.74 -18.11 39.68
C GLU A 183 38.01 -16.88 40.56
N PHE A 184 37.41 -15.76 40.20
CA PHE A 184 37.58 -14.52 40.96
C PHE A 184 36.45 -14.29 41.95
N ASP A 185 36.77 -13.63 43.05
CA ASP A 185 35.80 -13.31 44.09
C ASP A 185 35.47 -11.83 44.07
N SER A 186 36.44 -11.03 43.66
CA SER A 186 36.27 -9.58 43.59
C SER A 186 36.81 -9.04 42.26
N VAL A 187 36.00 -9.18 41.20
CA VAL A 187 36.40 -8.71 39.88
C VAL A 187 36.42 -7.18 39.81
N PRO A 188 37.49 -6.61 39.23
CA PRO A 188 37.63 -5.15 39.11
C PRO A 188 36.39 -4.49 38.51
N LEU A 189 36.02 -3.34 39.07
CA LEU A 189 34.84 -2.61 38.61
C LEU A 189 34.98 -2.24 37.13
N GLU A 190 36.23 -2.07 36.68
CA GLU A 190 36.50 -1.72 35.30
C GLU A 190 35.98 -2.81 34.37
N VAL A 191 36.15 -4.05 34.79
CA VAL A 191 35.70 -5.19 34.00
C VAL A 191 34.17 -5.25 33.96
N LEU A 192 33.54 -4.98 35.10
CA LEU A 192 32.08 -5.00 35.19
C LEU A 192 31.45 -4.02 34.21
N ARG A 193 31.96 -2.79 34.19
CA ARG A 193 31.42 -1.76 33.28
C ARG A 193 31.39 -2.29 31.86
N LEU A 194 32.56 -2.72 31.38
CA LEU A 194 32.70 -3.24 30.03
C LEU A 194 31.68 -4.31 29.69
N ILE A 195 31.37 -5.16 30.67
CA ILE A 195 30.41 -6.24 30.46
C ILE A 195 28.95 -5.79 30.47
N PHE A 196 28.62 -4.88 31.37
CA PHE A 196 27.26 -4.38 31.49
C PHE A 196 26.90 -3.26 30.53
N ASN A 197 27.87 -2.39 30.24
CA ASN A 197 27.63 -1.28 29.33
C ASN A 197 27.12 -1.72 27.96
N LYS A 198 27.42 -2.96 27.58
CA LYS A 198 26.98 -3.49 26.30
C LYS A 198 25.46 -3.51 26.19
N PHE A 199 24.79 -3.69 27.32
CA PHE A 199 23.33 -3.73 27.35
C PHE A 199 22.76 -2.33 27.11
N LEU A 200 23.61 -1.32 27.23
CA LEU A 200 23.20 0.06 27.03
C LEU A 200 23.69 0.59 25.69
N THR A 201 24.93 0.26 25.34
CA THR A 201 25.53 0.70 24.10
C THR A 201 24.95 -0.05 22.90
N TYR A 202 24.55 -1.30 23.13
CA TYR A 202 23.98 -2.12 22.07
C TYR A 202 22.54 -2.50 22.36
N ASN A 203 21.63 -2.05 21.51
CA ASN A 203 20.21 -2.34 21.66
C ASN A 203 19.63 -2.74 20.30
N PRO A 204 19.23 -4.01 20.15
CA PRO A 204 18.65 -4.51 18.90
C PRO A 204 17.34 -3.83 18.53
N ASN A 205 16.71 -4.31 17.45
CA ASN A 205 15.46 -3.76 16.96
C ASN A 205 15.42 -2.24 16.97
N GLU A 206 16.59 -1.63 16.81
CA GLU A 206 16.69 -0.17 16.80
C GLU A 206 16.59 0.37 15.39
N ILE A 207 17.22 -0.34 14.44
CA ILE A 207 17.21 0.08 13.05
C ILE A 207 16.53 -0.97 12.18
N PRO A 208 15.30 -0.68 11.71
CA PRO A 208 14.55 -1.60 10.85
C PRO A 208 15.18 -1.73 9.46
N GLU A 209 15.94 -2.79 9.26
CA GLU A 209 16.60 -3.01 7.97
C GLU A 209 16.18 -4.33 7.33
N GLY A 210 17.10 -4.93 6.57
CA GLY A 210 16.81 -6.17 5.89
C GLY A 210 16.96 -7.45 6.70
N LEU A 211 18.17 -7.74 7.14
CA LEU A 211 18.42 -8.96 7.91
C LEU A 211 18.90 -8.73 9.33
N ASN A 212 19.56 -7.59 9.58
CA ASN A 212 20.08 -7.29 10.91
C ASN A 212 21.07 -8.36 11.33
N VAL A 213 21.73 -8.96 10.34
CA VAL A 213 22.72 -10.02 10.60
C VAL A 213 24.03 -9.44 11.11
N THR A 214 24.06 -8.12 11.32
CA THR A 214 25.25 -7.45 11.81
C THR A 214 25.82 -8.17 13.04
N SER A 215 24.99 -8.28 14.08
CA SER A 215 25.39 -8.93 15.32
C SER A 215 26.58 -8.24 15.98
N ASP A 216 26.84 -8.61 17.24
CA ASP A 216 27.96 -8.04 17.99
C ASP A 216 28.52 -9.06 18.97
N CYS A 217 29.84 -9.05 19.12
CA CYS A 217 30.52 -9.98 20.02
C CYS A 217 30.29 -9.60 21.48
N GLY A 218 30.70 -8.38 21.84
CA GLY A 218 30.54 -7.91 23.20
C GLY A 218 29.19 -8.19 23.81
N TYR A 219 28.13 -7.96 23.04
CA TYR A 219 26.78 -8.20 23.52
C TYR A 219 26.51 -9.68 23.78
N GLU A 220 26.66 -10.49 22.75
CA GLU A 220 26.43 -11.92 22.87
C GLU A 220 27.22 -12.51 24.05
N VAL A 221 28.46 -12.06 24.21
CA VAL A 221 29.31 -12.53 25.29
C VAL A 221 28.66 -12.19 26.63
N SER A 222 28.23 -10.94 26.77
CA SER A 222 27.59 -10.48 28.00
C SER A 222 26.40 -11.39 28.35
N LEU A 223 25.65 -11.78 27.32
CA LEU A 223 24.50 -12.64 27.51
C LEU A 223 24.92 -14.02 28.02
N ILE A 224 25.97 -14.56 27.42
CA ILE A 224 26.48 -15.88 27.80
C ILE A 224 26.88 -15.90 29.28
N LEU A 225 27.56 -14.85 29.73
CA LEU A 225 28.00 -14.76 31.12
C LEU A 225 26.84 -14.48 32.06
N CYS A 226 25.86 -13.72 31.58
CA CYS A 226 24.69 -13.37 32.39
C CYS A 226 23.62 -14.46 32.34
N ASP A 227 23.83 -15.46 31.49
CA ASP A 227 22.86 -16.55 31.35
C ASP A 227 23.46 -17.88 31.81
N THR A 228 24.59 -18.25 31.23
CA THR A 228 25.26 -19.50 31.58
C THR A 228 25.97 -19.40 32.93
N TYR A 229 26.49 -18.20 33.23
CA TYR A 229 27.19 -17.98 34.49
C TYR A 229 26.46 -16.95 35.34
N SER A 230 25.14 -17.00 35.32
CA SER A 230 24.32 -16.06 36.09
C SER A 230 24.50 -16.24 37.59
N ASN A 231 24.68 -17.49 38.02
CA ASN A 231 24.86 -17.79 39.44
C ASN A 231 26.08 -17.10 40.04
N ARG A 232 27.09 -16.85 39.21
CA ARG A 232 28.31 -16.20 39.68
C ARG A 232 28.37 -14.72 39.31
N MET A 233 27.58 -14.33 38.31
CA MET A 233 27.54 -12.93 37.88
C MET A 233 26.60 -12.11 38.74
N SER A 234 25.56 -12.75 39.25
CA SER A 234 24.58 -12.07 40.11
C SER A 234 25.29 -11.44 41.30
N ARG A 235 26.26 -12.17 41.85
CA ARG A 235 27.02 -11.69 43.00
C ARG A 235 27.81 -10.43 42.63
N HIS A 236 28.26 -10.37 41.38
CA HIS A 236 29.03 -9.24 40.90
C HIS A 236 28.11 -8.09 40.47
N LEU A 237 26.94 -8.45 39.96
CA LEU A 237 25.96 -7.46 39.51
C LEU A 237 25.59 -6.56 40.69
N THR A 238 25.43 -7.17 41.86
CA THR A 238 25.08 -6.43 43.07
C THR A 238 26.22 -5.48 43.41
N LYS A 239 27.45 -5.95 43.20
CA LYS A 239 28.63 -5.15 43.48
C LYS A 239 28.70 -3.97 42.52
N TYR A 240 28.45 -4.25 41.24
CA TYR A 240 28.49 -3.21 40.21
C TYR A 240 27.53 -2.08 40.54
N TYR A 241 26.24 -2.43 40.64
CA TYR A 241 25.21 -1.44 40.95
C TYR A 241 25.56 -0.67 42.22
N SER A 242 26.04 -1.37 43.23
CA SER A 242 26.41 -0.75 44.49
C SER A 242 27.64 0.14 44.34
N GLU A 243 28.65 -0.35 43.63
CA GLU A 243 29.88 0.40 43.41
C GLU A 243 29.62 1.67 42.62
N ILE A 244 28.85 1.55 41.54
CA ILE A 244 28.52 2.69 40.69
C ILE A 244 27.90 3.82 41.50
N ILE A 245 26.79 3.53 42.18
CA ILE A 245 26.11 4.52 43.00
C ILE A 245 27.09 5.14 43.98
N HIS A 246 27.89 4.28 44.62
CA HIS A 246 28.88 4.71 45.58
C HIS A 246 29.86 5.72 44.97
N GLU A 247 30.43 5.36 43.82
CA GLU A 247 31.39 6.21 43.13
C GLU A 247 30.78 7.54 42.72
N ALA A 248 29.54 7.50 42.23
CA ALA A 248 28.85 8.70 41.78
C ALA A 248 28.44 9.63 42.92
N THR A 249 28.12 9.04 44.08
CA THR A 249 27.69 9.83 45.23
C THR A 249 28.85 10.63 45.82
N ASN A 250 29.98 9.97 46.05
CA ASN A 250 31.16 10.64 46.60
C ASN A 250 31.79 11.56 45.59
N ASP A 251 31.41 11.40 44.33
CA ASP A 251 31.95 12.22 43.24
C ASP A 251 31.77 13.70 43.59
N ASP A 252 32.82 14.48 43.38
CA ASP A 252 32.79 15.91 43.67
C ASP A 252 31.57 16.56 43.02
N ASN A 253 31.17 16.04 41.87
CA ASN A 253 30.01 16.55 41.14
C ASN A 253 28.74 16.09 41.85
N ASN A 254 27.90 17.04 42.25
CA ASN A 254 26.66 16.72 42.95
C ASN A 254 25.50 16.43 42.00
N SER A 255 25.76 16.52 40.70
CA SER A 255 24.72 16.25 39.71
C SER A 255 25.10 15.05 38.84
N ARG A 256 25.69 14.04 39.47
CA ARG A 256 26.11 12.84 38.76
C ARG A 256 25.33 11.62 39.27
N LEU A 257 25.05 11.60 40.57
CA LEU A 257 24.32 10.51 41.19
C LEU A 257 22.98 10.24 40.51
N LEU A 258 22.25 11.30 40.20
CA LEU A 258 20.95 11.17 39.55
C LEU A 258 21.09 10.74 38.10
N THR A 259 22.21 11.10 37.48
CA THR A 259 22.46 10.76 36.08
C THR A 259 22.86 9.30 35.93
N VAL A 260 23.60 8.78 36.90
CA VAL A 260 24.06 7.40 36.87
C VAL A 260 22.97 6.42 37.29
N VAL A 261 22.15 6.82 38.27
CA VAL A 261 21.08 5.97 38.76
C VAL A 261 20.06 5.70 37.65
N VAL A 262 19.87 6.68 36.77
CA VAL A 262 18.93 6.54 35.68
C VAL A 262 19.42 5.47 34.71
N LYS A 263 20.72 5.41 34.47
CA LYS A 263 21.30 4.42 33.58
C LYS A 263 21.17 3.02 34.17
N LEU A 264 21.52 2.89 35.44
CA LEU A 264 21.43 1.60 36.12
C LEU A 264 20.03 1.04 35.99
N HIS A 265 19.03 1.90 36.12
CA HIS A 265 17.64 1.48 35.99
C HIS A 265 17.41 0.97 34.57
N LYS A 266 17.97 1.67 33.59
CA LYS A 266 17.84 1.28 32.20
C LYS A 266 18.55 -0.06 32.01
N LEU A 267 19.65 -0.24 32.73
CA LEU A 267 20.41 -1.48 32.66
C LEU A 267 19.56 -2.61 33.21
N VAL A 268 18.91 -2.36 34.34
CA VAL A 268 18.04 -3.35 34.97
C VAL A 268 16.87 -3.67 34.05
N LEU A 269 16.34 -2.64 33.41
CA LEU A 269 15.22 -2.80 32.49
C LEU A 269 15.62 -3.73 31.35
N ARG A 270 16.82 -3.51 30.82
CA ARG A 270 17.34 -4.33 29.73
C ARG A 270 17.64 -5.73 30.21
N LEU A 271 18.23 -5.83 31.40
CA LEU A 271 18.57 -7.12 31.98
C LEU A 271 17.31 -7.97 32.18
N TRP A 272 16.22 -7.31 32.57
CA TRP A 272 14.96 -8.02 32.80
C TRP A 272 14.35 -8.51 31.50
N GLU A 273 14.64 -7.80 30.40
CA GLU A 273 14.12 -8.17 29.10
C GLU A 273 14.92 -9.31 28.47
N THR A 274 16.18 -9.45 28.90
CA THR A 274 17.05 -10.48 28.38
C THR A 274 17.24 -11.61 29.40
N VAL A 275 17.74 -11.24 30.59
CA VAL A 275 17.97 -12.21 31.66
C VAL A 275 17.34 -11.73 32.97
N PRO A 276 16.00 -11.81 33.08
CA PRO A 276 15.27 -11.38 34.27
C PRO A 276 15.58 -12.23 35.51
N GLU A 277 16.61 -13.07 35.39
CA GLU A 277 17.01 -13.93 36.49
C GLU A 277 18.08 -13.26 37.36
N LEU A 278 18.66 -12.18 36.84
CA LEU A 278 19.70 -11.44 37.55
C LEU A 278 19.13 -10.21 38.24
N ILE A 279 17.92 -9.83 37.87
CA ILE A 279 17.27 -8.66 38.45
C ILE A 279 17.12 -8.83 39.96
N ASN A 280 17.08 -10.08 40.41
CA ASN A 280 16.94 -10.39 41.82
C ASN A 280 18.19 -9.97 42.59
N ALA A 281 19.27 -9.74 41.87
CA ALA A 281 20.54 -9.34 42.49
C ALA A 281 20.51 -7.89 42.96
N VAL A 282 19.78 -7.04 42.24
CA VAL A 282 19.68 -5.63 42.61
C VAL A 282 18.26 -5.20 42.90
N ILE A 283 17.35 -6.17 42.97
CA ILE A 283 15.94 -5.88 43.24
C ILE A 283 15.80 -5.30 44.64
N GLY A 284 16.73 -5.64 45.52
CA GLY A 284 16.69 -5.15 46.89
C GLY A 284 16.90 -3.65 46.95
N PHE A 285 17.92 -3.17 46.24
CA PHE A 285 18.23 -1.75 46.22
C PHE A 285 17.00 -0.93 45.81
N ILE A 286 16.41 -1.32 44.68
CA ILE A 286 15.22 -0.64 44.17
C ILE A 286 14.14 -0.58 45.24
N TYR A 287 13.87 -1.72 45.86
CA TYR A 287 12.85 -1.81 46.90
C TYR A 287 12.95 -0.67 47.91
N HIS A 288 14.18 -0.38 48.35
CA HIS A 288 14.41 0.69 49.32
C HIS A 288 14.42 2.06 48.66
N GLU A 289 14.69 2.10 47.36
CA GLU A 289 14.72 3.36 46.62
C GLU A 289 13.33 4.00 46.65
N LEU A 290 12.30 3.18 46.51
CA LEU A 290 10.93 3.65 46.52
C LEU A 290 10.62 4.43 47.80
N SER A 291 11.07 3.90 48.93
CA SER A 291 10.84 4.53 50.22
C SER A 291 12.06 5.32 50.70
N SER A 292 12.84 5.82 49.74
CA SER A 292 14.03 6.61 50.07
C SER A 292 13.64 8.03 50.44
N GLU A 293 14.52 8.71 51.17
CA GLU A 293 14.26 10.08 51.58
C GLU A 293 14.06 11.00 50.37
N ASN A 294 15.04 11.02 49.48
CA ASN A 294 14.96 11.85 48.28
C ASN A 294 13.86 11.32 47.36
N GLU A 295 12.88 12.18 47.09
CA GLU A 295 11.75 11.81 46.24
C GLU A 295 12.17 11.50 44.81
N LEU A 296 13.15 12.24 44.30
CA LEU A 296 13.64 12.04 42.94
C LEU A 296 13.95 10.58 42.67
N PHE A 297 14.70 9.96 43.58
CA PHE A 297 15.06 8.55 43.42
C PHE A 297 13.83 7.67 43.49
N ARG A 298 12.84 8.10 44.27
CA ARG A 298 11.60 7.36 44.41
C ARG A 298 10.83 7.45 43.10
N LYS A 299 10.89 8.62 42.48
CA LYS A 299 10.20 8.87 41.22
C LYS A 299 10.82 7.99 40.13
N GLU A 300 12.14 7.95 40.07
CA GLU A 300 12.84 7.15 39.08
C GLU A 300 12.58 5.67 39.32
N ALA A 301 12.64 5.27 40.59
CA ALA A 301 12.40 3.87 40.95
C ALA A 301 11.00 3.46 40.54
N THR A 302 10.03 4.36 40.75
CA THR A 302 8.65 4.09 40.40
C THR A 302 8.51 3.98 38.88
N LYS A 303 9.21 4.86 38.17
CA LYS A 303 9.18 4.86 36.70
C LYS A 303 9.81 3.58 36.17
N LEU A 304 10.87 3.14 36.82
CA LEU A 304 11.58 1.93 36.43
C LEU A 304 10.64 0.73 36.46
N ILE A 305 10.09 0.44 37.63
CA ILE A 305 9.17 -0.68 37.81
C ILE A 305 8.00 -0.54 36.85
N GLY A 306 7.63 0.70 36.53
CA GLY A 306 6.53 0.94 35.63
C GLY A 306 6.86 0.51 34.21
N GLN A 307 8.13 0.60 33.86
CA GLN A 307 8.59 0.23 32.53
C GLN A 307 8.75 -1.28 32.42
N ILE A 308 9.11 -1.91 33.54
CA ILE A 308 9.31 -3.35 33.59
C ILE A 308 7.98 -4.09 33.42
N LEU A 309 6.92 -3.50 33.97
CA LEU A 309 5.59 -4.11 33.89
C LEU A 309 4.97 -3.95 32.51
N THR A 310 5.75 -3.46 31.56
CA THR A 310 5.27 -3.25 30.20
C THR A 310 6.24 -3.83 29.16
N SER A 311 7.22 -4.58 29.63
CA SER A 311 8.21 -5.18 28.74
C SER A 311 8.07 -6.70 28.71
N TYR A 312 8.26 -7.29 27.53
CA TYR A 312 8.16 -8.73 27.36
C TYR A 312 9.22 -9.43 28.19
N SER A 313 8.83 -10.53 28.85
CA SER A 313 9.76 -11.29 29.67
C SER A 313 9.25 -12.71 29.89
N ASP A 314 10.15 -13.68 29.75
CA ASP A 314 9.80 -15.08 29.94
C ASP A 314 9.37 -15.32 31.38
N LEU A 315 9.75 -14.41 32.26
CA LEU A 315 9.40 -14.51 33.68
C LEU A 315 8.39 -13.44 34.05
N ASN A 316 7.67 -13.67 35.15
CA ASN A 316 6.66 -12.73 35.61
C ASN A 316 7.22 -11.92 36.78
N PHE A 317 6.93 -10.62 36.80
CA PHE A 317 7.41 -9.75 37.85
C PHE A 317 6.59 -9.86 39.14
N VAL A 318 5.32 -9.49 39.06
CA VAL A 318 4.44 -9.54 40.21
C VAL A 318 4.46 -10.90 40.91
N SER A 319 4.87 -11.93 40.18
CA SER A 319 4.95 -13.28 40.74
C SER A 319 6.31 -13.55 41.37
N THR A 320 7.36 -13.08 40.72
CA THR A 320 8.73 -13.26 41.23
C THR A 320 9.07 -12.24 42.30
N HIS A 321 8.85 -10.96 41.99
CA HIS A 321 9.14 -9.89 42.93
C HIS A 321 7.85 -9.22 43.41
N SER A 322 7.04 -9.98 44.14
CA SER A 322 5.78 -9.47 44.66
C SER A 322 6.02 -8.48 45.79
N ASP A 323 7.12 -8.66 46.51
CA ASP A 323 7.47 -7.78 47.62
C ASP A 323 7.63 -6.35 47.15
N THR A 324 8.31 -6.17 46.02
CA THR A 324 8.55 -4.85 45.46
C THR A 324 7.29 -4.33 44.73
N PHE A 325 6.54 -5.25 44.14
CA PHE A 325 5.33 -4.89 43.42
C PHE A 325 4.35 -4.17 44.35
N LYS A 326 4.12 -4.75 45.52
CA LYS A 326 3.22 -4.16 46.49
C LYS A 326 3.75 -2.80 46.95
N ALA A 327 5.08 -2.66 46.91
CA ALA A 327 5.72 -1.41 47.30
C ALA A 327 5.53 -0.39 46.18
N TRP A 328 5.37 -0.90 44.96
CA TRP A 328 5.17 -0.05 43.79
C TRP A 328 3.79 0.59 43.85
N ILE A 329 2.76 -0.24 43.99
CA ILE A 329 1.39 0.24 44.07
C ILE A 329 1.18 1.02 45.35
N SER A 330 2.14 0.93 46.28
CA SER A 330 2.06 1.63 47.55
C SER A 330 2.45 3.08 47.38
N LYS A 331 2.79 3.47 46.17
CA LYS A 331 3.19 4.85 45.88
C LYS A 331 2.01 5.71 45.47
N ILE A 332 0.82 5.13 45.52
CA ILE A 332 -0.40 5.85 45.16
C ILE A 332 -0.74 6.79 46.31
N ALA A 333 -0.01 6.63 47.41
CA ALA A 333 -0.21 7.45 48.60
C ALA A 333 1.10 8.14 48.96
N ASP A 334 2.05 8.10 48.03
CA ASP A 334 3.35 8.73 48.24
C ASP A 334 3.15 10.21 48.53
N ILE A 335 3.95 10.73 49.46
CA ILE A 335 3.87 12.13 49.85
C ILE A 335 4.11 13.07 48.66
N SER A 336 4.99 12.66 47.75
CA SER A 336 5.32 13.46 46.58
C SER A 336 4.34 13.24 45.43
N PRO A 337 3.56 14.28 45.10
CA PRO A 337 2.59 14.21 44.01
C PRO A 337 3.24 13.79 42.70
N ASP A 338 4.49 14.21 42.51
CA ASP A 338 5.25 13.87 41.31
C ASP A 338 5.35 12.35 41.18
N VAL A 339 5.57 11.69 42.32
CA VAL A 339 5.68 10.23 42.34
C VAL A 339 4.33 9.63 42.02
N ARG A 340 3.27 10.27 42.50
CA ARG A 340 1.91 9.81 42.25
C ARG A 340 1.64 9.85 40.76
N VAL A 341 1.87 11.02 40.17
CA VAL A 341 1.66 11.22 38.74
C VAL A 341 2.54 10.26 37.93
N GLU A 342 3.83 10.26 38.25
CA GLU A 342 4.78 9.39 37.56
C GLU A 342 4.25 7.96 37.53
N TRP A 343 3.49 7.60 38.55
CA TRP A 343 2.91 6.27 38.66
C TRP A 343 1.70 6.14 37.74
N THR A 344 0.73 7.02 37.94
CA THR A 344 -0.50 7.02 37.15
C THR A 344 -0.23 7.14 35.65
N GLU A 345 0.95 7.65 35.29
CA GLU A 345 1.30 7.82 33.88
C GLU A 345 1.78 6.52 33.23
N SER A 346 1.84 5.44 34.01
CA SER A 346 2.29 4.16 33.49
C SER A 346 1.12 3.18 33.33
N ILE A 347 0.02 3.46 34.02
CA ILE A 347 -1.17 2.59 33.96
C ILE A 347 -1.63 2.34 32.53
N PRO A 348 -1.74 3.39 31.70
CA PRO A 348 -2.19 3.23 30.32
C PRO A 348 -1.47 2.10 29.56
N GLN A 349 -0.14 2.15 29.57
CA GLN A 349 0.67 1.14 28.89
C GLN A 349 0.45 -0.23 29.49
N ILE A 350 0.60 -0.32 30.82
CA ILE A 350 0.42 -1.58 31.53
C ILE A 350 -0.90 -2.26 31.16
N ILE A 351 -1.98 -1.51 31.28
CA ILE A 351 -3.31 -2.03 30.96
C ILE A 351 -3.39 -2.50 29.50
N ALA A 352 -2.65 -1.82 28.62
CA ALA A 352 -2.65 -2.16 27.21
C ALA A 352 -1.60 -3.21 26.87
N THR A 353 -0.87 -3.68 27.88
CA THR A 353 0.18 -4.68 27.68
C THR A 353 -0.11 -5.98 28.42
N ARG A 354 -0.76 -5.87 29.59
CA ARG A 354 -1.08 -7.04 30.38
C ARG A 354 -2.43 -6.94 31.09
N GLU A 355 -3.00 -8.09 31.41
CA GLU A 355 -4.28 -8.17 32.10
C GLU A 355 -4.07 -8.92 33.41
N ASP A 356 -2.81 -9.26 33.68
CA ASP A 356 -2.42 -9.99 34.88
C ASP A 356 -3.03 -9.37 36.13
N ILE A 357 -3.03 -8.04 36.19
CA ILE A 357 -3.58 -7.34 37.35
C ILE A 357 -4.89 -6.64 37.02
N SER A 358 -5.89 -6.86 37.88
CA SER A 358 -7.20 -6.26 37.71
C SER A 358 -7.82 -6.06 39.10
N LYS A 359 -6.99 -6.18 40.12
CA LYS A 359 -7.41 -6.03 41.50
C LYS A 359 -6.73 -4.82 42.14
N GLU A 360 -5.40 -4.85 42.18
CA GLU A 360 -4.62 -3.77 42.76
C GLU A 360 -4.87 -2.46 42.01
N LEU A 361 -4.99 -2.55 40.69
CA LEU A 361 -5.22 -1.37 39.85
C LEU A 361 -6.51 -0.66 40.24
N ASN A 362 -7.61 -1.41 40.30
CA ASN A 362 -8.89 -0.83 40.66
C ASN A 362 -8.89 -0.28 42.08
N GLN A 363 -8.06 -0.85 42.95
CA GLN A 363 -7.97 -0.40 44.33
C GLN A 363 -7.15 0.89 44.41
N ALA A 364 -6.14 0.99 43.57
CA ALA A 364 -5.27 2.17 43.55
C ALA A 364 -5.93 3.32 42.81
N LEU A 365 -6.37 3.06 41.58
CA LEU A 365 -7.02 4.08 40.77
C LEU A 365 -8.19 4.72 41.51
N ALA A 366 -8.86 3.93 42.35
CA ALA A 366 -9.98 4.41 43.12
C ALA A 366 -9.57 5.57 44.02
N LYS A 367 -8.35 5.49 44.56
CA LYS A 367 -7.84 6.53 45.44
C LYS A 367 -7.18 7.64 44.62
N THR A 368 -6.66 7.28 43.45
CA THR A 368 -6.00 8.24 42.56
C THR A 368 -7.01 9.20 41.96
N PHE A 369 -8.26 8.74 41.81
CA PHE A 369 -9.31 9.56 41.24
C PHE A 369 -9.90 10.54 42.26
N ILE A 370 -9.55 10.34 43.53
CA ILE A 370 -10.05 11.20 44.59
C ILE A 370 -8.90 11.81 45.41
N ASP A 371 -7.71 11.84 44.81
CA ASP A 371 -6.54 12.40 45.49
C ASP A 371 -6.69 13.92 45.62
N SER A 372 -6.05 14.47 46.65
CA SER A 372 -6.12 15.91 46.91
C SER A 372 -5.53 16.73 45.77
N ASP A 373 -4.42 16.27 45.22
CA ASP A 373 -3.76 16.97 44.12
C ASP A 373 -4.52 16.79 42.82
N PRO A 374 -4.73 17.88 42.06
CA PRO A 374 -5.45 17.84 40.78
C PRO A 374 -4.67 17.16 39.65
N ARG A 375 -3.35 17.32 39.68
CA ARG A 375 -2.47 16.73 38.67
C ARG A 375 -2.78 15.25 38.46
N VAL A 376 -2.77 14.50 39.55
CA VAL A 376 -3.03 13.06 39.50
C VAL A 376 -4.43 12.75 38.98
N ARG A 377 -5.42 13.48 39.46
CA ARG A 377 -6.80 13.26 39.02
C ARG A 377 -6.90 13.47 37.51
N ARG A 378 -6.10 14.39 36.98
CA ARG A 378 -6.09 14.67 35.55
C ARG A 378 -5.43 13.50 34.82
N THR A 379 -4.32 13.02 35.36
CA THR A 379 -3.61 11.90 34.76
C THR A 379 -4.45 10.63 34.89
N SER A 380 -5.40 10.66 35.82
CA SER A 380 -6.28 9.53 36.05
C SER A 380 -7.35 9.43 34.96
N VAL A 381 -7.98 10.57 34.67
CA VAL A 381 -9.02 10.62 33.64
C VAL A 381 -8.43 10.44 32.25
N MET A 382 -7.14 10.76 32.11
CA MET A 382 -6.46 10.63 30.83
C MET A 382 -6.46 9.18 30.36
N ILE A 383 -6.60 8.25 31.31
CA ILE A 383 -6.63 6.84 30.99
C ILE A 383 -7.72 6.55 29.97
N PHE A 384 -8.95 6.94 30.31
CA PHE A 384 -10.10 6.73 29.43
C PHE A 384 -9.89 7.40 28.07
N ASN A 385 -8.82 8.17 27.95
CA ASN A 385 -8.52 8.86 26.69
C ASN A 385 -7.43 8.18 25.90
N LYS A 386 -6.34 7.80 26.58
CA LYS A 386 -5.21 7.15 25.93
C LYS A 386 -5.49 5.68 25.60
N VAL A 387 -5.81 4.89 26.63
CA VAL A 387 -6.09 3.48 26.44
C VAL A 387 -7.46 3.31 25.78
N PRO A 388 -7.57 2.40 24.80
CA PRO A 388 -8.84 2.17 24.11
C PRO A 388 -9.98 1.76 25.04
N VAL A 389 -11.19 2.18 24.70
CA VAL A 389 -12.38 1.89 25.51
C VAL A 389 -12.52 0.39 25.79
N THR A 390 -12.16 -0.43 24.81
CA THR A 390 -12.26 -1.88 24.96
C THR A 390 -11.48 -2.38 26.17
N GLU A 391 -10.18 -2.09 26.18
CA GLU A 391 -9.32 -2.51 27.28
C GLU A 391 -9.81 -1.97 28.62
N ILE A 392 -10.51 -0.84 28.57
CA ILE A 392 -11.02 -0.21 29.78
C ILE A 392 -12.08 -1.10 30.44
N TRP A 393 -13.08 -1.50 29.67
CA TRP A 393 -14.15 -2.35 30.19
C TRP A 393 -13.66 -3.75 30.57
N LYS A 394 -12.54 -4.17 29.97
CA LYS A 394 -11.99 -5.48 30.25
C LYS A 394 -11.20 -5.50 31.57
N ASN A 395 -10.30 -4.56 31.72
CA ASN A 395 -9.48 -4.47 32.92
C ASN A 395 -10.21 -3.84 34.10
N ILE A 396 -10.21 -2.52 34.18
CA ILE A 396 -10.88 -1.83 35.27
C ILE A 396 -12.38 -2.12 35.28
N THR A 397 -12.92 -2.33 36.48
CA THR A 397 -14.35 -2.62 36.64
C THR A 397 -14.86 -2.12 37.99
N ASN A 398 -14.02 -1.38 38.69
CA ASN A 398 -14.38 -0.84 40.00
C ASN A 398 -15.51 0.17 39.90
N LYS A 399 -16.42 0.14 40.88
CA LYS A 399 -17.56 1.04 40.93
C LYS A 399 -17.14 2.50 41.13
N ALA A 400 -16.32 2.73 42.15
CA ALA A 400 -15.85 4.08 42.47
C ALA A 400 -15.20 4.79 41.28
N ILE A 401 -14.50 4.03 40.44
CA ILE A 401 -13.84 4.60 39.28
C ILE A 401 -14.77 5.44 38.43
N TYR A 402 -15.80 4.81 37.87
CA TYR A 402 -16.76 5.50 37.02
C TYR A 402 -17.46 6.64 37.76
N THR A 403 -17.94 6.36 38.96
CA THR A 403 -18.64 7.37 39.76
C THR A 403 -17.76 8.60 39.96
N SER A 404 -16.51 8.39 40.35
CA SER A 404 -15.58 9.48 40.58
C SER A 404 -15.36 10.28 39.30
N LEU A 405 -15.38 9.59 38.17
CA LEU A 405 -15.18 10.23 36.87
C LEU A 405 -16.25 11.27 36.61
N LEU A 406 -17.49 10.82 36.52
CA LEU A 406 -18.62 11.72 36.27
C LEU A 406 -18.79 12.72 37.41
N HIS A 407 -18.21 12.41 38.56
CA HIS A 407 -18.29 13.28 39.72
C HIS A 407 -17.45 14.54 39.54
N LEU A 408 -16.28 14.37 38.94
CA LEU A 408 -15.37 15.49 38.70
C LEU A 408 -15.94 16.47 37.68
N ALA A 409 -17.10 16.13 37.12
CA ALA A 409 -17.76 16.98 36.14
C ALA A 409 -18.27 18.26 36.79
N ARG A 410 -18.58 18.17 38.08
CA ARG A 410 -19.07 19.33 38.83
C ARG A 410 -18.01 19.88 39.77
N GLU A 411 -16.75 19.53 39.50
CA GLU A 411 -15.64 19.99 40.32
C GLU A 411 -15.27 21.43 39.99
N LYS A 412 -14.81 22.17 40.99
CA LYS A 412 -14.43 23.57 40.81
C LYS A 412 -13.27 23.71 39.83
N HIS A 413 -12.29 22.82 39.94
CA HIS A 413 -11.14 22.84 39.06
C HIS A 413 -11.59 22.78 37.61
N LYS A 414 -11.19 23.78 36.83
CA LYS A 414 -11.56 23.86 35.42
C LYS A 414 -10.87 22.82 34.54
N GLU A 415 -9.56 22.96 34.39
CA GLU A 415 -8.77 22.05 33.56
C GLU A 415 -9.17 20.59 33.74
N VAL A 416 -9.48 20.20 34.96
CA VAL A 416 -9.88 18.82 35.24
C VAL A 416 -11.33 18.59 34.80
N ARG A 417 -12.19 19.55 35.12
CA ARG A 417 -13.60 19.47 34.76
C ARG A 417 -13.79 19.38 33.25
N GLU A 418 -13.14 20.28 32.52
CA GLU A 418 -13.23 20.31 31.07
C GLU A 418 -12.83 18.96 30.46
N LEU A 419 -11.60 18.54 30.73
CA LEU A 419 -11.10 17.27 30.23
C LEU A 419 -12.04 16.14 30.58
N CYS A 420 -12.61 16.18 31.78
CA CYS A 420 -13.54 15.17 32.24
C CYS A 420 -14.75 15.09 31.33
N ILE A 421 -15.46 16.21 31.21
CA ILE A 421 -16.66 16.27 30.38
C ILE A 421 -16.42 15.66 29.00
N ASN A 422 -15.33 16.07 28.34
CA ASN A 422 -15.00 15.57 27.02
C ASN A 422 -14.68 14.08 27.05
N THR A 423 -13.90 13.66 28.04
CA THR A 423 -13.52 12.26 28.18
C THR A 423 -14.74 11.36 28.37
N MET A 424 -15.42 11.53 29.50
CA MET A 424 -16.61 10.74 29.81
C MET A 424 -17.65 10.82 28.69
N ALA A 425 -17.48 11.81 27.81
CA ALA A 425 -18.39 11.99 26.69
C ALA A 425 -18.08 11.04 25.55
N LYS A 426 -16.91 11.22 24.94
CA LYS A 426 -16.50 10.36 23.84
C LYS A 426 -16.49 8.91 24.30
N PHE A 427 -16.18 8.72 25.58
CA PHE A 427 -16.14 7.38 26.16
C PHE A 427 -17.53 6.75 26.02
N TYR A 428 -18.55 7.54 26.29
CA TYR A 428 -19.93 7.08 26.19
C TYR A 428 -20.25 6.66 24.76
N SER A 429 -19.81 7.46 23.80
CA SER A 429 -20.04 7.16 22.39
C SER A 429 -19.35 5.87 21.99
N ASN A 430 -18.08 5.74 22.35
CA ASN A 430 -17.32 4.54 22.04
C ASN A 430 -17.77 3.36 22.89
N SER A 431 -18.49 3.66 23.96
CA SER A 431 -18.99 2.63 24.86
C SER A 431 -20.29 2.02 24.33
N LEU A 432 -20.69 2.44 23.13
CA LEU A 432 -21.91 1.95 22.52
C LEU A 432 -21.65 1.42 21.11
N ASN A 433 -20.56 1.87 20.50
CA ASN A 433 -20.21 1.45 19.15
C ASN A 433 -19.15 0.35 19.13
N GLU A 434 -18.92 -0.26 20.30
CA GLU A 434 -17.94 -1.34 20.39
C GLU A 434 -18.36 -2.42 21.39
N ILE A 435 -18.48 -2.03 22.65
CA ILE A 435 -18.87 -2.98 23.70
C ILE A 435 -20.38 -3.19 23.74
N GLU A 436 -20.79 -4.45 23.85
CA GLU A 436 -22.20 -4.79 23.90
C GLU A 436 -22.66 -4.98 25.34
N ARG A 437 -23.84 -5.55 25.51
CA ARG A 437 -24.40 -5.78 26.84
C ARG A 437 -24.52 -7.28 27.14
N THR A 438 -24.24 -7.66 28.38
CA THR A 438 -24.33 -9.05 28.80
C THR A 438 -25.06 -9.15 30.13
N TYR A 439 -25.02 -10.32 30.75
CA TYR A 439 -25.68 -10.53 32.03
C TYR A 439 -24.76 -10.22 33.20
N GLN A 440 -23.58 -9.66 32.90
CA GLN A 440 -22.63 -9.32 33.93
C GLN A 440 -22.07 -7.90 33.84
N ASN A 441 -21.86 -7.41 32.63
CA ASN A 441 -21.34 -6.07 32.44
C ASN A 441 -22.40 -5.00 32.69
N LYS A 442 -23.66 -5.40 32.58
CA LYS A 442 -24.78 -4.49 32.79
C LYS A 442 -24.83 -3.98 34.22
N GLU A 443 -23.96 -4.52 35.07
CA GLU A 443 -23.91 -4.13 36.48
C GLU A 443 -23.33 -2.73 36.65
N ILE A 444 -22.57 -2.27 35.66
CA ILE A 444 -21.96 -0.95 35.71
C ILE A 444 -22.52 0.01 34.67
N TRP A 445 -23.31 -0.53 33.74
CA TRP A 445 -23.90 0.30 32.69
C TRP A 445 -24.79 1.42 33.22
N GLU A 446 -25.39 1.20 34.38
CA GLU A 446 -26.27 2.21 34.98
C GLU A 446 -25.52 3.50 35.23
N ILE A 447 -24.19 3.44 35.06
CA ILE A 447 -23.34 4.62 35.26
C ILE A 447 -23.01 5.26 33.92
N ILE A 448 -22.89 4.42 32.89
CA ILE A 448 -22.58 4.90 31.55
C ILE A 448 -23.82 5.42 30.85
N ASP A 449 -24.98 4.88 31.22
CA ASP A 449 -26.24 5.30 30.63
C ASP A 449 -26.75 6.60 31.24
N THR A 450 -26.29 6.90 32.45
CA THR A 450 -26.69 8.11 33.13
C THR A 450 -25.78 9.28 32.76
N ILE A 451 -24.84 9.02 31.86
CA ILE A 451 -23.89 10.05 31.42
C ILE A 451 -24.61 11.19 30.69
N PRO A 452 -25.40 10.87 29.65
CA PRO A 452 -26.10 11.92 28.91
C PRO A 452 -26.97 12.79 29.83
N SER A 453 -27.62 12.16 30.80
CA SER A 453 -28.47 12.88 31.74
C SER A 453 -27.61 13.85 32.55
N THR A 454 -26.44 13.38 32.96
CA THR A 454 -25.52 14.20 33.75
C THR A 454 -25.15 15.48 33.01
N LEU A 455 -24.59 15.32 31.80
CA LEU A 455 -24.19 16.46 30.99
C LEU A 455 -25.28 17.54 30.93
N TYR A 456 -26.50 17.13 30.62
CA TYR A 456 -27.61 18.07 30.53
C TYR A 456 -27.87 18.79 31.84
N ASN A 457 -27.45 18.18 32.95
CA ASN A 457 -27.63 18.78 34.26
C ASN A 457 -26.64 19.92 34.47
N LEU A 458 -25.60 19.96 33.64
CA LEU A 458 -24.58 21.00 33.72
C LEU A 458 -25.14 22.35 33.28
N TYR A 459 -26.26 22.31 32.57
CA TYR A 459 -26.89 23.54 32.10
C TYR A 459 -27.55 24.29 33.25
N TYR A 460 -27.73 23.59 34.37
CA TYR A 460 -28.35 24.18 35.55
C TYR A 460 -27.42 25.09 36.35
N ILE A 461 -26.15 24.70 36.43
CA ILE A 461 -25.19 25.52 37.16
C ILE A 461 -25.03 26.87 36.47
N ASN A 462 -25.55 26.95 35.26
CA ASN A 462 -25.50 28.17 34.45
C ASN A 462 -24.11 28.76 34.34
N ASP A 463 -23.40 28.41 33.28
CA ASP A 463 -22.05 28.91 33.05
C ASP A 463 -21.77 28.97 31.55
N LEU A 464 -21.55 30.17 31.03
CA LEU A 464 -21.28 30.38 29.61
C LEU A 464 -20.26 29.37 29.07
N ASN A 465 -19.14 29.24 29.75
CA ASN A 465 -18.08 28.31 29.32
C ASN A 465 -18.58 26.86 29.31
N ILE A 466 -19.02 26.38 30.47
CA ILE A 466 -19.51 25.01 30.58
C ILE A 466 -20.58 24.71 29.54
N ASN A 467 -21.59 25.57 29.46
CA ASN A 467 -22.67 25.39 28.50
C ASN A 467 -22.13 25.17 27.09
N GLU A 468 -21.28 26.08 26.63
CA GLU A 468 -20.68 25.98 25.31
C GLU A 468 -19.99 24.63 25.13
N GLN A 469 -19.24 24.23 26.15
CA GLN A 469 -18.53 22.96 26.10
C GLN A 469 -19.52 21.82 25.91
N VAL A 470 -20.51 21.74 26.80
CA VAL A 470 -21.51 20.70 26.73
C VAL A 470 -22.15 20.64 25.34
N ASP A 471 -22.54 21.80 24.82
CA ASP A 471 -23.16 21.87 23.51
C ASP A 471 -22.26 21.25 22.44
N SER A 472 -21.03 21.73 22.35
CA SER A 472 -20.08 21.22 21.38
C SER A 472 -19.80 19.74 21.60
N VAL A 473 -19.70 19.34 22.87
CA VAL A 473 -19.43 17.95 23.22
C VAL A 473 -20.55 17.01 22.80
N ILE A 474 -21.77 17.30 23.24
CA ILE A 474 -22.92 16.47 22.92
C ILE A 474 -23.03 16.17 21.42
N PHE A 475 -22.95 17.22 20.61
CA PHE A 475 -23.04 17.06 19.16
C PHE A 475 -21.73 16.58 18.55
N GLU A 476 -20.83 16.09 19.39
CA GLU A 476 -19.54 15.58 18.93
C GLU A 476 -19.38 14.09 19.19
N TYR A 477 -20.07 13.59 20.21
CA TYR A 477 -19.99 12.18 20.57
C TYR A 477 -21.36 11.55 20.80
N LEU A 478 -22.13 12.14 21.72
CA LEU A 478 -23.46 11.63 22.03
C LEU A 478 -24.38 11.65 20.81
N LEU A 479 -24.78 12.84 20.38
CA LEU A 479 -25.65 12.98 19.23
C LEU A 479 -24.89 13.55 18.03
N PRO A 480 -24.34 12.67 17.19
CA PRO A 480 -23.58 13.06 16.00
C PRO A 480 -24.46 13.54 14.85
N PHE A 481 -23.82 14.00 13.78
CA PHE A 481 -24.52 14.47 12.59
C PHE A 481 -24.43 13.43 11.48
N GLU A 482 -24.13 12.20 11.86
CA GLU A 482 -23.98 11.11 10.92
C GLU A 482 -24.33 9.78 11.60
N PRO A 483 -24.38 8.67 10.84
CA PRO A 483 -24.13 8.58 9.40
C PRO A 483 -25.42 8.58 8.56
N ASP A 484 -26.43 7.85 9.02
CA ASP A 484 -27.70 7.76 8.30
C ASP A 484 -28.80 8.59 8.97
N ASN A 485 -30.04 8.22 8.69
CA ASN A 485 -31.19 8.93 9.24
C ASN A 485 -31.93 8.11 10.29
N ASP A 486 -31.87 6.78 10.15
CA ASP A 486 -32.55 5.89 11.08
C ASP A 486 -31.80 5.68 12.38
N LYS A 487 -30.53 5.30 12.30
CA LYS A 487 -29.73 5.05 13.48
C LYS A 487 -29.67 6.24 14.44
N ARG A 488 -29.82 7.45 13.91
CA ARG A 488 -29.79 8.63 14.76
C ARG A 488 -30.87 8.55 15.82
N VAL A 489 -32.11 8.35 15.39
CA VAL A 489 -33.24 8.24 16.29
C VAL A 489 -33.06 7.03 17.20
N HIS A 490 -32.54 5.95 16.63
CA HIS A 490 -32.30 4.72 17.39
C HIS A 490 -31.45 5.02 18.62
N ARG A 491 -30.34 5.71 18.42
CA ARG A 491 -29.45 6.06 19.52
C ARG A 491 -30.01 7.23 20.31
N LEU A 492 -30.73 8.12 19.62
CA LEU A 492 -31.33 9.27 20.28
C LEU A 492 -32.26 8.79 21.39
N LEU A 493 -32.82 7.60 21.20
CA LEU A 493 -33.72 7.01 22.19
C LEU A 493 -32.91 6.34 23.29
N THR A 494 -31.82 5.69 22.91
CA THR A 494 -30.96 5.01 23.86
C THR A 494 -30.28 6.03 24.77
N VAL A 495 -30.20 7.26 24.28
CA VAL A 495 -29.58 8.35 25.03
C VAL A 495 -30.61 8.91 26.02
N LEU A 496 -31.83 9.11 25.54
CA LEU A 496 -32.92 9.65 26.36
C LEU A 496 -33.52 8.56 27.23
N SER A 497 -33.03 7.33 27.09
CA SER A 497 -33.54 6.20 27.87
C SER A 497 -33.44 6.49 29.36
N HIS A 498 -32.22 6.68 29.85
CA HIS A 498 -32.00 6.97 31.26
C HIS A 498 -31.92 8.47 31.48
N PHE A 499 -33.08 9.10 31.57
CA PHE A 499 -33.17 10.55 31.78
C PHE A 499 -34.10 10.91 32.93
N ASP A 500 -33.63 11.77 33.81
CA ASP A 500 -34.42 12.21 34.95
C ASP A 500 -35.25 13.42 34.52
N LYS A 501 -36.24 13.79 35.35
CA LYS A 501 -37.10 14.92 35.02
C LYS A 501 -36.30 16.16 34.61
N LYS A 502 -35.24 16.46 35.36
CA LYS A 502 -34.40 17.61 35.05
C LYS A 502 -33.77 17.47 33.67
N ALA A 503 -33.31 16.25 33.37
CA ALA A 503 -32.68 15.97 32.09
C ALA A 503 -33.63 16.27 30.94
N PHE A 504 -34.89 15.86 31.10
CA PHE A 504 -35.89 16.08 30.07
C PHE A 504 -36.24 17.57 29.96
N THR A 505 -36.59 18.18 31.09
CA THR A 505 -36.93 19.60 31.12
C THR A 505 -35.85 20.42 30.44
N SER A 506 -34.59 20.12 30.75
CA SER A 506 -33.47 20.83 30.15
C SER A 506 -33.35 20.44 28.68
N PHE A 507 -33.68 19.18 28.39
CA PHE A 507 -33.63 18.66 27.03
C PHE A 507 -34.59 19.44 26.14
N PHE A 508 -35.85 19.51 26.57
CA PHE A 508 -36.87 20.23 25.82
C PHE A 508 -36.60 21.73 25.80
N ALA A 509 -36.17 22.26 26.94
CA ALA A 509 -35.87 23.68 27.04
C ALA A 509 -34.81 24.08 26.02
N PHE A 510 -33.81 23.23 25.85
CA PHE A 510 -32.74 23.47 24.90
C PHE A 510 -33.29 23.54 23.48
N ASN A 511 -34.48 22.96 23.29
CA ASN A 511 -35.12 22.94 21.98
C ASN A 511 -36.07 24.11 21.83
N ALA A 512 -36.80 24.42 22.90
CA ALA A 512 -37.76 25.51 22.90
C ALA A 512 -37.05 26.83 22.59
N ARG A 513 -35.73 26.84 22.79
CA ARG A 513 -34.93 28.03 22.54
C ARG A 513 -34.45 28.03 21.09
N GLN A 514 -34.35 26.85 20.50
CA GLN A 514 -33.90 26.72 19.12
C GLN A 514 -34.81 27.47 18.16
N ILE A 515 -36.11 27.40 18.41
CA ILE A 515 -37.09 28.08 17.57
C ILE A 515 -37.03 29.59 17.76
N LYS A 516 -36.59 30.02 18.94
CA LYS A 516 -36.49 31.44 19.24
C LYS A 516 -35.20 32.00 18.65
N ILE A 517 -34.10 31.28 18.83
CA ILE A 517 -32.81 31.71 18.29
C ILE A 517 -32.92 31.72 16.77
N SER A 518 -33.66 30.75 16.23
CA SER A 518 -33.85 30.65 14.80
C SER A 518 -34.54 31.90 14.28
N PHE A 519 -35.53 32.37 15.04
CA PHE A 519 -36.28 33.56 14.68
C PHE A 519 -35.36 34.78 14.74
N ALA A 520 -34.20 34.60 15.37
CA ALA A 520 -33.23 35.67 15.51
C ALA A 520 -32.28 35.68 14.32
N ILE A 521 -31.58 34.57 14.11
CA ILE A 521 -30.65 34.46 12.99
C ILE A 521 -31.36 34.78 11.68
N SER A 522 -32.62 34.36 11.59
CA SER A 522 -33.41 34.60 10.39
C SER A 522 -33.45 36.11 10.14
N LYS A 523 -33.93 36.86 11.13
CA LYS A 523 -34.01 38.30 11.03
C LYS A 523 -32.60 38.90 10.96
N TYR A 524 -31.66 38.25 11.64
CA TYR A 524 -30.28 38.71 11.65
C TYR A 524 -29.81 38.96 10.22
N ILE A 525 -30.08 38.00 9.34
CA ILE A 525 -29.71 38.13 7.94
C ILE A 525 -30.60 39.13 7.23
N ASP A 526 -31.87 39.18 7.63
CA ASP A 526 -32.81 40.11 7.03
C ASP A 526 -32.40 41.54 7.39
N PHE A 527 -31.71 41.66 8.51
CA PHE A 527 -31.23 42.96 8.98
C PHE A 527 -29.77 43.14 8.58
N SER A 528 -29.13 42.04 8.20
CA SER A 528 -27.73 42.06 7.78
C SER A 528 -27.65 42.43 6.31
N LYS A 529 -28.65 41.99 5.55
CA LYS A 529 -28.71 42.27 4.12
C LYS A 529 -29.02 43.76 3.93
N PHE A 530 -29.00 44.48 5.05
CA PHE A 530 -29.27 45.91 5.08
C PHE A 530 -28.30 46.69 4.19
N LEU A 531 -27.05 46.24 4.16
CA LEU A 531 -26.02 46.91 3.37
C LEU A 531 -25.79 46.34 1.98
N ASN A 532 -26.69 45.49 1.51
CA ASN A 532 -26.55 44.92 0.18
C ASN A 532 -26.63 46.02 -0.88
N ASN A 533 -27.09 47.19 -0.46
CA ASN A 533 -27.22 48.34 -1.34
C ASN A 533 -27.78 49.52 -0.54
N GLN A 534 -27.54 50.73 -1.02
CA GLN A 534 -28.03 51.92 -0.34
C GLN A 534 -29.55 51.84 -0.19
N GLU A 535 -30.03 51.96 1.04
CA GLU A 535 -31.45 51.88 1.32
C GLU A 535 -31.90 53.04 2.20
N SER A 536 -31.41 53.06 3.43
CA SER A 536 -31.77 54.11 4.37
C SER A 536 -30.59 54.50 5.25
N MET A 537 -29.60 55.15 4.65
CA MET A 537 -28.42 55.59 5.40
C MET A 537 -28.88 56.60 6.44
N SER A 538 -30.09 57.11 6.25
CA SER A 538 -30.70 58.08 7.14
C SER A 538 -32.07 58.47 6.61
N SER A 539 -32.81 57.48 6.13
CA SER A 539 -34.14 57.71 5.56
C SER A 539 -35.23 56.93 6.29
N SER A 540 -35.54 55.74 5.79
CA SER A 540 -36.58 54.90 6.38
C SER A 540 -36.37 54.66 7.87
N GLN A 541 -35.70 53.55 8.21
CA GLN A 541 -35.44 53.20 9.59
C GLN A 541 -33.98 53.45 9.96
N GLY A 542 -33.23 54.03 9.03
CA GLY A 542 -31.82 54.31 9.27
C GLY A 542 -31.45 54.65 10.70
N PRO A 543 -32.15 55.61 11.33
CA PRO A 543 -31.86 56.02 12.71
C PRO A 543 -32.40 55.07 13.79
N ILE A 544 -33.27 54.13 13.40
CA ILE A 544 -33.84 53.20 14.35
C ILE A 544 -33.45 51.74 14.11
N VAL A 545 -33.50 51.31 12.85
CA VAL A 545 -33.15 49.94 12.50
C VAL A 545 -31.69 49.63 12.82
N MET A 546 -30.82 50.62 12.62
CA MET A 546 -29.40 50.45 12.89
C MET A 546 -29.22 50.04 14.35
N ASN A 547 -29.96 50.71 15.24
CA ASN A 547 -29.89 50.42 16.66
C ASN A 547 -30.74 49.21 17.00
N LYS A 548 -31.50 48.73 16.01
CA LYS A 548 -32.34 47.56 16.21
C LYS A 548 -31.48 46.32 16.01
N TYR A 549 -30.72 46.31 14.92
CA TYR A 549 -29.84 45.19 14.61
C TYR A 549 -28.63 45.18 15.53
N ASN A 550 -28.14 46.38 15.87
CA ASN A 550 -26.99 46.51 16.75
C ASN A 550 -27.30 46.06 18.17
N GLN A 551 -28.57 46.13 18.55
CA GLN A 551 -29.00 45.72 19.88
C GLN A 551 -29.59 44.31 19.89
N THR A 552 -29.71 43.72 18.70
CA THR A 552 -30.25 42.37 18.57
C THR A 552 -29.10 41.37 18.51
N LEU A 553 -27.95 41.84 18.04
CA LEU A 553 -26.77 41.00 17.93
C LEU A 553 -26.20 40.66 19.31
N GLN A 554 -26.52 41.48 20.30
CA GLN A 554 -26.05 41.25 21.66
C GLN A 554 -26.88 40.16 22.32
N TRP A 555 -28.09 39.98 21.82
CA TRP A 555 -29.00 38.96 22.37
C TRP A 555 -28.37 37.57 22.23
N LEU A 556 -27.95 37.25 21.01
CA LEU A 556 -27.34 35.96 20.73
C LEU A 556 -25.90 35.90 21.25
N ALA A 557 -25.39 37.05 21.68
CA ALA A 557 -24.04 37.13 22.19
C ALA A 557 -24.03 37.24 23.72
N SER A 558 -25.22 37.23 24.30
CA SER A 558 -25.35 37.32 25.76
C SER A 558 -25.22 35.95 26.40
N GLY A 559 -25.40 34.90 25.60
CA GLY A 559 -25.28 33.55 26.11
C GLY A 559 -23.94 32.93 25.79
N LEU A 560 -22.98 33.77 25.40
CA LEU A 560 -21.64 33.30 25.07
C LEU A 560 -20.63 33.80 26.09
N SER A 561 -19.62 32.98 26.36
CA SER A 561 -18.58 33.33 27.33
C SER A 561 -17.92 34.66 26.97
N ASP A 562 -17.48 34.79 25.72
CA ASP A 562 -16.84 36.00 25.26
C ASP A 562 -17.76 36.75 24.30
N SER A 563 -18.64 37.58 24.85
CA SER A 563 -19.59 38.35 24.04
C SER A 563 -18.85 39.27 23.08
N THR A 564 -17.75 39.85 23.52
CA THR A 564 -16.96 40.75 22.69
C THR A 564 -16.30 40.00 21.54
N LYS A 565 -16.51 38.69 21.52
CA LYS A 565 -15.93 37.84 20.47
C LYS A 565 -17.00 37.58 19.41
N ALA A 566 -18.25 37.69 19.81
CA ALA A 566 -19.37 37.44 18.89
C ALA A 566 -19.82 38.73 18.19
N ILE A 567 -20.03 39.79 18.97
CA ILE A 567 -20.46 41.07 18.42
C ILE A 567 -19.53 41.53 17.31
N ASP A 568 -18.26 41.15 17.41
CA ASP A 568 -17.26 41.52 16.40
C ASP A 568 -17.26 40.50 15.28
N ALA A 569 -17.71 39.29 15.59
CA ALA A 569 -17.76 38.20 14.61
C ALA A 569 -18.83 38.46 13.55
N LEU A 570 -20.08 38.55 13.99
CA LEU A 570 -21.19 38.79 13.07
C LEU A 570 -21.12 40.17 12.44
N GLU A 571 -20.43 41.10 13.11
CA GLU A 571 -20.29 42.45 12.61
C GLU A 571 -19.41 42.46 11.37
N THR A 572 -18.36 41.65 11.39
CA THR A 572 -17.45 41.55 10.24
C THR A 572 -18.16 40.82 9.11
N ILE A 573 -19.06 39.92 9.47
CA ILE A 573 -19.82 39.16 8.48
C ILE A 573 -20.66 40.17 7.71
N LYS A 574 -21.07 41.23 8.40
CA LYS A 574 -21.86 42.30 7.83
C LYS A 574 -20.98 43.08 6.86
N GLN A 575 -19.67 43.04 7.12
CA GLN A 575 -18.70 43.74 6.30
C GLN A 575 -18.46 43.00 4.98
N PHE A 576 -18.51 41.67 5.06
CA PHE A 576 -18.32 40.84 3.87
C PHE A 576 -19.48 41.00 2.91
N ASN A 577 -20.69 40.85 3.44
CA ASN A 577 -21.91 40.98 2.65
C ASN A 577 -21.88 40.00 1.47
N ASP A 578 -21.62 38.74 1.77
CA ASP A 578 -21.57 37.70 0.75
C ASP A 578 -22.85 36.86 0.79
N GLU A 579 -23.69 37.02 -0.24
CA GLU A 579 -24.95 36.30 -0.33
C GLU A 579 -24.79 34.80 -0.10
N ARG A 580 -23.70 34.23 -0.58
CA ARG A 580 -23.46 32.80 -0.41
C ARG A 580 -23.55 32.37 1.05
N ILE A 581 -22.61 32.83 1.86
CA ILE A 581 -22.60 32.49 3.28
C ILE A 581 -23.96 32.75 3.92
N PHE A 582 -24.59 33.85 3.52
CA PHE A 582 -25.90 34.22 4.04
C PHE A 582 -26.93 33.15 3.72
N TYR A 583 -26.81 32.55 2.53
CA TYR A 583 -27.74 31.51 2.10
C TYR A 583 -27.60 30.28 2.99
N LEU A 584 -26.40 29.73 3.07
CA LEU A 584 -26.13 28.55 3.88
C LEU A 584 -26.58 28.77 5.33
N LEU A 585 -26.10 29.85 5.92
CA LEU A 585 -26.45 30.17 7.30
C LEU A 585 -27.96 30.25 7.48
N ASN A 586 -28.63 30.94 6.57
CA ASN A 586 -30.07 31.09 6.61
C ASN A 586 -30.76 29.76 6.35
N ALA A 587 -30.20 28.99 5.43
CA ALA A 587 -30.76 27.69 5.07
C ALA A 587 -30.48 26.64 6.14
N CYS A 588 -29.92 27.08 7.27
CA CYS A 588 -29.62 26.16 8.37
C CYS A 588 -30.40 26.55 9.62
N VAL A 589 -31.31 27.51 9.48
CA VAL A 589 -32.12 27.96 10.60
C VAL A 589 -33.59 28.11 10.22
N THR A 590 -33.89 28.02 8.93
CA THR A 590 -35.26 28.14 8.45
C THR A 590 -36.18 27.02 8.94
N ASN A 591 -35.64 26.14 9.78
CA ASN A 591 -36.41 25.02 10.31
C ASN A 591 -36.91 24.12 9.20
N ASP A 592 -37.41 22.94 9.57
CA ASP A 592 -37.92 21.98 8.59
C ASP A 592 -36.96 21.85 7.41
N ILE A 593 -35.83 21.19 7.66
CA ILE A 593 -34.82 21.01 6.62
C ILE A 593 -34.27 19.58 6.65
N PRO A 594 -34.17 18.94 5.47
CA PRO A 594 -33.65 17.58 5.38
C PRO A 594 -32.29 17.46 6.07
N PHE A 595 -32.22 16.64 7.11
CA PHE A 595 -30.98 16.45 7.86
C PHE A 595 -29.79 16.25 6.95
N LEU A 596 -30.01 15.61 5.80
CA LEU A 596 -28.93 15.35 4.85
C LEU A 596 -28.33 16.63 4.31
N THR A 597 -29.15 17.45 3.65
CA THR A 597 -28.68 18.71 3.08
C THR A 597 -28.11 19.63 4.16
N PHE A 598 -28.63 19.52 5.37
CA PHE A 598 -28.17 20.34 6.49
C PHE A 598 -26.68 20.12 6.74
N LYS A 599 -26.27 18.85 6.77
CA LYS A 599 -24.88 18.51 7.00
C LYS A 599 -23.99 18.97 5.85
N ASN A 600 -24.61 19.16 4.68
CA ASN A 600 -23.88 19.61 3.50
C ASN A 600 -23.61 21.11 3.57
N CYS A 601 -24.65 21.89 3.86
CA CYS A 601 -24.52 23.33 3.94
C CYS A 601 -23.68 23.73 5.16
N TYR A 602 -23.86 23.02 6.26
CA TYR A 602 -23.12 23.28 7.49
C TYR A 602 -21.62 23.01 7.33
N ASN A 603 -21.29 21.77 6.97
CA ASN A 603 -19.91 21.37 6.79
C ASN A 603 -19.15 22.29 5.83
N GLU A 604 -19.82 22.69 4.75
CA GLU A 604 -19.20 23.57 3.75
C GLU A 604 -19.14 25.01 4.25
N LEU A 605 -20.03 25.35 5.17
CA LEU A 605 -20.07 26.69 5.73
C LEU A 605 -18.89 26.95 6.65
N VAL A 606 -18.61 25.98 7.52
CA VAL A 606 -17.50 26.10 8.47
C VAL A 606 -16.15 25.94 7.78
N SER A 607 -16.14 25.21 6.67
CA SER A 607 -14.91 24.97 5.92
C SER A 607 -14.55 26.18 5.05
N LYS A 608 -15.56 26.93 4.63
CA LYS A 608 -15.35 28.10 3.80
C LYS A 608 -14.90 29.31 4.62
N LEU A 609 -15.19 29.27 5.92
CA LEU A 609 -14.81 30.34 6.82
C LEU A 609 -13.34 30.22 7.25
N GLN A 610 -12.78 29.04 7.05
CA GLN A 610 -11.38 28.79 7.42
C GLN A 610 -10.42 29.27 6.34
N THR A 611 -9.23 29.68 6.75
CA THR A 611 -8.21 30.18 5.84
C THR A 611 -8.77 31.15 4.81
N PRO A 612 -9.32 32.28 5.27
CA PRO A 612 -9.90 33.29 4.39
C PRO A 612 -8.84 34.06 3.59
N SER A 625 -11.27 42.05 12.82
CA SER A 625 -10.28 42.59 13.74
C SER A 625 -9.32 41.50 14.21
N ILE A 626 -9.74 40.24 14.05
CA ILE A 626 -8.92 39.11 14.46
C ILE A 626 -9.28 37.88 13.63
N MET A 627 -8.47 36.83 13.76
CA MET A 627 -8.67 35.59 13.02
C MET A 627 -10.13 35.12 13.03
N PRO A 628 -10.68 34.84 11.84
CA PRO A 628 -12.07 34.38 11.70
C PRO A 628 -12.31 33.10 12.50
N ARG A 629 -11.22 32.46 12.90
CA ARG A 629 -11.28 31.22 13.67
C ARG A 629 -12.31 31.32 14.79
N ASP A 630 -12.28 32.46 15.49
CA ASP A 630 -13.21 32.70 16.59
C ASP A 630 -14.64 32.69 16.08
N ILE A 631 -14.88 33.44 15.01
CA ILE A 631 -16.21 33.52 14.42
C ILE A 631 -16.78 32.13 14.17
N ALA A 632 -15.90 31.20 13.78
CA ALA A 632 -16.30 29.83 13.52
C ALA A 632 -16.69 29.11 14.79
N LYS A 633 -15.81 29.13 15.79
CA LYS A 633 -16.08 28.47 17.06
C LYS A 633 -17.22 29.15 17.81
N VAL A 634 -17.61 30.33 17.35
CA VAL A 634 -18.68 31.08 17.98
C VAL A 634 -20.02 30.80 17.29
N ILE A 635 -20.01 30.86 15.96
CA ILE A 635 -21.22 30.61 15.19
C ILE A 635 -21.62 29.14 15.28
N GLN A 636 -20.61 28.27 15.42
CA GLN A 636 -20.84 26.84 15.50
C GLN A 636 -21.64 26.50 16.76
N ILE A 637 -21.10 26.84 17.92
CA ILE A 637 -21.76 26.56 19.19
C ILE A 637 -23.04 27.37 19.31
N LEU A 638 -23.20 28.36 18.43
CA LEU A 638 -24.38 29.20 18.43
C LEU A 638 -25.50 28.54 17.63
N LEU A 639 -25.13 27.76 16.62
CA LEU A 639 -26.09 27.07 15.79
C LEU A 639 -26.65 25.85 16.49
N PHE A 640 -25.82 25.20 17.32
CA PHE A 640 -26.25 24.03 18.06
C PHE A 640 -27.47 24.36 18.92
N ARG A 641 -27.59 25.64 19.26
CA ARG A 641 -28.70 26.11 20.08
C ARG A 641 -29.81 26.70 19.21
N ALA A 642 -29.46 27.01 17.96
CA ALA A 642 -30.42 27.59 17.02
C ALA A 642 -31.06 26.54 16.12
N SER A 643 -30.31 26.08 15.13
CA SER A 643 -30.78 25.08 14.18
C SER A 643 -31.44 23.88 14.87
N PRO A 644 -32.52 23.35 14.27
CA PRO A 644 -33.25 22.20 14.81
C PRO A 644 -32.62 20.88 14.37
N ILE A 645 -32.22 20.06 15.34
CA ILE A 645 -31.61 18.77 15.05
C ILE A 645 -32.55 17.62 15.38
N ILE A 646 -33.02 17.57 16.61
CA ILE A 646 -33.91 16.51 17.06
C ILE A 646 -35.36 16.78 16.65
N TYR A 647 -35.75 18.05 16.67
CA TYR A 647 -37.11 18.44 16.30
C TYR A 647 -37.18 18.73 14.80
N ASN A 648 -37.05 17.69 13.99
CA ASN A 648 -37.10 17.84 12.55
C ASN A 648 -37.80 16.64 11.90
N VAL A 649 -37.23 16.10 10.83
CA VAL A 649 -37.81 14.96 10.14
C VAL A 649 -37.83 13.73 11.03
N SER A 650 -37.13 13.79 12.15
CA SER A 650 -37.07 12.68 13.09
C SER A 650 -38.46 12.33 13.60
N ASN A 651 -39.40 13.27 13.47
CA ASN A 651 -40.77 13.06 13.92
C ASN A 651 -41.40 11.86 13.21
N ILE A 652 -41.15 11.73 11.92
CA ILE A 652 -41.70 10.62 11.15
C ILE A 652 -41.16 9.29 11.66
N SER A 653 -39.85 9.23 11.88
CA SER A 653 -39.21 8.01 12.38
C SER A 653 -39.88 7.55 13.66
N VAL A 654 -40.17 8.50 14.55
CA VAL A 654 -40.82 8.19 15.82
C VAL A 654 -42.32 8.08 15.62
N LEU A 655 -42.83 8.74 14.60
CA LEU A 655 -44.26 8.72 14.29
C LEU A 655 -44.65 7.31 13.90
N LEU A 656 -43.78 6.64 13.15
CA LEU A 656 -44.03 5.27 12.70
C LEU A 656 -43.94 4.34 13.90
N ASN A 657 -45.07 3.78 14.31
CA ASN A 657 -45.12 2.86 15.45
C ASN A 657 -44.17 1.69 15.24
N LEU A 658 -42.94 1.86 15.68
CA LEU A 658 -41.92 0.82 15.55
C LEU A 658 -42.24 -0.35 16.48
N SER A 659 -43.28 -0.18 17.28
CA SER A 659 -43.70 -1.21 18.22
C SER A 659 -45.21 -1.42 18.22
N ASN A 660 -45.63 -2.67 18.09
CA ASN A 660 -47.05 -3.00 18.09
C ASN A 660 -47.48 -3.26 19.53
N ASN A 661 -46.55 -3.78 20.33
CA ASN A 661 -46.79 -4.07 21.74
C ASN A 661 -45.44 -4.16 22.46
N SER A 662 -45.50 -4.42 23.76
CA SER A 662 -44.30 -4.54 24.59
C SER A 662 -43.36 -3.34 24.43
N ASP A 663 -42.20 -3.44 25.06
CA ASP A 663 -41.21 -2.37 25.00
C ASP A 663 -41.86 -1.04 25.36
N ALA A 664 -42.42 -0.96 26.56
CA ALA A 664 -43.09 0.24 27.04
C ALA A 664 -42.12 1.35 27.38
N LYS A 665 -40.85 1.00 27.58
CA LYS A 665 -39.83 1.99 27.92
C LYS A 665 -39.43 2.81 26.69
N GLN A 666 -40.12 2.60 25.58
CA GLN A 666 -39.86 3.32 24.35
C GLN A 666 -41.08 4.15 23.96
N LEU A 667 -42.25 3.60 24.21
CA LEU A 667 -43.50 4.28 23.89
C LEU A 667 -43.67 5.52 24.76
N ASP A 668 -43.34 5.40 26.05
CA ASP A 668 -43.45 6.52 26.97
C ASP A 668 -42.54 7.64 26.51
N LEU A 669 -41.41 7.27 25.91
CA LEU A 669 -40.47 8.27 25.40
C LEU A 669 -41.06 8.92 24.16
N LYS A 670 -41.65 8.10 23.29
CA LYS A 670 -42.26 8.60 22.07
C LYS A 670 -43.30 9.65 22.48
N ARG A 671 -43.93 9.41 23.63
CA ARG A 671 -44.93 10.33 24.16
C ARG A 671 -44.20 11.56 24.70
N ARG A 672 -43.29 11.33 25.64
CA ARG A 672 -42.51 12.40 26.25
C ARG A 672 -42.00 13.38 25.21
N ILE A 673 -41.58 12.86 24.06
CA ILE A 673 -41.04 13.69 22.98
C ILE A 673 -42.15 14.37 22.19
N LEU A 674 -42.91 13.59 21.43
CA LEU A 674 -44.00 14.12 20.62
C LEU A 674 -44.98 14.98 21.40
N ASP A 675 -45.34 14.53 22.60
CA ASP A 675 -46.28 15.26 23.45
C ASP A 675 -45.78 16.70 23.65
N ASP A 676 -44.47 16.87 23.71
CA ASP A 676 -43.87 18.18 23.89
C ASP A 676 -43.72 18.89 22.55
N ILE A 677 -43.30 18.13 21.54
CA ILE A 677 -43.11 18.69 20.20
C ILE A 677 -44.42 19.28 19.69
N SER A 678 -45.53 18.76 20.19
CA SER A 678 -46.85 19.24 19.79
C SER A 678 -47.25 20.45 20.62
N LYS A 679 -46.66 20.58 21.81
CA LYS A 679 -46.97 21.70 22.69
C LYS A 679 -46.27 22.98 22.25
N VAL A 680 -45.42 22.88 21.24
CA VAL A 680 -44.70 24.04 20.73
C VAL A 680 -45.70 25.12 20.32
N ASN A 681 -46.77 24.70 19.65
CA ASN A 681 -47.85 25.57 19.17
C ASN A 681 -48.43 25.04 17.86
N PRO A 682 -49.66 24.48 17.92
CA PRO A 682 -50.32 23.95 16.73
C PRO A 682 -50.85 25.06 15.83
N THR A 683 -50.34 26.27 16.04
CA THR A 683 -50.76 27.44 15.27
C THR A 683 -50.54 27.25 13.77
N LEU A 684 -49.50 26.50 13.41
CA LEU A 684 -49.19 26.23 12.02
C LEU A 684 -49.58 24.80 11.67
N PHE A 685 -49.54 23.94 12.68
CA PHE A 685 -49.86 22.53 12.53
C PHE A 685 -51.19 22.26 11.85
N LYS A 686 -52.28 22.67 12.48
CA LYS A 686 -53.63 22.45 11.95
C LYS A 686 -53.95 23.24 10.69
N ASP A 687 -52.91 23.72 9.99
CA ASP A 687 -53.12 24.48 8.77
C ASP A 687 -52.86 23.65 7.52
N GLN A 688 -51.75 22.91 7.52
CA GLN A 688 -51.40 22.08 6.37
C GLN A 688 -52.56 21.17 6.00
N ILE A 689 -53.12 20.48 6.99
CA ILE A 689 -54.24 19.57 6.76
C ILE A 689 -55.40 20.28 6.07
N ARG A 690 -55.68 21.51 6.48
CA ARG A 690 -56.76 22.28 5.90
C ARG A 690 -56.54 22.56 4.43
N THR A 691 -55.30 22.91 4.07
CA THR A 691 -54.96 23.20 2.68
C THR A 691 -54.96 21.91 1.86
N LEU A 692 -54.79 20.79 2.56
CA LEU A 692 -54.78 19.48 1.91
C LEU A 692 -56.20 19.02 1.60
N LYS A 693 -57.15 19.46 2.43
CA LYS A 693 -58.55 19.10 2.26
C LYS A 693 -59.18 19.89 1.12
N LYS B 5 59.53 1.55 -45.77
CA LYS B 5 60.25 0.56 -44.92
C LYS B 5 60.86 1.22 -43.69
N GLY B 6 61.28 2.47 -43.84
CA GLY B 6 61.87 3.20 -42.73
C GLY B 6 60.87 3.49 -41.63
N ALA B 7 61.18 3.05 -40.41
CA ALA B 7 60.31 3.26 -39.26
C ALA B 7 61.13 3.29 -37.97
N VAL B 8 60.51 3.77 -36.89
CA VAL B 8 61.18 3.84 -35.60
C VAL B 8 61.01 2.55 -34.82
N THR B 9 59.85 1.90 -34.98
CA THR B 9 59.56 0.66 -34.27
C THR B 9 59.81 -0.54 -35.19
N LYS B 10 60.11 -1.68 -34.60
CA LYS B 10 60.38 -2.89 -35.36
C LYS B 10 59.96 -4.14 -34.58
N LEU B 11 59.54 -5.17 -35.30
CA LEU B 11 59.12 -6.42 -34.68
C LEU B 11 60.31 -7.11 -34.05
N LYS B 12 60.24 -7.31 -32.73
CA LYS B 12 61.33 -7.95 -32.00
C LYS B 12 61.15 -9.46 -31.90
N PHE B 13 59.98 -9.95 -32.33
CA PHE B 13 59.69 -11.37 -32.29
C PHE B 13 60.13 -12.04 -33.57
N ASN B 14 61.07 -12.97 -33.45
CA ASN B 14 61.59 -13.70 -34.61
C ASN B 14 61.78 -15.18 -34.30
N SER B 15 60.66 -15.85 -34.02
CA SER B 15 60.70 -17.28 -33.71
C SER B 15 59.81 -18.06 -34.69
N PRO B 16 60.20 -19.30 -35.00
CA PRO B 16 59.45 -20.15 -35.93
C PRO B 16 58.07 -20.53 -35.40
N ILE B 17 57.09 -20.59 -36.30
CA ILE B 17 55.72 -20.94 -35.92
C ILE B 17 55.30 -22.24 -36.62
N ILE B 18 55.87 -22.49 -37.79
CA ILE B 18 55.56 -23.70 -38.55
C ILE B 18 56.48 -24.85 -38.15
N SER B 19 55.88 -25.99 -37.83
CA SER B 19 56.64 -27.16 -37.44
C SER B 19 56.96 -28.05 -38.63
N THR B 20 58.25 -28.24 -38.89
CA THR B 20 58.70 -29.06 -40.01
C THR B 20 59.36 -30.34 -39.52
N SER B 21 59.60 -31.27 -40.43
CA SER B 21 60.23 -32.55 -40.10
C SER B 21 61.62 -32.31 -39.50
N ASP B 22 62.31 -31.31 -40.03
CA ASP B 22 63.65 -30.98 -39.56
C ASP B 22 63.61 -30.48 -38.11
N GLN B 23 62.84 -29.41 -37.88
CA GLN B 23 62.71 -28.83 -36.55
C GLN B 23 61.26 -28.86 -36.10
N LEU B 24 60.98 -29.59 -35.03
CA LEU B 24 59.64 -29.70 -34.50
C LEU B 24 59.38 -28.70 -33.37
N ILE B 25 58.15 -28.25 -33.25
CA ILE B 25 57.76 -27.30 -32.21
C ILE B 25 56.63 -27.88 -31.37
N SER B 26 56.89 -28.03 -30.08
CA SER B 26 55.89 -28.57 -29.16
C SER B 26 54.61 -27.75 -29.19
N THR B 27 53.48 -28.41 -28.96
CA THR B 27 52.19 -27.72 -28.96
C THR B 27 52.18 -26.59 -27.94
N ASN B 28 52.66 -26.88 -26.74
CA ASN B 28 52.69 -25.90 -25.67
C ASN B 28 53.62 -24.74 -26.05
N GLU B 29 54.78 -25.07 -26.61
CA GLU B 29 55.74 -24.05 -27.02
C GLU B 29 55.13 -23.14 -28.08
N LEU B 30 54.41 -23.74 -29.03
CA LEU B 30 53.77 -22.99 -30.10
C LEU B 30 52.73 -22.03 -29.51
N LEU B 31 52.11 -22.44 -28.42
CA LEU B 31 51.10 -21.61 -27.76
C LEU B 31 51.74 -20.35 -27.19
N ASP B 32 52.82 -20.53 -26.45
CA ASP B 32 53.53 -19.41 -25.84
C ASP B 32 54.09 -18.46 -26.90
N ARG B 33 54.66 -19.04 -27.96
CA ARG B 33 55.23 -18.25 -29.04
C ARG B 33 54.15 -17.42 -29.73
N LEU B 34 53.03 -18.07 -30.06
CA LEU B 34 51.93 -17.37 -30.70
C LEU B 34 51.37 -16.33 -29.76
N LYS B 35 51.49 -16.60 -28.46
CA LYS B 35 51.00 -15.68 -27.43
C LYS B 35 51.86 -14.42 -27.43
N ALA B 36 53.18 -14.61 -27.48
CA ALA B 36 54.12 -13.50 -27.49
C ALA B 36 53.90 -12.65 -28.75
N LEU B 37 53.76 -13.32 -29.88
CA LEU B 37 53.54 -12.64 -31.15
C LEU B 37 52.27 -11.81 -31.06
N HIS B 38 51.23 -12.39 -30.47
CA HIS B 38 49.95 -11.71 -30.31
C HIS B 38 50.09 -10.46 -29.45
N GLU B 39 50.72 -10.61 -28.30
CA GLU B 39 50.92 -9.50 -27.38
C GLU B 39 51.67 -8.33 -28.01
N GLU B 40 52.72 -8.64 -28.76
CA GLU B 40 53.53 -7.61 -29.41
C GLU B 40 52.80 -6.96 -30.58
N LEU B 41 52.20 -7.77 -31.43
CA LEU B 41 51.47 -7.27 -32.59
C LEU B 41 50.31 -6.39 -32.16
N ALA B 42 49.89 -6.55 -30.90
CA ALA B 42 48.78 -5.78 -30.36
C ALA B 42 49.23 -4.38 -29.92
N SER B 43 50.51 -4.23 -29.64
CA SER B 43 51.06 -2.95 -29.21
C SER B 43 51.69 -2.17 -30.36
N LEU B 44 51.74 -2.79 -31.53
CA LEU B 44 52.32 -2.16 -32.71
C LEU B 44 51.39 -1.09 -33.28
N ASP B 45 51.98 -0.07 -33.91
CA ASP B 45 51.21 1.02 -34.49
C ASP B 45 50.80 0.65 -35.91
N GLN B 46 49.68 1.19 -36.37
CA GLN B 46 49.18 0.90 -37.70
C GLN B 46 49.94 1.65 -38.80
N ASP B 47 50.24 2.92 -38.55
CA ASP B 47 50.96 3.74 -39.51
C ASP B 47 52.46 3.76 -39.26
N ASN B 48 52.84 4.07 -38.02
CA ASN B 48 54.25 4.13 -37.65
C ASN B 48 54.82 2.75 -37.30
N THR B 49 55.23 2.02 -38.33
CA THR B 49 55.80 0.68 -38.15
C THR B 49 56.51 0.21 -39.41
N ASP B 50 57.58 -0.57 -39.23
CA ASP B 50 58.35 -1.09 -40.34
C ASP B 50 57.46 -1.87 -41.31
N LEU B 51 56.73 -2.84 -40.77
CA LEU B 51 55.83 -3.67 -41.56
C LEU B 51 56.59 -4.59 -42.51
N THR B 52 57.80 -4.19 -42.89
CA THR B 52 58.63 -4.99 -43.79
C THR B 52 59.03 -6.31 -43.16
N GLY B 53 59.50 -6.27 -41.92
CA GLY B 53 59.91 -7.48 -41.23
C GLY B 53 58.77 -8.24 -40.60
N LEU B 54 57.59 -8.18 -41.24
CA LEU B 54 56.41 -8.87 -40.73
C LEU B 54 55.89 -9.88 -41.74
N ASP B 55 56.36 -9.77 -42.98
CA ASP B 55 55.94 -10.67 -44.04
C ASP B 55 56.30 -12.11 -43.70
N LYS B 56 57.33 -12.27 -42.88
CA LYS B 56 57.79 -13.59 -42.46
C LYS B 56 56.68 -14.40 -41.80
N TYR B 57 55.77 -13.69 -41.11
CA TYR B 57 54.66 -14.35 -40.43
C TYR B 57 53.36 -14.20 -41.20
N ARG B 58 53.32 -13.26 -42.14
CA ARG B 58 52.13 -13.03 -42.94
C ARG B 58 51.85 -14.25 -43.82
N ASP B 59 52.91 -14.92 -44.25
CA ASP B 59 52.79 -16.10 -45.09
C ASP B 59 52.72 -17.38 -44.26
N ALA B 60 52.98 -17.25 -42.96
CA ALA B 60 52.95 -18.40 -42.07
C ALA B 60 51.61 -18.50 -41.34
N LEU B 61 51.01 -17.36 -41.03
CA LEU B 61 49.74 -17.33 -40.33
C LEU B 61 48.57 -17.67 -41.26
N VAL B 62 48.88 -18.31 -42.38
CA VAL B 62 47.86 -18.69 -43.34
C VAL B 62 47.92 -20.18 -43.64
N SER B 63 48.90 -20.86 -43.06
CA SER B 63 49.07 -22.30 -43.26
C SER B 63 47.92 -23.06 -42.61
N ARG B 64 47.38 -24.04 -43.33
CA ARG B 64 46.27 -24.85 -42.83
C ARG B 64 46.64 -25.51 -41.51
N LYS B 65 47.94 -25.62 -41.25
CA LYS B 65 48.44 -26.23 -40.02
C LYS B 65 48.13 -25.37 -38.80
N LEU B 66 47.89 -24.08 -39.04
CA LEU B 66 47.58 -23.15 -37.95
C LEU B 66 46.10 -22.78 -37.92
N LEU B 67 45.56 -22.37 -39.06
CA LEU B 67 44.17 -21.98 -39.17
C LEU B 67 43.23 -23.07 -38.62
N LYS B 68 43.36 -24.28 -39.17
CA LYS B 68 42.52 -25.39 -38.73
C LYS B 68 43.33 -26.36 -37.86
N HIS B 69 44.01 -25.80 -36.86
CA HIS B 69 44.82 -26.61 -35.94
C HIS B 69 43.93 -27.22 -34.87
N LYS B 70 44.30 -28.43 -34.42
CA LYS B 70 43.53 -29.13 -33.39
C LYS B 70 43.31 -28.27 -32.15
N ASP B 71 44.40 -27.95 -31.45
CA ASP B 71 44.33 -27.15 -30.25
C ASP B 71 43.63 -25.82 -30.52
N VAL B 72 42.56 -25.56 -29.78
CA VAL B 72 41.78 -24.33 -29.94
C VAL B 72 42.63 -23.09 -29.68
N GLY B 73 43.58 -23.20 -28.76
CA GLY B 73 44.44 -22.07 -28.44
C GLY B 73 45.17 -21.55 -29.66
N ILE B 74 45.73 -22.45 -30.45
CA ILE B 74 46.47 -22.07 -31.65
C ILE B 74 45.58 -21.21 -32.54
N ARG B 75 44.40 -21.71 -32.87
CA ARG B 75 43.46 -20.99 -33.72
C ARG B 75 43.05 -19.67 -33.08
N ALA B 76 42.98 -19.66 -31.75
CA ALA B 76 42.61 -18.46 -31.01
C ALA B 76 43.65 -17.36 -31.22
N PHE B 77 44.90 -17.65 -30.85
CA PHE B 77 45.98 -16.70 -31.00
C PHE B 77 46.21 -16.34 -32.46
N THR B 78 46.17 -17.36 -33.32
CA THR B 78 46.36 -17.15 -34.75
C THR B 78 45.34 -16.15 -35.27
N ALA B 79 44.10 -16.26 -34.79
CA ALA B 79 43.04 -15.36 -35.20
C ALA B 79 43.34 -13.96 -34.69
N CYS B 80 43.81 -13.87 -33.46
CA CYS B 80 44.15 -12.60 -32.85
C CYS B 80 45.29 -11.94 -33.59
N CYS B 81 46.21 -12.75 -34.10
CA CYS B 81 47.35 -12.24 -34.85
C CYS B 81 46.88 -11.72 -36.20
N LEU B 82 46.18 -12.58 -36.95
CA LEU B 82 45.67 -12.23 -38.26
C LEU B 82 44.89 -10.91 -38.22
N SER B 83 44.11 -10.72 -37.16
CA SER B 83 43.31 -9.50 -37.01
C SER B 83 44.22 -8.28 -36.96
N ASP B 84 45.42 -8.45 -36.40
CA ASP B 84 46.37 -7.36 -36.29
C ASP B 84 47.05 -7.10 -37.64
N ILE B 85 47.42 -8.18 -38.31
CA ILE B 85 48.07 -8.07 -39.62
C ILE B 85 47.16 -7.33 -40.60
N LEU B 86 45.89 -7.69 -40.58
CA LEU B 86 44.91 -7.06 -41.47
C LEU B 86 44.83 -5.56 -41.16
N ARG B 87 45.14 -5.21 -39.92
CA ARG B 87 45.11 -3.82 -39.47
C ARG B 87 46.35 -3.07 -39.96
N LEU B 88 47.51 -3.65 -39.71
CA LEU B 88 48.78 -3.05 -40.10
C LEU B 88 48.87 -2.83 -41.61
N TYR B 89 48.85 -3.91 -42.37
CA TYR B 89 48.94 -3.84 -43.83
C TYR B 89 47.84 -3.00 -44.45
N ALA B 90 46.73 -2.85 -43.73
CA ALA B 90 45.60 -2.07 -44.23
C ALA B 90 46.04 -0.65 -44.59
N PRO B 91 45.38 -0.03 -45.58
CA PRO B 91 44.27 -0.60 -46.36
C PRO B 91 44.74 -1.36 -47.60
N ASP B 92 46.03 -1.67 -47.65
CA ASP B 92 46.60 -2.38 -48.79
C ASP B 92 45.99 -3.78 -48.96
N ALA B 93 45.95 -4.54 -47.87
CA ALA B 93 45.40 -5.90 -47.90
C ALA B 93 46.16 -6.75 -48.91
N PRO B 94 47.30 -7.31 -48.49
CA PRO B 94 48.14 -8.16 -49.35
C PRO B 94 47.51 -9.52 -49.66
N TYR B 95 46.82 -10.10 -48.67
CA TYR B 95 46.18 -11.39 -48.85
C TYR B 95 45.21 -11.39 -50.02
N THR B 96 44.88 -12.59 -50.50
CA THR B 96 43.95 -12.74 -51.60
C THR B 96 42.58 -13.12 -51.07
N ASP B 97 41.54 -12.94 -51.90
CA ASP B 97 40.18 -13.27 -51.51
C ASP B 97 40.11 -14.69 -50.96
N ALA B 98 40.88 -15.59 -51.56
CA ALA B 98 40.89 -16.98 -51.12
C ALA B 98 41.42 -17.10 -49.71
N GLN B 99 42.65 -16.65 -49.50
CA GLN B 99 43.28 -16.69 -48.18
C GLN B 99 42.45 -15.93 -47.15
N LEU B 100 41.83 -14.84 -47.59
CA LEU B 100 41.02 -14.01 -46.72
C LEU B 100 39.79 -14.76 -46.19
N THR B 101 39.14 -15.51 -47.07
CA THR B 101 37.95 -16.27 -46.68
C THR B 101 38.32 -17.35 -45.66
N ASP B 102 39.45 -18.02 -45.88
CA ASP B 102 39.90 -19.06 -44.97
C ASP B 102 40.15 -18.47 -43.58
N ILE B 103 40.49 -17.18 -43.55
CA ILE B 103 40.75 -16.50 -42.29
C ILE B 103 39.42 -16.14 -41.63
N PHE B 104 38.46 -15.68 -42.42
CA PHE B 104 37.16 -15.32 -41.89
C PHE B 104 36.38 -16.54 -41.42
N LYS B 105 36.58 -17.67 -42.09
CA LYS B 105 35.90 -18.90 -41.70
C LYS B 105 36.46 -19.34 -40.36
N LEU B 106 37.63 -18.83 -40.01
CA LEU B 106 38.29 -19.15 -38.76
C LEU B 106 37.79 -18.21 -37.68
N VAL B 107 37.71 -16.93 -38.00
CA VAL B 107 37.24 -15.93 -37.05
C VAL B 107 35.78 -16.19 -36.69
N LEU B 108 35.02 -16.67 -37.67
CA LEU B 108 33.61 -16.98 -37.44
C LEU B 108 33.52 -18.13 -36.45
N SER B 109 34.48 -19.05 -36.55
CA SER B 109 34.54 -20.19 -35.65
C SER B 109 34.83 -19.69 -34.24
N GLN B 110 35.61 -18.61 -34.17
CA GLN B 110 35.97 -18.02 -32.89
C GLN B 110 34.73 -17.40 -32.25
N PHE B 111 33.95 -16.68 -33.05
CA PHE B 111 32.73 -16.05 -32.56
C PHE B 111 31.77 -17.15 -32.11
N GLU B 112 31.78 -18.26 -32.84
CA GLU B 112 30.93 -19.39 -32.53
C GLU B 112 31.31 -19.99 -31.18
N GLN B 113 32.61 -20.02 -30.91
CA GLN B 113 33.13 -20.56 -29.65
C GLN B 113 32.95 -19.53 -28.54
N LEU B 114 32.91 -18.26 -28.93
CA LEU B 114 32.74 -17.17 -27.99
C LEU B 114 31.37 -17.23 -27.33
N GLY B 115 30.45 -17.93 -27.98
CA GLY B 115 29.10 -18.07 -27.44
C GLY B 115 28.98 -19.27 -26.53
N ASP B 116 29.72 -20.32 -26.83
CA ASP B 116 29.70 -21.53 -26.03
C ASP B 116 30.40 -21.29 -24.70
N GLN B 117 30.29 -22.26 -23.79
CA GLN B 117 30.92 -22.14 -22.48
C GLN B 117 32.41 -21.91 -22.66
N GLU B 118 32.97 -21.03 -21.83
CA GLU B 118 34.39 -20.70 -21.89
C GLU B 118 35.29 -21.89 -22.25
N ASN B 119 36.06 -21.72 -23.33
CA ASN B 119 36.98 -22.76 -23.78
C ASN B 119 38.37 -22.55 -23.21
N GLY B 120 38.52 -21.49 -22.42
CA GLY B 120 39.80 -21.19 -21.80
C GLY B 120 40.52 -20.05 -22.50
N TYR B 121 40.04 -19.67 -23.69
CA TYR B 121 40.66 -18.59 -24.45
C TYR B 121 39.63 -17.53 -24.85
N HIS B 122 38.61 -17.35 -24.02
CA HIS B 122 37.59 -16.35 -24.29
C HIS B 122 38.16 -14.95 -24.33
N ILE B 123 39.25 -14.74 -23.60
CA ILE B 123 39.91 -13.44 -23.56
C ILE B 123 40.39 -13.05 -24.95
N GLN B 124 41.16 -13.94 -25.57
CA GLN B 124 41.68 -13.69 -26.90
C GLN B 124 40.55 -13.50 -27.91
N GLN B 125 39.49 -14.28 -27.74
CA GLN B 125 38.33 -14.20 -28.63
C GLN B 125 37.64 -12.86 -28.45
N THR B 126 37.54 -12.41 -27.19
CA THR B 126 36.91 -11.13 -26.90
C THR B 126 37.74 -10.02 -27.53
N TYR B 127 39.07 -10.15 -27.43
CA TYR B 127 39.98 -9.18 -28.01
C TYR B 127 39.79 -9.15 -29.53
N LEU B 128 39.54 -10.33 -30.10
CA LEU B 128 39.34 -10.46 -31.53
C LEU B 128 38.17 -9.63 -32.00
N ILE B 129 36.97 -10.01 -31.56
CA ILE B 129 35.74 -9.32 -31.94
C ILE B 129 35.82 -7.82 -31.65
N THR B 130 36.46 -7.46 -30.54
CA THR B 130 36.59 -6.07 -30.15
C THR B 130 37.45 -5.28 -31.12
N LYS B 131 38.67 -5.76 -31.35
CA LYS B 131 39.60 -5.08 -32.25
C LYS B 131 39.13 -5.10 -33.70
N LEU B 132 38.48 -6.20 -34.10
CA LEU B 132 37.98 -6.32 -35.47
C LEU B 132 36.96 -5.24 -35.77
N LEU B 133 36.37 -4.68 -34.72
CA LEU B 133 35.37 -3.63 -34.85
C LEU B 133 36.03 -2.26 -34.71
N GLU B 134 36.88 -2.12 -33.71
CA GLU B 134 37.57 -0.87 -33.45
C GLU B 134 38.41 -0.45 -34.66
N TYR B 135 39.11 -1.42 -35.26
CA TYR B 135 39.94 -1.14 -36.43
C TYR B 135 39.16 -1.32 -37.72
N ARG B 136 37.90 -1.71 -37.60
CA ARG B 136 37.04 -1.92 -38.76
C ARG B 136 37.67 -2.84 -39.79
N SER B 137 38.16 -3.99 -39.32
CA SER B 137 38.79 -4.96 -40.21
C SER B 137 37.84 -6.11 -40.53
N ILE B 138 36.63 -6.05 -39.97
CA ILE B 138 35.63 -7.08 -40.19
C ILE B 138 34.89 -6.85 -41.51
N VAL B 139 34.88 -5.61 -41.97
CA VAL B 139 34.21 -5.25 -43.22
C VAL B 139 34.83 -5.92 -44.42
N LEU B 140 36.07 -6.38 -44.26
CA LEU B 140 36.79 -7.06 -45.35
C LEU B 140 36.05 -8.31 -45.80
N LEU B 141 35.19 -8.83 -44.93
CA LEU B 141 34.41 -10.03 -45.23
C LEU B 141 33.35 -9.75 -46.28
N ALA B 142 32.95 -8.49 -46.38
CA ALA B 142 31.93 -8.08 -47.34
C ALA B 142 32.45 -8.07 -48.77
N ASP B 143 33.75 -7.82 -48.94
CA ASP B 143 34.35 -7.78 -50.26
C ASP B 143 34.95 -9.13 -50.64
N LEU B 144 34.10 -10.15 -50.71
CA LEU B 144 34.54 -11.49 -51.06
C LEU B 144 33.52 -12.17 -51.96
N PRO B 145 33.95 -13.18 -52.75
CA PRO B 145 33.07 -13.90 -53.66
C PRO B 145 32.02 -14.75 -52.94
N SER B 146 32.24 -14.98 -51.65
CA SER B 146 31.31 -15.77 -50.85
C SER B 146 30.78 -14.97 -49.67
N SER B 147 30.97 -13.66 -49.71
CA SER B 147 30.52 -12.77 -48.65
C SER B 147 29.08 -13.07 -48.23
N ASN B 148 28.24 -13.40 -49.19
CA ASN B 148 26.84 -13.70 -48.93
C ASN B 148 26.69 -14.82 -47.92
N ASN B 149 27.40 -15.93 -48.15
CA ASN B 149 27.35 -17.07 -47.26
C ASN B 149 27.90 -16.73 -45.88
N LEU B 150 29.10 -16.13 -45.85
CA LEU B 150 29.73 -15.76 -44.59
C LEU B 150 28.84 -14.80 -43.80
N LEU B 151 28.04 -14.02 -44.52
CA LEU B 151 27.14 -13.06 -43.89
C LEU B 151 26.03 -13.81 -43.15
N ILE B 152 25.37 -14.72 -43.86
CA ILE B 152 24.28 -15.50 -43.30
C ILE B 152 24.77 -16.30 -42.09
N GLU B 153 25.98 -16.84 -42.21
CA GLU B 153 26.57 -17.62 -41.13
C GLU B 153 26.90 -16.73 -39.93
N LEU B 154 27.43 -15.55 -40.22
CA LEU B 154 27.78 -14.59 -39.17
C LEU B 154 26.59 -14.30 -38.27
N PHE B 155 25.44 -14.02 -38.88
CA PHE B 155 24.23 -13.73 -38.14
C PHE B 155 23.69 -14.98 -37.45
N HIS B 156 23.80 -16.13 -38.11
CA HIS B 156 23.33 -17.38 -37.54
C HIS B 156 24.08 -17.73 -36.25
N ILE B 157 25.31 -17.24 -36.15
CA ILE B 157 26.14 -17.50 -34.97
C ILE B 157 25.63 -16.72 -33.76
N PHE B 158 25.37 -15.43 -33.95
CA PHE B 158 24.89 -14.59 -32.86
C PHE B 158 23.42 -14.83 -32.53
N TYR B 159 22.60 -14.95 -33.57
CA TYR B 159 21.17 -15.19 -33.38
C TYR B 159 20.89 -16.66 -33.05
N ASP B 160 21.95 -17.40 -32.74
CA ASP B 160 21.83 -18.81 -32.40
C ASP B 160 21.36 -18.98 -30.96
N PRO B 161 20.13 -19.48 -30.76
CA PRO B 161 19.53 -19.68 -29.44
C PRO B 161 20.41 -20.53 -28.51
N ASN B 162 21.11 -21.50 -29.09
CA ASN B 162 21.97 -22.39 -28.32
C ASN B 162 23.24 -21.70 -27.84
N LYS B 163 23.39 -20.42 -28.18
CA LYS B 163 24.56 -19.65 -27.80
C LYS B 163 24.22 -18.63 -26.71
N SER B 164 25.16 -18.45 -25.77
CA SER B 164 24.97 -17.51 -24.67
C SER B 164 26.11 -16.49 -24.62
N PHE B 165 25.95 -15.41 -25.38
CA PHE B 165 26.96 -14.35 -25.42
C PHE B 165 26.82 -13.42 -24.21
N PRO B 166 27.96 -12.93 -23.68
CA PRO B 166 27.97 -12.03 -22.53
C PRO B 166 27.36 -10.68 -22.84
N ALA B 167 26.64 -10.12 -21.88
CA ALA B 167 25.98 -8.82 -22.04
C ALA B 167 26.94 -7.70 -22.40
N ARG B 168 28.19 -7.81 -21.94
CA ARG B 168 29.20 -6.79 -22.20
C ARG B 168 29.71 -6.78 -23.63
N LEU B 169 29.16 -7.64 -24.47
CA LEU B 169 29.57 -7.72 -25.88
C LEU B 169 28.42 -7.39 -26.82
N PHE B 170 27.22 -7.28 -26.26
CA PHE B 170 26.02 -6.96 -27.04
C PHE B 170 26.23 -5.73 -27.92
N ASN B 171 26.72 -4.65 -27.32
CA ASN B 171 26.95 -3.42 -28.05
C ASN B 171 28.00 -3.63 -29.15
N VAL B 172 28.97 -4.50 -28.89
CA VAL B 172 30.02 -4.80 -29.85
C VAL B 172 29.46 -5.67 -30.97
N ILE B 173 28.68 -6.68 -30.60
CA ILE B 173 28.09 -7.59 -31.56
C ILE B 173 27.19 -6.81 -32.53
N GLY B 174 26.49 -5.81 -31.99
CA GLY B 174 25.62 -5.00 -32.82
C GLY B 174 26.43 -4.15 -33.79
N GLY B 175 27.67 -3.88 -33.42
CA GLY B 175 28.54 -3.08 -34.28
C GLY B 175 29.08 -3.90 -35.44
N ILE B 176 29.55 -5.11 -35.13
CA ILE B 176 30.09 -6.00 -36.15
C ILE B 176 29.05 -6.25 -37.23
N LEU B 177 27.93 -6.84 -36.83
CA LEU B 177 26.84 -7.13 -37.76
C LEU B 177 26.35 -5.87 -38.45
N GLY B 178 26.52 -4.73 -37.78
CA GLY B 178 26.08 -3.47 -38.34
C GLY B 178 26.96 -3.00 -39.48
N GLU B 179 28.27 -3.01 -39.27
CA GLU B 179 29.21 -2.57 -40.30
C GLU B 179 29.26 -3.54 -41.48
N VAL B 180 29.27 -4.84 -41.19
CA VAL B 180 29.31 -5.86 -42.22
C VAL B 180 28.13 -5.77 -43.18
N ILE B 181 26.94 -5.53 -42.64
CA ILE B 181 25.73 -5.43 -43.45
C ILE B 181 25.66 -4.09 -44.18
N SER B 182 26.28 -3.07 -43.60
CA SER B 182 26.28 -1.73 -44.19
C SER B 182 27.12 -1.70 -45.47
N GLU B 183 27.80 -2.81 -45.75
CA GLU B 183 28.64 -2.91 -46.94
C GLU B 183 27.94 -3.68 -48.04
N PHE B 184 26.75 -4.21 -47.73
CA PHE B 184 25.98 -4.98 -48.69
C PHE B 184 24.84 -4.17 -49.28
N ASP B 185 24.49 -4.47 -50.53
CA ASP B 185 23.42 -3.78 -51.23
C ASP B 185 22.22 -4.71 -51.34
N SER B 186 22.48 -6.00 -51.53
CA SER B 186 21.43 -7.00 -51.65
C SER B 186 21.63 -8.13 -50.63
N VAL B 187 21.32 -7.84 -49.38
CA VAL B 187 21.46 -8.82 -48.31
C VAL B 187 20.45 -9.95 -48.47
N PRO B 188 20.89 -11.20 -48.30
CA PRO B 188 20.00 -12.35 -48.44
C PRO B 188 18.81 -12.29 -47.46
N LEU B 189 17.63 -12.61 -47.96
CA LEU B 189 16.42 -12.59 -47.15
C LEU B 189 16.62 -13.37 -45.85
N GLU B 190 17.38 -14.46 -45.92
CA GLU B 190 17.64 -15.28 -44.75
C GLU B 190 18.15 -14.44 -43.58
N VAL B 191 18.94 -13.41 -43.89
CA VAL B 191 19.49 -12.53 -42.87
C VAL B 191 18.42 -11.59 -42.34
N LEU B 192 17.58 -11.06 -43.23
CA LEU B 192 16.52 -10.14 -42.84
C LEU B 192 15.50 -10.80 -41.93
N ARG B 193 15.02 -11.98 -42.33
CA ARG B 193 14.03 -12.70 -41.53
C ARG B 193 14.54 -12.94 -40.12
N LEU B 194 15.84 -13.16 -39.98
CA LEU B 194 16.45 -13.40 -38.68
C LEU B 194 16.36 -12.19 -37.77
N ILE B 195 16.73 -11.03 -38.31
CA ILE B 195 16.73 -9.78 -37.55
C ILE B 195 15.32 -9.28 -37.25
N PHE B 196 14.41 -9.42 -38.19
CA PHE B 196 13.04 -8.96 -38.02
C PHE B 196 12.14 -9.90 -37.22
N ASN B 197 12.11 -11.17 -37.60
CA ASN B 197 11.28 -12.14 -36.90
C ASN B 197 11.61 -12.22 -35.42
N LYS B 198 12.70 -11.57 -35.02
CA LYS B 198 13.11 -11.57 -33.62
C LYS B 198 12.20 -10.67 -32.80
N PHE B 199 11.57 -9.70 -33.48
CA PHE B 199 10.66 -8.77 -32.82
C PHE B 199 9.33 -9.45 -32.51
N LEU B 200 9.06 -10.57 -33.18
CA LEU B 200 7.83 -11.31 -32.99
C LEU B 200 8.02 -12.49 -32.03
N THR B 201 9.18 -13.13 -32.11
CA THR B 201 9.49 -14.28 -31.26
C THR B 201 9.90 -13.86 -29.85
N TYR B 202 10.37 -12.63 -29.71
CA TYR B 202 10.80 -12.12 -28.41
C TYR B 202 10.10 -10.81 -28.07
N ASN B 203 9.41 -10.80 -26.93
CA ASN B 203 8.70 -9.62 -26.48
C ASN B 203 9.07 -9.33 -25.03
N PRO B 204 9.74 -8.19 -24.77
CA PRO B 204 10.17 -7.76 -23.44
C PRO B 204 9.12 -7.73 -22.34
N ASN B 205 7.86 -8.00 -22.69
CA ASN B 205 6.80 -7.99 -21.68
C ASN B 205 6.14 -9.35 -21.46
N GLU B 206 6.78 -10.41 -21.93
CA GLU B 206 6.25 -11.76 -21.76
C GLU B 206 7.14 -12.56 -20.82
N ILE B 207 8.36 -12.09 -20.63
CA ILE B 207 9.33 -12.74 -19.77
C ILE B 207 9.30 -12.23 -18.33
N PRO B 208 9.07 -10.91 -18.14
CA PRO B 208 9.02 -10.35 -16.78
C PRO B 208 8.25 -11.20 -15.78
N GLU B 209 8.97 -11.76 -14.80
CA GLU B 209 8.36 -12.61 -13.79
C GLU B 209 9.31 -12.82 -12.61
N GLY B 210 9.97 -11.76 -12.17
CA GLY B 210 10.90 -11.88 -11.07
C GLY B 210 11.77 -10.65 -10.88
N LEU B 211 13.00 -10.72 -11.38
CA LEU B 211 13.94 -9.61 -11.27
C LEU B 211 14.28 -9.04 -12.63
N ASN B 212 13.74 -9.65 -13.69
CA ASN B 212 14.00 -9.21 -15.05
C ASN B 212 15.49 -9.20 -15.37
N VAL B 213 16.23 -10.12 -14.78
CA VAL B 213 17.67 -10.21 -15.01
C VAL B 213 17.93 -10.84 -16.37
N THR B 214 16.88 -11.42 -16.96
CA THR B 214 16.99 -12.08 -18.25
C THR B 214 17.32 -11.07 -19.36
N SER B 215 18.10 -11.52 -20.33
CA SER B 215 18.50 -10.68 -21.45
C SER B 215 18.88 -11.56 -22.65
N ASP B 216 18.63 -11.06 -23.86
CA ASP B 216 18.94 -11.81 -25.06
C ASP B 216 19.75 -10.98 -26.05
N CYS B 217 20.69 -11.63 -26.73
CA CYS B 217 21.54 -10.96 -27.71
C CYS B 217 20.79 -10.68 -29.01
N GLY B 218 20.19 -11.72 -29.57
CA GLY B 218 19.45 -11.58 -30.82
C GLY B 218 18.55 -10.36 -30.88
N TYR B 219 17.76 -10.16 -29.83
CA TYR B 219 16.85 -9.01 -29.78
C TYR B 219 17.60 -7.70 -29.70
N GLU B 220 18.42 -7.54 -28.66
CA GLU B 220 19.19 -6.32 -28.47
C GLU B 220 19.93 -5.93 -29.74
N VAL B 221 20.54 -6.90 -30.40
CA VAL B 221 21.28 -6.65 -31.63
C VAL B 221 20.32 -6.09 -32.69
N SER B 222 19.18 -6.75 -32.86
CA SER B 222 18.20 -6.31 -33.84
C SER B 222 17.85 -4.84 -33.64
N LEU B 223 17.77 -4.43 -32.37
CA LEU B 223 17.45 -3.05 -32.03
C LEU B 223 18.61 -2.12 -32.42
N ILE B 224 19.82 -2.53 -32.07
CA ILE B 224 21.01 -1.74 -32.37
C ILE B 224 21.11 -1.44 -33.86
N LEU B 225 20.86 -2.46 -34.68
CA LEU B 225 20.93 -2.29 -36.13
C LEU B 225 19.76 -1.44 -36.65
N CYS B 226 18.58 -1.66 -36.09
CA CYS B 226 17.39 -0.92 -36.50
C CYS B 226 17.36 0.49 -35.91
N ASP B 227 18.28 0.76 -34.98
CA ASP B 227 18.36 2.07 -34.34
C ASP B 227 19.60 2.83 -34.79
N THR B 228 20.77 2.30 -34.45
CA THR B 228 22.03 2.93 -34.81
C THR B 228 22.22 2.92 -36.33
N TYR B 229 21.73 1.88 -36.98
CA TYR B 229 21.84 1.76 -38.43
C TYR B 229 20.47 1.81 -39.08
N SER B 230 19.58 2.63 -38.54
CA SER B 230 18.23 2.76 -39.05
C SER B 230 18.23 3.19 -40.52
N ASN B 231 19.04 4.19 -40.84
CA ASN B 231 19.13 4.69 -42.21
C ASN B 231 19.69 3.62 -43.14
N ARG B 232 20.23 2.55 -42.56
CA ARG B 232 20.80 1.47 -43.33
C ARG B 232 19.87 0.26 -43.38
N MET B 233 19.06 0.11 -42.34
CA MET B 233 18.12 -1.01 -42.26
C MET B 233 16.80 -0.71 -42.96
N SER B 234 16.33 0.54 -42.84
CA SER B 234 15.08 0.94 -43.46
C SER B 234 15.13 0.61 -44.94
N ARG B 235 16.34 0.67 -45.51
CA ARG B 235 16.57 0.37 -46.91
C ARG B 235 16.26 -1.09 -47.20
N HIS B 236 16.56 -1.95 -46.22
CA HIS B 236 16.33 -3.38 -46.36
C HIS B 236 14.93 -3.77 -45.89
N LEU B 237 14.40 -3.03 -44.92
CA LEU B 237 13.08 -3.31 -44.38
C LEU B 237 12.05 -3.33 -45.51
N THR B 238 12.19 -2.41 -46.44
CA THR B 238 11.30 -2.33 -47.59
C THR B 238 11.49 -3.56 -48.46
N LYS B 239 12.74 -3.96 -48.63
CA LYS B 239 13.08 -5.13 -49.42
C LYS B 239 12.51 -6.40 -48.78
N TYR B 240 12.54 -6.43 -47.46
CA TYR B 240 12.03 -7.58 -46.70
C TYR B 240 10.51 -7.67 -46.86
N TYR B 241 9.81 -6.62 -46.44
CA TYR B 241 8.36 -6.56 -46.52
C TYR B 241 7.86 -6.86 -47.93
N SER B 242 8.61 -6.40 -48.93
CA SER B 242 8.24 -6.62 -50.33
C SER B 242 8.36 -8.07 -50.76
N GLU B 243 9.55 -8.65 -50.55
CA GLU B 243 9.79 -10.04 -50.93
C GLU B 243 8.94 -11.02 -50.15
N ILE B 244 8.79 -10.77 -48.85
CA ILE B 244 7.99 -11.65 -48.00
C ILE B 244 6.61 -11.88 -48.60
N ILE B 245 6.03 -10.83 -49.16
CA ILE B 245 4.71 -10.93 -49.76
C ILE B 245 4.83 -11.62 -51.11
N HIS B 246 5.86 -11.27 -51.86
CA HIS B 246 6.11 -11.86 -53.18
C HIS B 246 6.21 -13.38 -53.06
N GLU B 247 7.00 -13.84 -52.09
CA GLU B 247 7.20 -15.26 -51.86
C GLU B 247 5.90 -15.92 -51.37
N ALA B 248 5.21 -15.23 -50.48
CA ALA B 248 3.96 -15.75 -49.92
C ALA B 248 2.87 -15.82 -50.98
N THR B 249 2.88 -14.84 -51.90
CA THR B 249 1.89 -14.79 -52.97
C THR B 249 2.03 -15.99 -53.91
N ASN B 250 3.22 -16.18 -54.44
CA ASN B 250 3.48 -17.29 -55.35
C ASN B 250 3.93 -18.54 -54.61
N ASP B 251 3.60 -18.61 -53.32
CA ASP B 251 3.96 -19.75 -52.50
C ASP B 251 3.07 -20.95 -52.82
N ASP B 252 2.28 -20.81 -53.88
CA ASP B 252 1.37 -21.87 -54.33
C ASP B 252 0.20 -22.03 -53.36
N ASN B 253 0.48 -21.88 -52.06
CA ASN B 253 -0.55 -21.99 -51.04
C ASN B 253 -1.42 -20.73 -51.05
N ASN B 254 -2.64 -20.88 -51.54
CA ASN B 254 -3.58 -19.76 -51.62
C ASN B 254 -3.90 -19.16 -50.26
N SER B 255 -3.72 -19.94 -49.20
CA SER B 255 -4.00 -19.48 -47.85
C SER B 255 -2.72 -19.17 -47.09
N ARG B 256 -1.67 -18.80 -47.81
CA ARG B 256 -0.39 -18.48 -47.22
C ARG B 256 -0.22 -16.98 -47.07
N LEU B 257 -0.50 -16.26 -48.16
CA LEU B 257 -0.39 -14.81 -48.19
C LEU B 257 -1.04 -14.12 -46.99
N LEU B 258 -2.32 -14.39 -46.78
CA LEU B 258 -3.06 -13.78 -45.68
C LEU B 258 -2.36 -13.97 -44.34
N THR B 259 -2.04 -15.23 -44.02
CA THR B 259 -1.37 -15.54 -42.76
C THR B 259 -0.02 -14.83 -42.65
N VAL B 260 0.54 -14.45 -43.80
CA VAL B 260 1.82 -13.77 -43.84
C VAL B 260 1.68 -12.27 -43.65
N VAL B 261 0.74 -11.66 -44.39
CA VAL B 261 0.51 -10.22 -44.28
C VAL B 261 0.10 -9.83 -42.87
N VAL B 262 -0.60 -10.74 -42.18
CA VAL B 262 -1.03 -10.49 -40.82
C VAL B 262 0.18 -10.36 -39.90
N LYS B 263 1.18 -11.20 -40.14
CA LYS B 263 2.41 -11.17 -39.33
C LYS B 263 3.21 -9.91 -39.63
N LEU B 264 3.33 -9.57 -40.90
CA LEU B 264 4.07 -8.38 -41.32
C LEU B 264 3.51 -7.16 -40.59
N HIS B 265 2.20 -7.11 -40.47
CA HIS B 265 1.54 -6.00 -39.78
C HIS B 265 1.94 -6.02 -38.31
N LYS B 266 2.00 -7.21 -37.74
CA LYS B 266 2.38 -7.36 -36.33
C LYS B 266 3.83 -6.92 -36.17
N LEU B 267 4.63 -7.15 -37.22
CA LEU B 267 6.03 -6.77 -37.22
C LEU B 267 6.12 -5.24 -37.22
N VAL B 268 5.33 -4.62 -38.08
CA VAL B 268 5.29 -3.17 -38.19
C VAL B 268 4.82 -2.58 -36.87
N LEU B 269 3.85 -3.24 -36.24
CA LEU B 269 3.31 -2.79 -34.98
C LEU B 269 4.42 -2.73 -33.93
N ARG B 270 5.19 -3.81 -33.84
CA ARG B 270 6.30 -3.88 -32.89
C ARG B 270 7.37 -2.86 -33.23
N LEU B 271 7.68 -2.73 -34.52
CA LEU B 271 8.69 -1.78 -34.97
C LEU B 271 8.35 -0.36 -34.55
N TRP B 272 7.08 0.01 -34.65
CA TRP B 272 6.64 1.35 -34.28
C TRP B 272 6.71 1.56 -32.77
N GLU B 273 6.61 0.47 -32.02
CA GLU B 273 6.66 0.55 -30.55
C GLU B 273 8.08 0.64 -30.03
N THR B 274 9.05 0.23 -30.84
CA THR B 274 10.45 0.28 -30.45
C THR B 274 11.25 1.27 -31.28
N VAL B 275 10.99 1.28 -32.58
CA VAL B 275 11.67 2.19 -33.50
C VAL B 275 10.71 2.70 -34.57
N PRO B 276 9.81 3.63 -34.19
CA PRO B 276 8.83 4.21 -35.11
C PRO B 276 9.46 5.03 -36.23
N GLU B 277 10.79 5.00 -36.31
CA GLU B 277 11.52 5.75 -37.33
C GLU B 277 11.69 4.92 -38.60
N LEU B 278 11.48 3.61 -38.48
CA LEU B 278 11.61 2.71 -39.62
C LEU B 278 10.26 2.43 -40.29
N ILE B 279 9.18 2.77 -39.59
CA ILE B 279 7.83 2.55 -40.12
C ILE B 279 7.65 3.31 -41.43
N ASN B 280 8.42 4.38 -41.60
CA ASN B 280 8.35 5.20 -42.80
C ASN B 280 8.84 4.42 -44.01
N ALA B 281 9.59 3.35 -43.77
CA ALA B 281 10.13 2.52 -44.83
C ALA B 281 9.06 1.63 -45.47
N VAL B 282 8.06 1.27 -44.69
CA VAL B 282 6.97 0.41 -45.18
C VAL B 282 5.61 1.08 -45.04
N ILE B 283 5.60 2.35 -44.64
CA ILE B 283 4.37 3.10 -44.47
C ILE B 283 3.64 3.24 -45.80
N GLY B 284 4.40 3.15 -46.89
CA GLY B 284 3.83 3.27 -48.22
C GLY B 284 2.97 2.06 -48.59
N PHE B 285 3.52 0.88 -48.37
CA PHE B 285 2.81 -0.36 -48.68
C PHE B 285 1.44 -0.38 -48.01
N ILE B 286 1.43 -0.06 -46.72
CA ILE B 286 0.18 -0.03 -45.96
C ILE B 286 -0.82 0.91 -46.63
N TYR B 287 -0.36 2.12 -46.92
CA TYR B 287 -1.19 3.13 -47.56
C TYR B 287 -1.95 2.55 -48.75
N HIS B 288 -1.26 1.77 -49.57
CA HIS B 288 -1.87 1.16 -50.75
C HIS B 288 -2.72 -0.05 -50.38
N GLU B 289 -2.36 -0.73 -49.29
CA GLU B 289 -3.09 -1.91 -48.85
C GLU B 289 -4.52 -1.55 -48.44
N LEU B 290 -4.67 -0.39 -47.81
CA LEU B 290 -5.99 0.08 -47.38
C LEU B 290 -6.92 0.21 -48.59
N SER B 291 -6.37 0.74 -49.68
CA SER B 291 -7.15 0.94 -50.90
C SER B 291 -6.94 -0.21 -51.88
N SER B 292 -6.72 -1.41 -51.35
CA SER B 292 -6.50 -2.59 -52.17
C SER B 292 -7.83 -3.12 -52.71
N GLU B 293 -7.75 -3.99 -53.71
CA GLU B 293 -8.94 -4.56 -54.32
C GLU B 293 -9.61 -5.57 -53.40
N ASN B 294 -8.80 -6.34 -52.68
CA ASN B 294 -9.32 -7.33 -51.75
C ASN B 294 -9.67 -6.69 -50.41
N GLU B 295 -10.91 -6.87 -49.98
CA GLU B 295 -11.39 -6.31 -48.72
C GLU B 295 -10.63 -6.82 -47.51
N LEU B 296 -10.31 -8.12 -47.51
CA LEU B 296 -9.59 -8.73 -46.40
C LEU B 296 -8.32 -7.94 -46.04
N PHE B 297 -7.52 -7.63 -47.05
CA PHE B 297 -6.29 -6.88 -46.83
C PHE B 297 -6.59 -5.48 -46.28
N ARG B 298 -7.71 -4.92 -46.70
CA ARG B 298 -8.12 -3.60 -46.24
C ARG B 298 -8.37 -3.69 -44.75
N LYS B 299 -9.16 -4.70 -44.37
CA LYS B 299 -9.52 -4.95 -42.98
C LYS B 299 -8.28 -5.04 -42.09
N GLU B 300 -7.36 -5.92 -42.45
CA GLU B 300 -6.13 -6.11 -41.69
C GLU B 300 -5.32 -4.81 -41.62
N ALA B 301 -5.13 -4.18 -42.77
CA ALA B 301 -4.36 -2.95 -42.84
C ALA B 301 -5.02 -1.84 -42.02
N THR B 302 -6.34 -1.80 -42.04
CA THR B 302 -7.10 -0.80 -41.29
C THR B 302 -6.91 -1.00 -39.78
N LYS B 303 -7.10 -2.23 -39.33
CA LYS B 303 -6.96 -2.55 -37.91
C LYS B 303 -5.53 -2.30 -37.45
N LEU B 304 -4.57 -2.52 -38.34
CA LEU B 304 -3.17 -2.31 -38.03
C LEU B 304 -2.94 -0.88 -37.55
N ILE B 305 -3.34 0.09 -38.38
CA ILE B 305 -3.19 1.49 -38.03
C ILE B 305 -3.94 1.79 -36.75
N GLY B 306 -5.04 1.07 -36.53
CA GLY B 306 -5.83 1.27 -35.32
C GLY B 306 -5.07 0.84 -34.09
N GLN B 307 -4.23 -0.18 -34.23
CA GLN B 307 -3.44 -0.69 -33.13
C GLN B 307 -2.28 0.25 -32.85
N ILE B 308 -1.82 0.94 -33.88
CA ILE B 308 -0.72 1.89 -33.75
C ILE B 308 -1.18 3.16 -33.01
N LEU B 309 -2.45 3.50 -33.20
CA LEU B 309 -3.01 4.68 -32.56
C LEU B 309 -3.38 4.42 -31.10
N THR B 310 -3.06 3.22 -30.63
CA THR B 310 -3.34 2.84 -29.26
C THR B 310 -2.05 2.47 -28.53
N SER B 311 -0.96 2.41 -29.29
CA SER B 311 0.35 2.07 -28.74
C SER B 311 1.21 3.32 -28.59
N TYR B 312 1.71 3.54 -27.38
CA TYR B 312 2.56 4.70 -27.10
C TYR B 312 3.82 4.66 -27.94
N SER B 313 4.46 5.82 -28.08
CA SER B 313 5.69 5.93 -28.85
C SER B 313 6.28 7.32 -28.70
N ASP B 314 7.61 7.40 -28.72
CA ASP B 314 8.32 8.67 -28.59
C ASP B 314 7.93 9.60 -29.73
N LEU B 315 7.35 9.02 -30.78
CA LEU B 315 6.92 9.78 -31.95
C LEU B 315 5.41 9.72 -32.10
N ASN B 316 4.84 10.71 -32.78
CA ASN B 316 3.41 10.77 -33.00
C ASN B 316 3.08 10.30 -34.42
N PHE B 317 2.01 9.52 -34.56
CA PHE B 317 1.61 9.00 -35.87
C PHE B 317 0.87 10.02 -36.72
N VAL B 318 -0.28 10.47 -36.23
CA VAL B 318 -1.09 11.44 -36.95
C VAL B 318 -0.29 12.65 -37.42
N SER B 319 0.85 12.89 -36.77
CA SER B 319 1.70 14.02 -37.12
C SER B 319 2.76 13.62 -38.14
N THR B 320 3.37 12.45 -37.93
CA THR B 320 4.40 11.95 -38.82
C THR B 320 3.80 11.42 -40.13
N HIS B 321 2.94 10.42 -40.01
CA HIS B 321 2.30 9.83 -41.18
C HIS B 321 0.83 10.22 -41.26
N SER B 322 0.58 11.52 -41.48
CA SER B 322 -0.78 12.03 -41.57
C SER B 322 -1.44 11.57 -42.86
N ASP B 323 -0.62 11.32 -43.89
CA ASP B 323 -1.12 10.87 -45.18
C ASP B 323 -1.92 9.57 -45.04
N THR B 324 -1.38 8.64 -44.27
CA THR B 324 -2.03 7.36 -44.05
C THR B 324 -3.16 7.48 -43.03
N PHE B 325 -2.96 8.35 -42.04
CA PHE B 325 -3.97 8.56 -41.00
C PHE B 325 -5.28 9.02 -41.63
N LYS B 326 -5.19 9.91 -42.61
CA LYS B 326 -6.37 10.42 -43.29
C LYS B 326 -7.03 9.30 -44.07
N ALA B 327 -6.21 8.40 -44.61
CA ALA B 327 -6.72 7.26 -45.38
C ALA B 327 -7.39 6.26 -44.45
N TRP B 328 -6.91 6.22 -43.21
CA TRP B 328 -7.45 5.32 -42.20
C TRP B 328 -8.90 5.71 -41.89
N ILE B 329 -9.10 6.98 -41.53
CA ILE B 329 -10.42 7.48 -41.21
C ILE B 329 -11.29 7.50 -42.46
N SER B 330 -10.65 7.46 -43.63
CA SER B 330 -11.35 7.48 -44.90
C SER B 330 -12.00 6.13 -45.17
N LYS B 331 -11.93 5.23 -44.20
CA LYS B 331 -12.52 3.90 -44.35
C LYS B 331 -13.94 3.86 -43.79
N ILE B 332 -14.49 5.03 -43.48
CA ILE B 332 -15.84 5.14 -42.95
C ILE B 332 -16.83 5.09 -44.10
N ALA B 333 -16.30 5.01 -45.32
CA ALA B 333 -17.13 4.97 -46.53
C ALA B 333 -16.66 3.83 -47.43
N ASP B 334 -15.96 2.87 -46.85
CA ASP B 334 -15.46 1.72 -47.60
C ASP B 334 -16.63 0.83 -48.01
N ILE B 335 -16.49 0.20 -49.18
CA ILE B 335 -17.53 -0.68 -49.70
C ILE B 335 -17.84 -1.79 -48.71
N SER B 336 -16.84 -2.64 -48.47
CA SER B 336 -16.98 -3.75 -47.54
C SER B 336 -17.36 -3.27 -46.14
N PRO B 337 -18.50 -3.72 -45.62
CA PRO B 337 -18.97 -3.32 -44.29
C PRO B 337 -18.06 -3.85 -43.19
N ASP B 338 -17.34 -4.93 -43.49
CA ASP B 338 -16.42 -5.53 -42.53
C ASP B 338 -15.32 -4.54 -42.18
N VAL B 339 -14.86 -3.80 -43.18
CA VAL B 339 -13.80 -2.82 -42.98
C VAL B 339 -14.31 -1.68 -42.10
N ARG B 340 -15.58 -1.32 -42.31
CA ARG B 340 -16.20 -0.25 -41.54
C ARG B 340 -16.21 -0.61 -40.06
N VAL B 341 -16.78 -1.77 -39.76
CA VAL B 341 -16.88 -2.27 -38.39
C VAL B 341 -15.49 -2.40 -37.78
N GLU B 342 -14.57 -3.05 -38.49
CA GLU B 342 -13.21 -3.26 -38.02
C GLU B 342 -12.59 -1.93 -37.60
N TRP B 343 -13.08 -0.84 -38.18
CA TRP B 343 -12.58 0.49 -37.88
C TRP B 343 -13.21 1.04 -36.60
N THR B 344 -14.53 0.91 -36.52
CA THR B 344 -15.28 1.41 -35.36
C THR B 344 -14.99 0.60 -34.09
N GLU B 345 -14.51 -0.62 -34.26
CA GLU B 345 -14.20 -1.48 -33.11
C GLU B 345 -12.92 -1.10 -32.40
N SER B 346 -12.11 -0.24 -33.04
CA SER B 346 -10.85 0.19 -32.45
C SER B 346 -10.98 1.54 -31.75
N ILE B 347 -11.96 2.33 -32.18
CA ILE B 347 -12.20 3.65 -31.62
C ILE B 347 -12.36 3.64 -30.09
N PRO B 348 -13.19 2.73 -29.56
CA PRO B 348 -13.41 2.64 -28.11
C PRO B 348 -12.12 2.74 -27.29
N GLN B 349 -11.10 2.01 -27.71
CA GLN B 349 -9.83 2.01 -27.00
C GLN B 349 -9.02 3.26 -27.35
N ILE B 350 -9.03 3.62 -28.64
CA ILE B 350 -8.29 4.78 -29.12
C ILE B 350 -8.69 6.06 -28.38
N ILE B 351 -9.98 6.33 -28.31
CA ILE B 351 -10.48 7.53 -27.64
C ILE B 351 -9.86 7.69 -26.25
N ALA B 352 -10.05 6.68 -25.40
CA ALA B 352 -9.50 6.71 -24.05
C ALA B 352 -7.97 6.74 -24.11
N THR B 353 -7.43 6.21 -25.21
CA THR B 353 -5.99 6.15 -25.40
C THR B 353 -5.38 7.53 -25.66
N ARG B 354 -5.87 8.20 -26.68
CA ARG B 354 -5.37 9.52 -27.05
C ARG B 354 -6.46 10.58 -27.17
N GLU B 355 -6.12 11.81 -26.80
CA GLU B 355 -7.05 12.93 -26.87
C GLU B 355 -6.57 13.82 -28.01
N ASP B 356 -5.47 13.41 -28.63
CA ASP B 356 -4.87 14.13 -29.74
C ASP B 356 -5.88 14.36 -30.86
N ILE B 357 -6.72 13.37 -31.11
CA ILE B 357 -7.73 13.47 -32.16
C ILE B 357 -9.12 13.66 -31.56
N SER B 358 -9.79 14.73 -31.95
CA SER B 358 -11.14 15.02 -31.47
C SER B 358 -11.87 15.90 -32.47
N LYS B 359 -11.39 15.90 -33.71
CA LYS B 359 -11.99 16.71 -34.76
C LYS B 359 -12.40 15.81 -35.94
N GLU B 360 -11.52 14.88 -36.30
CA GLU B 360 -11.80 13.96 -37.40
C GLU B 360 -12.75 12.86 -36.94
N LEU B 361 -12.62 12.45 -35.69
CA LEU B 361 -13.47 11.40 -35.12
C LEU B 361 -14.93 11.83 -35.12
N ASN B 362 -15.20 13.02 -34.59
CA ASN B 362 -16.57 13.53 -34.53
C ASN B 362 -17.16 13.69 -35.92
N GLN B 363 -16.30 13.83 -36.93
CA GLN B 363 -16.74 13.98 -38.30
C GLN B 363 -17.05 12.60 -38.91
N ALA B 364 -16.29 11.60 -38.51
CA ALA B 364 -16.47 10.25 -39.01
C ALA B 364 -17.61 9.54 -38.28
N LEU B 365 -17.59 9.60 -36.94
CA LEU B 365 -18.61 8.97 -36.12
C LEU B 365 -20.01 9.42 -36.55
N ALA B 366 -20.14 10.71 -36.85
CA ALA B 366 -21.43 11.26 -37.27
C ALA B 366 -21.91 10.55 -38.52
N LYS B 367 -20.96 10.12 -39.35
CA LYS B 367 -21.27 9.41 -40.59
C LYS B 367 -21.39 7.92 -40.31
N THR B 368 -20.77 7.49 -39.21
CA THR B 368 -20.78 6.08 -38.82
C THR B 368 -22.09 5.71 -38.11
N PHE B 369 -22.73 6.70 -37.50
CA PHE B 369 -23.99 6.49 -36.80
C PHE B 369 -25.19 6.44 -37.73
N ILE B 370 -24.96 6.74 -39.01
CA ILE B 370 -26.04 6.73 -40.00
C ILE B 370 -25.73 5.82 -41.17
N ASP B 371 -24.82 4.87 -40.96
CA ASP B 371 -24.44 3.93 -42.00
C ASP B 371 -25.61 2.99 -42.31
N SER B 372 -25.74 2.63 -43.58
CA SER B 372 -26.83 1.75 -44.03
C SER B 372 -26.83 0.42 -43.29
N ASP B 373 -25.64 -0.12 -43.02
CA ASP B 373 -25.52 -1.39 -42.32
C ASP B 373 -25.67 -1.21 -40.81
N PRO B 374 -26.44 -2.10 -40.17
CA PRO B 374 -26.67 -2.05 -38.72
C PRO B 374 -25.45 -2.43 -37.89
N ARG B 375 -24.67 -3.39 -38.39
CA ARG B 375 -23.47 -3.86 -37.72
C ARG B 375 -22.60 -2.68 -37.25
N VAL B 376 -22.13 -1.90 -38.20
CA VAL B 376 -21.29 -0.74 -37.91
C VAL B 376 -21.97 0.20 -36.94
N ARG B 377 -23.27 0.38 -37.08
CA ARG B 377 -24.04 1.25 -36.20
C ARG B 377 -24.06 0.71 -34.78
N ARG B 378 -24.11 -0.62 -34.65
CA ARG B 378 -24.13 -1.24 -33.34
C ARG B 378 -22.79 -1.03 -32.64
N THR B 379 -21.71 -1.19 -33.40
CA THR B 379 -20.37 -1.00 -32.86
C THR B 379 -20.12 0.48 -32.57
N SER B 380 -20.97 1.33 -33.12
CA SER B 380 -20.86 2.77 -32.93
C SER B 380 -21.39 3.17 -31.56
N VAL B 381 -22.57 2.64 -31.21
CA VAL B 381 -23.19 2.94 -29.92
C VAL B 381 -22.45 2.23 -28.80
N MET B 382 -21.70 1.20 -29.14
CA MET B 382 -20.94 0.44 -28.15
C MET B 382 -19.91 1.32 -27.45
N ILE B 383 -19.53 2.41 -28.12
CA ILE B 383 -18.56 3.35 -27.56
C ILE B 383 -19.03 3.84 -26.21
N PHE B 384 -20.23 4.39 -26.16
CA PHE B 384 -20.81 4.91 -24.92
C PHE B 384 -20.99 3.80 -23.89
N ASN B 385 -20.66 2.57 -24.26
CA ASN B 385 -20.80 1.43 -23.37
C ASN B 385 -19.45 0.92 -22.87
N LYS B 386 -18.43 1.03 -23.70
CA LYS B 386 -17.09 0.55 -23.33
C LYS B 386 -16.23 1.65 -22.71
N VAL B 387 -16.09 2.78 -23.40
CA VAL B 387 -15.28 3.88 -22.89
C VAL B 387 -16.00 4.64 -21.79
N PRO B 388 -15.29 4.96 -20.70
CA PRO B 388 -15.86 5.68 -19.56
C PRO B 388 -16.64 6.94 -19.98
N VAL B 389 -17.64 7.30 -19.18
CA VAL B 389 -18.47 8.46 -19.45
C VAL B 389 -17.65 9.75 -19.51
N THR B 390 -16.65 9.86 -18.65
CA THR B 390 -15.79 11.04 -18.61
C THR B 390 -15.13 11.31 -19.94
N GLU B 391 -14.44 10.30 -20.46
CA GLU B 391 -13.74 10.43 -21.74
C GLU B 391 -14.71 10.75 -22.87
N ILE B 392 -15.96 10.34 -22.72
CA ILE B 392 -16.98 10.59 -23.73
C ILE B 392 -17.30 12.07 -23.88
N TRP B 393 -17.63 12.73 -22.77
CA TRP B 393 -17.97 14.15 -22.79
C TRP B 393 -16.80 15.04 -23.20
N LYS B 394 -15.59 14.61 -22.87
CA LYS B 394 -14.39 15.39 -23.20
C LYS B 394 -14.00 15.24 -24.67
N ASN B 395 -13.77 14.01 -25.10
CA ASN B 395 -13.38 13.73 -26.48
C ASN B 395 -14.46 14.12 -27.48
N ILE B 396 -15.49 13.29 -27.62
CA ILE B 396 -16.58 13.55 -28.54
C ILE B 396 -17.58 14.55 -27.97
N THR B 397 -18.03 15.47 -28.81
CA THR B 397 -19.00 16.48 -28.41
C THR B 397 -19.88 16.91 -29.58
N ASN B 398 -19.80 16.17 -30.68
CA ASN B 398 -20.57 16.48 -31.87
C ASN B 398 -22.07 16.33 -31.62
N LYS B 399 -22.85 17.21 -32.24
CA LYS B 399 -24.30 17.21 -32.11
C LYS B 399 -24.93 15.93 -32.64
N ALA B 400 -24.62 15.60 -33.89
CA ALA B 400 -25.15 14.40 -34.53
C ALA B 400 -24.93 13.12 -33.72
N ILE B 401 -23.78 13.04 -33.06
CA ILE B 401 -23.45 11.87 -32.26
C ILE B 401 -24.53 11.54 -31.24
N TYR B 402 -24.72 12.44 -30.27
CA TYR B 402 -25.72 12.24 -29.22
C TYR B 402 -27.12 12.08 -29.79
N THR B 403 -27.48 12.91 -30.76
CA THR B 403 -28.80 12.86 -31.38
C THR B 403 -29.04 11.49 -32.02
N SER B 404 -28.11 11.07 -32.87
CA SER B 404 -28.22 9.78 -33.55
C SER B 404 -28.32 8.65 -32.54
N LEU B 405 -27.69 8.83 -31.39
CA LEU B 405 -27.71 7.81 -30.34
C LEU B 405 -29.13 7.54 -29.88
N LEU B 406 -29.76 8.55 -29.28
CA LEU B 406 -31.12 8.43 -28.79
C LEU B 406 -32.10 8.22 -29.94
N HIS B 407 -31.66 8.55 -31.15
CA HIS B 407 -32.50 8.41 -32.34
C HIS B 407 -32.68 6.94 -32.73
N LEU B 408 -31.60 6.18 -32.67
CA LEU B 408 -31.63 4.77 -33.02
C LEU B 408 -32.48 3.96 -32.04
N ALA B 409 -33.02 4.65 -31.04
CA ALA B 409 -33.86 4.00 -30.03
C ALA B 409 -35.24 3.67 -30.60
N ARG B 410 -35.67 4.44 -31.59
CA ARG B 410 -36.96 4.21 -32.22
C ARG B 410 -36.83 3.70 -33.65
N GLU B 411 -35.75 2.97 -33.92
CA GLU B 411 -35.51 2.42 -35.25
C GLU B 411 -36.11 1.02 -35.37
N LYS B 412 -36.53 0.67 -36.57
CA LYS B 412 -37.12 -0.64 -36.83
C LYS B 412 -36.22 -1.79 -36.39
N HIS B 413 -34.92 -1.68 -36.70
CA HIS B 413 -33.97 -2.71 -36.34
C HIS B 413 -33.99 -2.96 -34.84
N LYS B 414 -34.11 -4.22 -34.45
CA LYS B 414 -34.17 -4.60 -33.04
C LYS B 414 -32.82 -4.58 -32.33
N GLU B 415 -31.91 -5.43 -32.76
CA GLU B 415 -30.58 -5.52 -32.16
C GLU B 415 -29.98 -4.16 -31.86
N VAL B 416 -30.17 -3.20 -32.78
CA VAL B 416 -29.65 -1.86 -32.59
C VAL B 416 -30.49 -1.13 -31.55
N ARG B 417 -31.81 -1.30 -31.64
CA ARG B 417 -32.76 -0.68 -30.73
C ARG B 417 -32.43 -1.08 -29.28
N GLU B 418 -32.41 -2.39 -29.04
CA GLU B 418 -32.12 -2.93 -27.72
C GLU B 418 -30.87 -2.32 -27.10
N LEU B 419 -29.72 -2.59 -27.71
CA LEU B 419 -28.45 -2.07 -27.23
C LEU B 419 -28.51 -0.57 -26.99
N CYS B 420 -29.16 0.14 -27.91
CA CYS B 420 -29.30 1.59 -27.81
C CYS B 420 -29.95 2.00 -26.49
N ILE B 421 -31.18 1.52 -26.27
CA ILE B 421 -31.92 1.82 -25.06
C ILE B 421 -31.10 1.58 -23.80
N ASN B 422 -30.48 0.40 -23.72
CA ASN B 422 -29.66 0.04 -22.56
C ASN B 422 -28.44 0.95 -22.42
N THR B 423 -27.77 1.22 -23.54
CA THR B 423 -26.59 2.07 -23.54
C THR B 423 -26.91 3.50 -23.09
N MET B 424 -27.75 4.18 -23.86
CA MET B 424 -28.12 5.55 -23.55
C MET B 424 -28.65 5.68 -22.12
N ALA B 425 -29.22 4.61 -21.61
CA ALA B 425 -29.75 4.60 -20.24
C ALA B 425 -28.61 4.45 -19.24
N LYS B 426 -27.77 3.43 -19.45
CA LYS B 426 -26.64 3.18 -18.58
C LYS B 426 -25.74 4.42 -18.59
N PHE B 427 -25.73 5.12 -19.71
CA PHE B 427 -24.94 6.33 -19.86
C PHE B 427 -25.49 7.42 -18.97
N TYR B 428 -26.80 7.61 -19.02
CA TYR B 428 -27.48 8.63 -18.22
C TYR B 428 -27.20 8.44 -16.72
N SER B 429 -27.23 7.20 -16.27
CA SER B 429 -26.98 6.89 -14.87
C SER B 429 -25.61 7.36 -14.43
N ASN B 430 -24.60 7.07 -15.25
CA ASN B 430 -23.23 7.46 -14.95
C ASN B 430 -22.94 8.88 -15.42
N SER B 431 -23.90 9.46 -16.16
CA SER B 431 -23.75 10.81 -16.68
C SER B 431 -24.11 11.87 -15.64
N LEU B 432 -24.54 11.42 -14.46
CA LEU B 432 -24.91 12.34 -13.40
C LEU B 432 -24.35 11.90 -12.05
N ASN B 433 -23.59 10.82 -12.06
CA ASN B 433 -22.97 10.30 -10.83
C ASN B 433 -21.46 10.53 -10.85
N GLU B 434 -20.98 11.15 -11.91
CA GLU B 434 -19.55 11.41 -12.05
C GLU B 434 -19.26 12.78 -12.67
N ILE B 435 -19.78 13.01 -13.87
CA ILE B 435 -19.57 14.28 -14.57
C ILE B 435 -20.51 15.37 -14.06
N GLU B 436 -20.03 16.60 -14.06
CA GLU B 436 -20.82 17.74 -13.60
C GLU B 436 -21.35 18.58 -14.76
N ARG B 437 -21.65 19.84 -14.49
CA ARG B 437 -22.16 20.75 -15.50
C ARG B 437 -21.22 21.95 -15.69
N THR B 438 -21.25 22.54 -16.87
CA THR B 438 -20.41 23.70 -17.18
C THR B 438 -21.18 24.71 -18.00
N TYR B 439 -20.53 25.28 -19.02
CA TYR B 439 -21.16 26.27 -19.88
C TYR B 439 -21.54 25.70 -21.25
N GLN B 440 -20.57 25.05 -21.89
CA GLN B 440 -20.80 24.48 -23.22
C GLN B 440 -21.30 23.03 -23.17
N ASN B 441 -20.91 22.29 -22.14
CA ASN B 441 -21.35 20.90 -22.01
C ASN B 441 -22.85 20.86 -21.75
N LYS B 442 -23.37 21.99 -21.27
CA LYS B 442 -24.80 22.11 -20.97
C LYS B 442 -25.62 21.88 -22.23
N GLU B 443 -25.16 22.41 -23.35
CA GLU B 443 -25.84 22.26 -24.62
C GLU B 443 -26.03 20.78 -24.93
N ILE B 444 -25.21 19.94 -24.29
CA ILE B 444 -25.28 18.50 -24.48
C ILE B 444 -26.26 17.89 -23.49
N TRP B 445 -26.24 18.39 -22.26
CA TRP B 445 -27.14 17.89 -21.22
C TRP B 445 -28.60 17.96 -21.63
N GLU B 446 -28.99 19.05 -22.27
CA GLU B 446 -30.37 19.23 -22.71
C GLU B 446 -30.81 18.05 -23.59
N ILE B 447 -29.83 17.25 -24.01
CA ILE B 447 -30.11 16.09 -24.84
C ILE B 447 -30.06 14.82 -23.99
N ILE B 448 -29.22 14.84 -22.97
CA ILE B 448 -29.09 13.70 -22.06
C ILE B 448 -30.20 13.73 -21.01
N ASP B 449 -30.72 14.91 -20.74
CA ASP B 449 -31.79 15.07 -19.75
C ASP B 449 -33.12 14.61 -20.34
N THR B 450 -33.16 14.44 -21.66
CA THR B 450 -34.38 14.02 -22.34
C THR B 450 -34.43 12.50 -22.44
N ILE B 451 -33.43 11.84 -21.88
CA ILE B 451 -33.37 10.38 -21.92
C ILE B 451 -34.52 9.76 -21.12
N PRO B 452 -34.72 10.22 -19.87
CA PRO B 452 -35.81 9.68 -19.04
C PRO B 452 -37.15 9.69 -19.75
N SER B 453 -37.44 10.79 -20.44
CA SER B 453 -38.70 10.93 -21.16
C SER B 453 -38.79 9.95 -22.33
N THR B 454 -37.78 9.96 -23.19
CA THR B 454 -37.75 9.08 -24.36
C THR B 454 -38.05 7.63 -23.99
N LEU B 455 -37.48 7.17 -22.89
CA LEU B 455 -37.69 5.79 -22.43
C LEU B 455 -39.15 5.53 -22.10
N TYR B 456 -39.73 6.38 -21.26
CA TYR B 456 -41.12 6.22 -20.87
C TYR B 456 -42.07 6.37 -22.07
N ASN B 457 -41.62 7.08 -23.09
CA ASN B 457 -42.42 7.28 -24.28
C ASN B 457 -42.36 6.05 -25.19
N LEU B 458 -41.54 5.08 -24.81
CA LEU B 458 -41.39 3.85 -25.58
C LEU B 458 -42.52 2.88 -25.27
N TYR B 459 -43.05 2.95 -24.05
CA TYR B 459 -44.13 2.08 -23.62
C TYR B 459 -45.34 2.23 -24.54
N TYR B 460 -45.47 3.39 -25.17
CA TYR B 460 -46.58 3.66 -26.07
C TYR B 460 -46.54 2.79 -27.32
N ILE B 461 -45.38 2.22 -27.60
CA ILE B 461 -45.22 1.34 -28.76
C ILE B 461 -45.95 0.04 -28.48
N ASN B 462 -46.21 -0.21 -27.20
CA ASN B 462 -46.91 -1.42 -26.77
C ASN B 462 -46.17 -2.67 -27.22
N ASP B 463 -44.86 -2.56 -27.34
CA ASP B 463 -44.05 -3.71 -27.76
C ASP B 463 -43.70 -4.53 -26.53
N LEU B 464 -44.49 -5.58 -26.29
CA LEU B 464 -44.30 -6.47 -25.15
C LEU B 464 -42.83 -6.71 -24.81
N ASN B 465 -42.00 -6.82 -25.85
CA ASN B 465 -40.57 -7.06 -25.64
C ASN B 465 -39.88 -5.79 -25.16
N ILE B 466 -40.10 -4.69 -25.86
CA ILE B 466 -39.49 -3.41 -25.50
C ILE B 466 -39.87 -3.02 -24.07
N ASN B 467 -41.14 -3.15 -23.74
CA ASN B 467 -41.63 -2.82 -22.41
C ASN B 467 -40.79 -3.49 -21.34
N GLU B 468 -40.70 -4.82 -21.40
CA GLU B 468 -39.91 -5.57 -20.43
C GLU B 468 -38.49 -5.03 -20.33
N GLN B 469 -37.87 -4.77 -21.47
CA GLN B 469 -36.51 -4.25 -21.50
C GLN B 469 -36.44 -2.93 -20.74
N VAL B 470 -37.34 -2.00 -21.08
CA VAL B 470 -37.37 -0.70 -20.43
C VAL B 470 -37.52 -0.86 -18.92
N ASP B 471 -38.45 -1.73 -18.51
CA ASP B 471 -38.68 -1.98 -17.09
C ASP B 471 -37.40 -2.43 -16.40
N SER B 472 -36.70 -3.38 -17.00
CA SER B 472 -35.46 -3.91 -16.44
C SER B 472 -34.37 -2.84 -16.44
N VAL B 473 -34.37 -1.99 -17.47
CA VAL B 473 -33.38 -0.93 -17.59
C VAL B 473 -33.59 0.17 -16.55
N ILE B 474 -34.83 0.65 -16.45
CA ILE B 474 -35.16 1.71 -15.50
C ILE B 474 -34.77 1.35 -14.08
N PHE B 475 -35.29 0.22 -13.59
CA PHE B 475 -35.00 -0.25 -12.24
C PHE B 475 -33.60 -0.83 -12.10
N GLU B 476 -32.69 -0.40 -12.97
CA GLU B 476 -31.31 -0.90 -12.94
C GLU B 476 -30.30 0.23 -13.11
N TYR B 477 -30.71 1.31 -13.76
CA TYR B 477 -29.82 2.44 -13.99
C TYR B 477 -30.47 3.77 -13.60
N LEU B 478 -31.73 3.94 -13.97
CA LEU B 478 -32.46 5.17 -13.66
C LEU B 478 -32.98 5.20 -12.24
N LEU B 479 -33.81 4.21 -11.89
CA LEU B 479 -34.38 4.13 -10.55
C LEU B 479 -33.96 2.86 -9.83
N PRO B 480 -32.70 2.80 -9.36
CA PRO B 480 -32.19 1.63 -8.65
C PRO B 480 -32.75 1.52 -7.23
N PHE B 481 -32.46 0.40 -6.57
CA PHE B 481 -32.93 0.19 -5.20
C PHE B 481 -31.87 0.61 -4.19
N GLU B 482 -30.80 1.22 -4.70
CA GLU B 482 -29.70 1.68 -3.85
C GLU B 482 -29.66 3.21 -3.81
N PRO B 483 -29.12 3.77 -2.71
CA PRO B 483 -28.58 3.06 -1.55
C PRO B 483 -29.57 2.99 -0.40
N ASP B 484 -30.11 4.16 -0.02
CA ASP B 484 -31.06 4.25 1.07
C ASP B 484 -32.24 5.15 0.69
N ASN B 485 -33.30 5.09 1.49
CA ASN B 485 -34.51 5.87 1.26
C ASN B 485 -34.26 7.38 1.29
N ASP B 486 -33.18 7.79 1.96
CA ASP B 486 -32.85 9.21 2.08
C ASP B 486 -32.53 9.93 0.77
N LYS B 487 -31.70 9.33 -0.06
CA LYS B 487 -31.31 9.96 -1.32
C LYS B 487 -32.06 9.50 -2.57
N ARG B 488 -32.75 8.37 -2.49
CA ARG B 488 -33.49 7.86 -3.64
C ARG B 488 -34.38 8.93 -4.26
N VAL B 489 -35.20 9.57 -3.43
CA VAL B 489 -36.11 10.61 -3.88
C VAL B 489 -35.37 11.74 -4.58
N HIS B 490 -34.20 12.10 -4.07
CA HIS B 490 -33.41 13.17 -4.65
C HIS B 490 -33.25 12.97 -6.16
N ARG B 491 -32.60 11.87 -6.55
CA ARG B 491 -32.39 11.57 -7.95
C ARG B 491 -33.69 11.17 -8.65
N LEU B 492 -34.63 10.66 -7.86
CA LEU B 492 -35.93 10.25 -8.40
C LEU B 492 -36.63 11.48 -8.98
N LEU B 493 -36.28 12.65 -8.45
CA LEU B 493 -36.88 13.91 -8.90
C LEU B 493 -36.09 14.48 -10.06
N THR B 494 -34.79 14.19 -10.10
CA THR B 494 -33.92 14.69 -11.16
C THR B 494 -34.20 13.96 -12.46
N VAL B 495 -34.71 12.74 -12.37
CA VAL B 495 -35.02 11.94 -13.54
C VAL B 495 -36.40 12.32 -14.07
N LEU B 496 -37.27 12.79 -13.19
CA LEU B 496 -38.62 13.19 -13.56
C LEU B 496 -38.67 14.69 -13.86
N SER B 497 -37.55 15.37 -13.64
CA SER B 497 -37.46 16.81 -13.88
C SER B 497 -37.88 17.14 -15.30
N HIS B 498 -37.21 16.53 -16.28
CA HIS B 498 -37.52 16.76 -17.68
C HIS B 498 -38.49 15.70 -18.19
N PHE B 499 -39.77 15.90 -17.88
CA PHE B 499 -40.82 14.98 -18.29
C PHE B 499 -41.98 15.69 -18.97
N ASP B 500 -42.37 15.19 -20.14
CA ASP B 500 -43.48 15.77 -20.89
C ASP B 500 -44.79 15.19 -20.36
N LYS B 501 -45.90 15.80 -20.74
CA LYS B 501 -47.22 15.33 -20.29
C LYS B 501 -47.37 13.82 -20.45
N LYS B 502 -46.97 13.30 -21.61
CA LYS B 502 -47.07 11.87 -21.87
C LYS B 502 -46.25 11.10 -20.85
N ALA B 503 -44.95 11.40 -20.80
CA ALA B 503 -44.04 10.74 -19.87
C ALA B 503 -44.67 10.60 -18.49
N PHE B 504 -45.47 11.59 -18.12
CA PHE B 504 -46.15 11.57 -16.82
C PHE B 504 -47.33 10.61 -16.83
N THR B 505 -48.21 10.77 -17.82
CA THR B 505 -49.38 9.91 -17.95
C THR B 505 -48.98 8.45 -17.89
N SER B 506 -47.89 8.10 -18.56
CA SER B 506 -47.40 6.73 -18.58
C SER B 506 -46.75 6.42 -17.23
N PHE B 507 -46.11 7.43 -16.65
CA PHE B 507 -45.46 7.28 -15.35
C PHE B 507 -46.48 6.93 -14.28
N PHE B 508 -47.64 7.59 -14.33
CA PHE B 508 -48.70 7.34 -13.36
C PHE B 508 -49.48 6.08 -13.73
N ALA B 509 -49.70 5.87 -15.02
CA ALA B 509 -50.43 4.70 -15.49
C ALA B 509 -49.71 3.43 -15.03
N PHE B 510 -48.39 3.47 -15.09
CA PHE B 510 -47.57 2.34 -14.67
C PHE B 510 -47.86 2.02 -13.21
N ASN B 511 -48.18 3.05 -12.44
CA ASN B 511 -48.50 2.90 -11.02
C ASN B 511 -49.95 2.47 -10.84
N ALA B 512 -50.84 3.06 -11.63
CA ALA B 512 -52.26 2.73 -11.56
C ALA B 512 -52.44 1.24 -11.83
N ARG B 513 -51.51 0.69 -12.61
CA ARG B 513 -51.53 -0.73 -12.96
C ARG B 513 -50.81 -1.51 -11.87
N GLN B 514 -49.89 -0.84 -11.19
CA GLN B 514 -49.12 -1.45 -10.12
C GLN B 514 -50.03 -1.97 -9.01
N ILE B 515 -51.07 -1.20 -8.69
CA ILE B 515 -52.01 -1.58 -7.65
C ILE B 515 -53.00 -2.64 -8.14
N LYS B 516 -53.22 -2.68 -9.45
CA LYS B 516 -54.14 -3.64 -10.03
C LYS B 516 -53.45 -5.00 -10.15
N ILE B 517 -52.29 -5.01 -10.81
CA ILE B 517 -51.53 -6.25 -10.96
C ILE B 517 -51.28 -6.75 -9.54
N SER B 518 -51.20 -5.81 -8.61
CA SER B 518 -50.98 -6.11 -7.20
C SER B 518 -52.20 -6.84 -6.66
N PHE B 519 -53.38 -6.30 -6.95
CA PHE B 519 -54.63 -6.88 -6.51
C PHE B 519 -54.84 -8.26 -7.14
N ALA B 520 -53.97 -8.60 -8.09
CA ALA B 520 -54.05 -9.88 -8.77
C ALA B 520 -53.04 -10.87 -8.18
N ILE B 521 -51.76 -10.50 -8.19
CA ILE B 521 -50.71 -11.33 -7.65
C ILE B 521 -50.96 -11.66 -6.19
N SER B 522 -51.54 -10.71 -5.46
CA SER B 522 -51.83 -10.92 -4.04
C SER B 522 -52.91 -11.98 -3.90
N LYS B 523 -53.99 -11.82 -4.67
CA LYS B 523 -55.10 -12.78 -4.65
C LYS B 523 -54.64 -14.11 -5.24
N TYR B 524 -53.70 -14.02 -6.17
CA TYR B 524 -53.15 -15.21 -6.82
C TYR B 524 -52.93 -16.34 -5.83
N ILE B 525 -52.05 -16.10 -4.86
CA ILE B 525 -51.75 -17.10 -3.83
C ILE B 525 -52.99 -17.38 -3.00
N ASP B 526 -53.78 -16.34 -2.77
CA ASP B 526 -55.00 -16.46 -1.98
C ASP B 526 -55.95 -17.49 -2.60
N PHE B 527 -55.82 -17.69 -3.90
CA PHE B 527 -56.66 -18.65 -4.60
C PHE B 527 -56.00 -20.02 -4.67
N SER B 528 -54.68 -20.04 -4.51
CA SER B 528 -53.91 -21.27 -4.57
C SER B 528 -54.00 -22.09 -3.28
N LYS B 529 -54.33 -21.43 -2.18
CA LYS B 529 -54.44 -22.10 -0.89
C LYS B 529 -55.53 -23.17 -0.87
N PHE B 530 -56.31 -23.23 -1.94
CA PHE B 530 -57.39 -24.22 -2.02
C PHE B 530 -56.83 -25.64 -1.98
N ILE B 544 -67.72 -23.34 -6.94
CA ILE B 544 -68.33 -22.31 -7.78
C ILE B 544 -67.30 -21.26 -8.20
N VAL B 545 -66.37 -20.97 -7.30
CA VAL B 545 -65.33 -19.98 -7.56
C VAL B 545 -64.12 -20.67 -8.19
N MET B 546 -64.06 -21.99 -8.06
CA MET B 546 -62.98 -22.78 -8.60
C MET B 546 -62.82 -22.51 -10.10
N ASN B 547 -63.91 -22.08 -10.73
CA ASN B 547 -63.91 -21.78 -12.15
C ASN B 547 -63.57 -20.32 -12.41
N LYS B 548 -63.79 -19.49 -11.40
CA LYS B 548 -63.51 -18.06 -11.52
C LYS B 548 -62.00 -17.85 -11.36
N TYR B 549 -61.41 -18.62 -10.44
CA TYR B 549 -59.98 -18.55 -10.20
C TYR B 549 -59.25 -18.86 -11.50
N ASN B 550 -59.82 -19.77 -12.27
CA ASN B 550 -59.25 -20.19 -13.55
C ASN B 550 -59.36 -19.03 -14.55
N GLN B 551 -60.39 -18.21 -14.37
CA GLN B 551 -60.62 -17.07 -15.25
C GLN B 551 -59.72 -15.90 -14.87
N THR B 552 -59.48 -15.75 -13.57
CA THR B 552 -58.64 -14.68 -13.07
C THR B 552 -57.16 -14.98 -13.28
N LEU B 553 -56.80 -16.26 -13.23
CA LEU B 553 -55.42 -16.68 -13.42
C LEU B 553 -54.98 -16.38 -14.85
N GLN B 554 -55.82 -16.72 -15.81
CA GLN B 554 -55.51 -16.47 -17.21
C GLN B 554 -55.59 -14.97 -17.50
N TRP B 555 -56.32 -14.26 -16.64
CA TRP B 555 -56.49 -12.82 -16.77
C TRP B 555 -55.23 -12.06 -16.37
N LEU B 556 -54.72 -12.34 -15.18
CA LEU B 556 -53.53 -11.66 -14.67
C LEU B 556 -52.35 -11.78 -15.62
N ALA B 557 -52.39 -12.77 -16.50
CA ALA B 557 -51.31 -13.00 -17.47
C ALA B 557 -51.72 -12.45 -18.83
N SER B 558 -52.74 -11.60 -18.84
CA SER B 558 -53.23 -11.00 -20.07
C SER B 558 -52.39 -9.81 -20.51
N GLY B 559 -51.89 -9.04 -19.54
CA GLY B 559 -51.09 -7.88 -19.86
C GLY B 559 -49.62 -8.19 -20.02
N LEU B 560 -49.27 -9.47 -19.99
CA LEU B 560 -47.88 -9.89 -20.12
C LEU B 560 -47.57 -10.30 -21.55
N SER B 561 -46.29 -10.22 -21.92
CA SER B 561 -45.86 -10.58 -23.26
C SER B 561 -46.11 -12.06 -23.53
N ASP B 562 -45.51 -12.91 -22.70
CA ASP B 562 -45.65 -14.36 -22.84
C ASP B 562 -46.53 -14.90 -21.72
N SER B 563 -47.84 -14.91 -21.95
CA SER B 563 -48.79 -15.40 -20.97
C SER B 563 -48.60 -16.89 -20.69
N THR B 564 -48.10 -17.62 -21.67
CA THR B 564 -47.88 -19.05 -21.52
C THR B 564 -46.81 -19.34 -20.47
N LYS B 565 -46.02 -18.34 -20.14
CA LYS B 565 -44.96 -18.48 -19.14
C LYS B 565 -45.47 -18.05 -17.77
N ALA B 566 -46.52 -17.24 -17.77
CA ALA B 566 -47.11 -16.75 -16.53
C ALA B 566 -47.98 -17.81 -15.89
N ILE B 567 -48.85 -18.42 -16.71
CA ILE B 567 -49.75 -19.46 -16.23
C ILE B 567 -48.94 -20.62 -15.65
N ASP B 568 -47.74 -20.82 -16.16
CA ASP B 568 -46.86 -21.88 -15.69
C ASP B 568 -46.04 -21.40 -14.49
N ALA B 569 -45.51 -20.19 -14.60
CA ALA B 569 -44.71 -19.61 -13.52
C ALA B 569 -45.52 -19.62 -12.22
N LEU B 570 -46.84 -19.55 -12.36
CA LEU B 570 -47.73 -19.56 -11.21
C LEU B 570 -47.97 -21.00 -10.76
N GLU B 571 -48.33 -21.85 -11.70
CA GLU B 571 -48.59 -23.25 -11.41
C GLU B 571 -47.38 -23.90 -10.74
N THR B 572 -46.20 -23.33 -10.95
CA THR B 572 -44.98 -23.85 -10.36
C THR B 572 -44.84 -23.43 -8.90
N ILE B 573 -45.05 -22.14 -8.63
CA ILE B 573 -44.95 -21.64 -7.26
C ILE B 573 -46.17 -22.05 -6.45
N LYS B 574 -47.19 -22.55 -7.13
CA LYS B 574 -48.41 -23.01 -6.47
C LYS B 574 -48.23 -24.48 -6.12
N GLN B 575 -47.33 -25.13 -6.86
CA GLN B 575 -47.04 -26.54 -6.66
C GLN B 575 -46.79 -26.84 -5.19
N PHE B 576 -46.22 -25.87 -4.47
CA PHE B 576 -45.94 -26.03 -3.05
C PHE B 576 -47.24 -26.06 -2.27
N ASN B 577 -47.96 -24.93 -2.28
CA ASN B 577 -49.23 -24.81 -1.58
C ASN B 577 -49.11 -25.29 -0.14
N ARG B 580 -43.74 -19.85 2.90
CA ARG B 580 -43.03 -18.60 3.14
C ARG B 580 -43.14 -17.67 1.94
N ILE B 581 -42.74 -18.17 0.77
CA ILE B 581 -42.79 -17.39 -0.45
C ILE B 581 -44.12 -16.68 -0.61
N PHE B 582 -45.19 -17.32 -0.16
CA PHE B 582 -46.53 -16.75 -0.24
C PHE B 582 -46.65 -15.45 0.55
N TYR B 583 -45.83 -15.33 1.59
CA TYR B 583 -45.84 -14.14 2.44
C TYR B 583 -45.07 -13.00 1.77
N LEU B 584 -43.86 -13.31 1.31
CA LEU B 584 -43.01 -12.31 0.65
C LEU B 584 -43.76 -11.65 -0.50
N LEU B 585 -44.33 -12.47 -1.37
CA LEU B 585 -45.07 -11.97 -2.53
C LEU B 585 -46.20 -11.06 -2.06
N ASN B 586 -46.84 -11.44 -0.96
CA ASN B 586 -47.94 -10.66 -0.40
C ASN B 586 -47.41 -9.36 0.23
N ALA B 587 -46.24 -9.47 0.87
CA ALA B 587 -45.63 -8.31 1.52
C ALA B 587 -45.18 -7.30 0.47
N CYS B 588 -44.70 -7.80 -0.66
CA CYS B 588 -44.24 -6.94 -1.75
C CYS B 588 -45.38 -6.65 -2.72
N VAL B 589 -46.61 -6.63 -2.21
CA VAL B 589 -47.75 -6.38 -3.07
C VAL B 589 -48.91 -5.68 -2.34
N THR B 590 -49.01 -5.92 -1.03
CA THR B 590 -50.08 -5.31 -0.23
C THR B 590 -50.08 -3.78 -0.28
N ASN B 591 -49.03 -3.20 -0.88
CA ASN B 591 -48.91 -1.76 -0.98
C ASN B 591 -48.73 -1.14 0.40
N ASP B 592 -47.95 -0.05 0.47
CA ASP B 592 -47.70 0.65 1.72
C ASP B 592 -46.87 -0.20 2.69
N ILE B 593 -45.73 -0.70 2.21
CA ILE B 593 -44.85 -1.52 3.04
C ILE B 593 -43.49 -0.84 3.15
N PRO B 594 -42.92 -0.78 4.37
CA PRO B 594 -41.62 -0.15 4.57
C PRO B 594 -40.60 -0.61 3.53
N PHE B 595 -40.20 0.30 2.65
CA PHE B 595 -39.25 -0.01 1.59
C PHE B 595 -38.07 -0.83 2.09
N LEU B 596 -37.76 -0.70 3.37
CA LEU B 596 -36.65 -1.43 3.97
C LEU B 596 -36.87 -2.95 3.83
N THR B 597 -37.98 -3.43 4.39
CA THR B 597 -38.28 -4.85 4.33
C THR B 597 -38.48 -5.33 2.89
N PHE B 598 -38.86 -4.41 2.01
CA PHE B 598 -39.07 -4.74 0.60
C PHE B 598 -37.84 -5.45 0.05
N LYS B 599 -36.71 -4.75 0.04
CA LYS B 599 -35.45 -5.30 -0.44
C LYS B 599 -35.19 -6.67 0.16
N ASN B 600 -35.39 -6.77 1.47
CA ASN B 600 -35.18 -8.01 2.21
C ASN B 600 -35.94 -9.18 1.63
N CYS B 601 -37.27 -9.14 1.74
CA CYS B 601 -38.12 -10.21 1.23
C CYS B 601 -38.05 -10.37 -0.29
N TYR B 602 -37.67 -9.30 -0.98
CA TYR B 602 -37.56 -9.34 -2.44
C TYR B 602 -36.29 -10.04 -2.89
N ASN B 603 -35.14 -9.55 -2.46
CA ASN B 603 -33.85 -10.10 -2.83
C ASN B 603 -33.73 -11.59 -2.47
N GLU B 604 -34.27 -11.97 -1.33
CA GLU B 604 -34.20 -13.37 -0.89
C GLU B 604 -35.21 -14.24 -1.61
N LEU B 605 -36.27 -13.62 -2.14
CA LEU B 605 -37.30 -14.35 -2.86
C LEU B 605 -36.76 -14.90 -4.17
N VAL B 606 -36.04 -14.05 -4.90
CA VAL B 606 -35.46 -14.44 -6.18
C VAL B 606 -34.23 -15.32 -5.99
N SER B 607 -33.43 -14.99 -4.99
CA SER B 607 -32.20 -15.74 -4.70
C SER B 607 -32.46 -17.25 -4.63
N LYS B 608 -33.50 -17.65 -3.89
CA LYS B 608 -33.83 -19.06 -3.75
C LYS B 608 -34.65 -19.57 -4.93
N LEU B 609 -35.43 -18.69 -5.55
CA LEU B 609 -36.26 -19.07 -6.68
C LEU B 609 -35.41 -19.32 -7.93
N GLN B 610 -34.23 -18.71 -7.98
CA GLN B 610 -33.33 -18.88 -9.11
C GLN B 610 -32.80 -20.31 -9.17
N THR B 611 -32.05 -20.70 -8.14
CA THR B 611 -31.47 -22.04 -8.07
C THR B 611 -31.68 -22.65 -6.69
N ASP B 630 -34.32 -19.48 -14.19
CA ASP B 630 -35.27 -19.59 -15.29
C ASP B 630 -36.56 -18.82 -14.98
N ILE B 631 -37.26 -19.27 -13.94
CA ILE B 631 -38.52 -18.64 -13.54
C ILE B 631 -38.27 -17.25 -12.96
N ALA B 632 -37.04 -17.03 -12.50
CA ALA B 632 -36.67 -15.74 -11.91
C ALA B 632 -36.92 -14.57 -12.86
N LYS B 633 -36.51 -14.73 -14.12
CA LYS B 633 -36.69 -13.68 -15.12
C LYS B 633 -38.17 -13.41 -15.41
N VAL B 634 -39.04 -14.23 -14.83
CA VAL B 634 -40.48 -14.05 -15.02
C VAL B 634 -41.14 -13.27 -13.90
N ILE B 635 -40.94 -13.71 -12.67
CA ILE B 635 -41.54 -13.05 -11.51
C ILE B 635 -40.99 -11.65 -11.27
N GLN B 636 -39.81 -11.36 -11.79
CA GLN B 636 -39.20 -10.05 -11.61
C GLN B 636 -39.94 -8.97 -12.40
N ILE B 637 -40.03 -9.15 -13.71
CA ILE B 637 -40.71 -8.19 -14.57
C ILE B 637 -42.16 -7.99 -14.13
N LEU B 638 -42.69 -8.94 -13.37
CA LEU B 638 -44.06 -8.87 -12.89
C LEU B 638 -44.11 -8.00 -11.62
N LEU B 639 -43.10 -8.14 -10.78
CA LEU B 639 -43.03 -7.37 -9.54
C LEU B 639 -42.84 -5.89 -9.83
N PHE B 640 -41.98 -5.58 -10.79
CA PHE B 640 -41.73 -4.19 -11.14
C PHE B 640 -43.03 -3.49 -11.49
N ARG B 641 -44.01 -4.28 -11.95
CA ARG B 641 -45.31 -3.74 -12.32
C ARG B 641 -46.36 -4.05 -11.26
N ALA B 642 -46.02 -4.94 -10.33
CA ALA B 642 -46.96 -5.31 -9.26
C ALA B 642 -46.61 -4.68 -7.93
N SER B 643 -45.34 -4.76 -7.54
CA SER B 643 -44.89 -4.18 -6.28
C SER B 643 -44.74 -2.67 -6.36
N PRO B 644 -45.03 -1.97 -5.25
CA PRO B 644 -44.92 -0.51 -5.18
C PRO B 644 -43.51 -0.05 -4.82
N ILE B 645 -42.91 0.75 -5.69
CA ILE B 645 -41.55 1.26 -5.47
C ILE B 645 -41.58 2.76 -5.20
N ILE B 646 -41.89 3.53 -6.24
CA ILE B 646 -41.94 4.98 -6.14
C ILE B 646 -43.08 5.44 -5.23
N TYR B 647 -44.22 4.76 -5.34
CA TYR B 647 -45.39 5.09 -4.53
C TYR B 647 -45.45 4.20 -3.30
N ASN B 648 -44.54 4.44 -2.36
CA ASN B 648 -44.50 3.65 -1.13
C ASN B 648 -44.36 4.57 0.08
N VAL B 649 -43.38 4.30 0.94
CA VAL B 649 -43.14 5.10 2.13
C VAL B 649 -42.41 6.39 1.79
N SER B 650 -42.22 6.64 0.51
CA SER B 650 -41.55 7.85 0.05
C SER B 650 -42.44 9.07 0.22
N ASN B 651 -43.74 8.84 0.28
CA ASN B 651 -44.71 9.91 0.44
C ASN B 651 -44.40 10.78 1.66
N ILE B 652 -44.27 10.14 2.82
CA ILE B 652 -43.99 10.86 4.05
C ILE B 652 -42.69 11.68 3.93
N SER B 653 -41.85 11.30 2.98
CA SER B 653 -40.59 11.99 2.75
C SER B 653 -40.77 13.11 1.74
N VAL B 654 -41.66 12.89 0.78
CA VAL B 654 -41.95 13.88 -0.25
C VAL B 654 -42.78 15.01 0.33
N LEU B 655 -43.52 14.71 1.39
CA LEU B 655 -44.36 15.70 2.06
C LEU B 655 -43.52 16.76 2.78
N LEU B 656 -42.44 16.31 3.42
CA LEU B 656 -41.56 17.21 4.15
C LEU B 656 -40.57 17.91 3.23
N ASN B 657 -40.67 19.24 3.17
CA ASN B 657 -39.78 20.04 2.34
C ASN B 657 -39.09 21.11 3.18
N LEU B 658 -38.40 22.03 2.50
CA LEU B 658 -37.70 23.11 3.18
C LEU B 658 -38.53 24.40 3.09
N SER B 659 -39.45 24.42 2.14
CA SER B 659 -40.32 25.59 1.94
C SER B 659 -41.47 25.25 1.00
N SER B 662 -37.05 24.34 -1.09
CA SER B 662 -37.27 25.77 -1.13
C SER B 662 -37.13 26.30 -2.55
N ASP B 663 -36.44 25.55 -3.39
CA ASP B 663 -36.22 25.94 -4.79
C ASP B 663 -37.56 26.07 -5.50
N ALA B 664 -37.79 27.22 -6.13
CA ALA B 664 -39.03 27.47 -6.83
C ALA B 664 -39.23 26.53 -8.02
N LYS B 665 -38.14 25.93 -8.48
CA LYS B 665 -38.20 25.00 -9.61
C LYS B 665 -38.52 23.58 -9.14
N GLN B 666 -38.63 23.40 -7.83
CA GLN B 666 -38.93 22.09 -7.26
C GLN B 666 -40.30 22.08 -6.58
N LEU B 667 -40.64 23.20 -5.94
CA LEU B 667 -41.91 23.31 -5.25
C LEU B 667 -43.10 23.16 -6.20
N ASP B 668 -42.99 23.77 -7.38
CA ASP B 668 -44.06 23.71 -8.37
C ASP B 668 -44.18 22.28 -8.91
N LEU B 669 -43.06 21.56 -8.96
CA LEU B 669 -43.07 20.18 -9.45
C LEU B 669 -43.62 19.25 -8.38
N LYS B 670 -43.45 19.63 -7.12
CA LYS B 670 -43.94 18.84 -6.00
C LYS B 670 -45.44 18.59 -6.18
N ARG B 671 -46.19 19.68 -6.24
CA ARG B 671 -47.64 19.59 -6.41
C ARG B 671 -47.95 18.72 -7.61
N ARG B 672 -47.18 18.90 -8.68
CA ARG B 672 -47.36 18.12 -9.90
C ARG B 672 -47.35 16.64 -9.60
N ILE B 673 -46.55 16.25 -8.61
CA ILE B 673 -46.43 14.84 -8.23
C ILE B 673 -47.52 14.44 -7.24
N LEU B 674 -47.56 15.12 -6.09
CA LEU B 674 -48.54 14.83 -5.06
C LEU B 674 -49.98 14.94 -5.57
N ASP B 675 -50.21 15.85 -6.52
CA ASP B 675 -51.54 16.04 -7.08
C ASP B 675 -52.06 14.73 -7.66
N ASP B 676 -51.14 13.90 -8.15
CA ASP B 676 -51.51 12.61 -8.73
C ASP B 676 -51.48 11.53 -7.64
N ILE B 677 -50.51 11.63 -6.75
CA ILE B 677 -50.37 10.67 -5.65
C ILE B 677 -51.67 10.64 -4.85
N SER B 678 -52.43 11.72 -4.93
CA SER B 678 -53.69 11.84 -4.23
C SER B 678 -54.80 11.16 -5.02
N LYS B 679 -54.62 11.09 -6.33
CA LYS B 679 -55.59 10.47 -7.21
C LYS B 679 -55.42 8.95 -7.24
N VAL B 680 -54.17 8.51 -7.17
CA VAL B 680 -53.86 7.08 -7.18
C VAL B 680 -54.30 6.42 -5.87
N ASN B 681 -54.24 7.18 -4.78
CA ASN B 681 -54.62 6.68 -3.47
C ASN B 681 -55.19 7.80 -2.61
N PRO B 682 -56.53 7.95 -2.61
CA PRO B 682 -57.20 8.99 -1.82
C PRO B 682 -57.14 8.73 -0.32
N THR B 683 -56.61 7.57 0.06
CA THR B 683 -56.47 7.20 1.46
C THR B 683 -55.22 7.87 2.05
N LEU B 684 -54.93 9.07 1.56
CA LEU B 684 -53.76 9.82 2.00
C LEU B 684 -53.74 10.15 3.49
N PHE B 685 -53.90 11.43 3.80
CA PHE B 685 -53.88 11.92 5.17
C PHE B 685 -55.08 11.49 6.01
N LYS B 686 -55.02 10.28 6.55
CA LYS B 686 -56.09 9.76 7.38
C LYS B 686 -55.50 9.08 8.61
N ASP B 687 -54.19 8.85 8.58
CA ASP B 687 -53.49 8.21 9.68
C ASP B 687 -52.90 9.27 10.61
N GLN B 688 -52.25 10.27 10.03
CA GLN B 688 -51.63 11.34 10.80
C GLN B 688 -52.71 12.13 11.55
N ILE B 689 -53.53 12.84 10.80
CA ILE B 689 -54.61 13.66 11.36
C ILE B 689 -55.25 13.03 12.59
N ARG B 690 -55.55 11.74 12.52
CA ARG B 690 -56.16 11.03 13.63
C ARG B 690 -55.22 10.94 14.83
N THR B 691 -54.00 10.45 14.61
CA THR B 691 -53.02 10.33 15.68
C THR B 691 -52.72 11.73 16.19
N LEU B 692 -53.06 12.72 15.38
CA LEU B 692 -52.85 14.12 15.72
C LEU B 692 -54.08 14.65 16.44
N LYS B 693 -55.20 13.97 16.24
CA LYS B 693 -56.46 14.33 16.87
C LYS B 693 -56.48 13.83 18.31
N THR B 694 -55.70 12.78 18.56
CA THR B 694 -55.61 12.18 19.89
C THR B 694 -54.75 13.05 20.80
N ILE B 695 -53.59 13.47 20.31
CA ILE B 695 -52.69 14.30 21.09
C ILE B 695 -53.34 15.63 21.46
N ILE B 696 -54.37 16.01 20.70
CA ILE B 696 -55.10 17.25 20.96
C ILE B 696 -56.12 17.00 22.07
N LYS B 697 -56.62 15.77 22.13
CA LYS B 697 -57.60 15.38 23.14
C LYS B 697 -56.93 15.24 24.50
N ASP B 698 -55.80 14.55 24.53
CA ASP B 698 -55.06 14.34 25.77
C ASP B 698 -54.63 15.68 26.37
N LEU B 699 -54.58 16.70 25.52
CA LEU B 699 -54.19 18.03 25.97
C LEU B 699 -55.22 18.60 26.94
#